data_1YBJ
#
_entry.id   1YBJ
#
_entity_poly.entity_id   1
_entity_poly.type   'polypeptide(L)'
_entity_poly.pdbx_seq_one_letter_code
;AFSVNYDSSFGGYSIHDYLGQWASTFGDVNHTNGNVTDANSGGFYGGSLSGSQYAISSTANQVTAFVAGGNLTYTLFNEP
AHTLYGQLDSLSFGDGLSGGDTSPYSIQVPDVSFGGLNLSSLQAQGHDGVVHQVVYGLMSGDTGALETALNGILDDYGLS
VNSTFDQVAAATAVGVQH
;
_entity_poly.pdbx_strand_id   A
#
# COMPACT_ATOMS: atom_id res chain seq x y z
N ALA A 1 -16.60 1.95 -0.17
CA ALA A 1 -16.22 1.68 1.23
C ALA A 1 -14.74 1.98 1.46
N PHE A 2 -14.22 2.99 0.78
CA PHE A 2 -12.83 3.38 0.91
C PHE A 2 -12.62 4.23 2.15
N SER A 3 -11.39 4.29 2.63
CA SER A 3 -11.01 5.15 3.74
C SER A 3 -9.51 5.11 3.96
N VAL A 4 -9.03 6.08 4.74
CA VAL A 4 -7.65 6.07 5.20
C VAL A 4 -7.57 5.33 6.51
N ASN A 5 -6.71 4.35 6.54
CA ASN A 5 -6.60 3.52 7.72
C ASN A 5 -5.39 3.93 8.53
N TYR A 6 -5.31 5.20 8.77
CA TYR A 6 -4.27 5.74 9.62
C TYR A 6 -4.59 5.41 11.06
N ASP A 7 -3.58 5.21 11.87
CA ASP A 7 -3.80 5.08 13.31
C ASP A 7 -4.37 6.40 13.81
N SER A 8 -5.68 6.38 14.12
CA SER A 8 -6.42 7.54 14.66
C SER A 8 -5.60 8.33 15.66
N SER A 9 -4.74 9.17 15.11
CA SER A 9 -3.89 10.07 15.85
C SER A 9 -3.17 10.96 14.83
N PHE A 10 -2.96 10.42 13.63
CA PHE A 10 -2.30 11.14 12.55
C PHE A 10 -3.32 11.81 11.64
N GLY A 11 -4.57 11.92 12.09
CA GLY A 11 -5.66 12.39 11.24
C GLY A 11 -5.59 13.89 10.96
N GLY A 12 -4.57 14.28 10.21
CA GLY A 12 -4.37 15.67 9.88
C GLY A 12 -3.33 15.84 8.78
N TYR A 13 -2.92 14.72 8.20
CA TYR A 13 -2.00 14.73 7.08
C TYR A 13 -2.73 14.75 5.77
N SER A 14 -2.15 15.39 4.78
CA SER A 14 -2.55 15.13 3.42
C SER A 14 -2.01 13.76 3.08
N ILE A 15 -2.81 12.89 2.49
CA ILE A 15 -2.40 11.52 2.25
C ILE A 15 -1.00 11.46 1.64
N HIS A 16 -0.80 12.20 0.55
CA HIS A 16 0.48 12.23 -0.15
C HIS A 16 1.60 12.75 0.74
N ASP A 17 1.25 13.53 1.75
CA ASP A 17 2.23 14.17 2.64
C ASP A 17 2.80 13.17 3.63
N TYR A 18 1.93 12.37 4.24
CA TYR A 18 2.39 11.37 5.19
C TYR A 18 3.11 10.26 4.47
N LEU A 19 2.56 9.84 3.34
CA LEU A 19 3.15 8.75 2.57
C LEU A 19 4.60 9.09 2.22
N GLY A 20 4.85 10.36 1.88
CA GLY A 20 6.19 10.85 1.66
C GLY A 20 7.06 10.66 2.89
N GLN A 21 6.50 10.97 4.06
CA GLN A 21 7.19 10.80 5.32
C GLN A 21 7.54 9.34 5.56
N TRP A 22 6.64 8.45 5.18
CA TRP A 22 6.89 7.02 5.25
C TRP A 22 8.09 6.66 4.40
N ALA A 23 8.12 7.18 3.17
CA ALA A 23 9.22 6.94 2.26
C ALA A 23 10.52 7.55 2.77
N SER A 24 10.40 8.62 3.58
CA SER A 24 11.54 9.24 4.21
C SER A 24 12.32 8.22 5.04
N THR A 25 11.60 7.59 5.97
CA THR A 25 12.17 6.54 6.79
C THR A 25 12.54 5.31 5.96
N PHE A 26 11.78 5.07 4.90
CA PHE A 26 12.00 3.92 4.03
C PHE A 26 13.37 4.00 3.36
N GLY A 27 13.70 5.17 2.83
CA GLY A 27 14.95 5.36 2.12
C GLY A 27 16.18 5.27 3.00
N ASP A 28 16.02 5.66 4.27
CA ASP A 28 17.15 5.72 5.19
C ASP A 28 17.56 4.32 5.66
N VAL A 29 18.72 3.87 5.17
CA VAL A 29 19.19 2.51 5.42
C VAL A 29 19.49 2.23 6.89
N ASN A 30 19.87 3.25 7.65
CA ASN A 30 20.31 3.06 9.02
C ASN A 30 19.17 3.28 10.01
N HIS A 31 17.98 3.56 9.48
CA HIS A 31 16.80 3.73 10.31
C HIS A 31 16.40 2.41 10.95
N THR A 32 16.59 2.32 12.26
CA THR A 32 16.11 1.18 13.02
C THR A 32 14.85 1.54 13.79
N ASN A 33 14.35 0.59 14.57
CA ASN A 33 13.16 0.83 15.38
C ASN A 33 13.16 -0.11 16.58
N GLY A 34 13.13 0.47 17.76
CA GLY A 34 13.17 -0.31 18.99
C GLY A 34 11.91 -1.13 19.22
N ASN A 35 10.90 -0.91 18.38
CA ASN A 35 9.63 -1.61 18.53
C ASN A 35 9.59 -2.77 17.57
N VAL A 36 10.61 -2.85 16.73
CA VAL A 36 10.69 -3.84 15.68
C VAL A 36 11.63 -4.97 16.06
N THR A 37 11.06 -6.16 16.22
CA THR A 37 11.79 -7.34 16.60
C THR A 37 12.09 -8.23 15.40
N ASP A 38 11.05 -8.89 14.92
CA ASP A 38 11.15 -9.88 13.87
C ASP A 38 11.58 -9.23 12.56
N ALA A 39 10.79 -8.25 12.11
CA ALA A 39 11.08 -7.51 10.88
C ALA A 39 11.06 -8.42 9.67
N ASN A 40 9.86 -8.81 9.31
CA ASN A 40 9.63 -9.69 8.18
C ASN A 40 9.57 -8.88 6.89
N SER A 41 10.23 -9.38 5.86
CA SER A 41 10.36 -8.69 4.58
C SER A 41 9.08 -8.75 3.77
N GLY A 42 8.42 -9.90 3.78
CA GLY A 42 7.19 -10.04 3.05
C GLY A 42 7.21 -11.19 2.07
N GLY A 43 6.92 -10.91 0.80
CA GLY A 43 6.89 -11.94 -0.20
C GLY A 43 5.62 -12.77 -0.15
N PHE A 44 4.49 -12.10 -0.32
CA PHE A 44 3.18 -12.74 -0.35
C PHE A 44 2.85 -13.48 0.95
N TYR A 45 1.68 -14.12 0.97
CA TYR A 45 1.22 -14.92 2.09
C TYR A 45 0.48 -16.15 1.58
N GLY A 46 -0.68 -15.94 0.98
CA GLY A 46 -1.44 -17.03 0.43
C GLY A 46 -1.12 -17.28 -1.03
N GLY A 47 0.15 -17.51 -1.32
CA GLY A 47 0.56 -17.78 -2.68
C GLY A 47 2.07 -17.73 -2.86
N SER A 48 2.55 -18.40 -3.89
CA SER A 48 3.98 -18.39 -4.21
C SER A 48 4.32 -17.13 -4.99
N LEU A 49 3.32 -16.63 -5.72
CA LEU A 49 3.49 -15.53 -6.65
C LEU A 49 2.16 -14.83 -6.81
N SER A 50 1.11 -15.62 -6.89
CA SER A 50 -0.24 -15.09 -6.96
C SER A 50 -1.02 -15.51 -5.74
N GLY A 51 -1.95 -14.67 -5.31
CA GLY A 51 -2.75 -15.00 -4.15
C GLY A 51 -3.47 -13.80 -3.57
N SER A 52 -3.47 -13.71 -2.26
CA SER A 52 -4.22 -12.68 -1.56
C SER A 52 -3.37 -11.45 -1.23
N GLN A 53 -2.29 -11.66 -0.51
CA GLN A 53 -1.54 -10.56 0.08
C GLN A 53 -0.13 -10.45 -0.50
N TYR A 54 0.40 -9.22 -0.48
CA TYR A 54 1.74 -8.95 -0.97
C TYR A 54 2.43 -7.86 -0.15
N ALA A 55 3.20 -8.29 0.85
CA ALA A 55 3.90 -7.38 1.74
C ALA A 55 5.34 -7.13 1.28
N ILE A 56 5.86 -5.95 1.61
CA ILE A 56 7.20 -5.54 1.24
C ILE A 56 7.82 -4.67 2.32
N SER A 57 9.00 -5.01 2.72
CA SER A 57 9.75 -4.20 3.66
C SER A 57 10.97 -3.60 2.98
N SER A 58 11.34 -2.40 3.41
CA SER A 58 12.41 -1.62 2.80
C SER A 58 13.65 -2.46 2.53
N THR A 59 14.04 -2.60 1.28
CA THR A 59 15.26 -3.31 0.93
C THR A 59 16.48 -2.57 1.47
N ALA A 60 16.28 -1.33 1.89
CA ALA A 60 17.33 -0.50 2.45
C ALA A 60 17.59 -0.83 3.92
N ASN A 61 16.57 -0.67 4.76
CA ASN A 61 16.73 -0.81 6.21
C ASN A 61 15.92 -1.98 6.75
N GLN A 62 15.22 -2.64 5.84
CA GLN A 62 14.27 -3.71 6.12
C GLN A 62 13.49 -3.57 7.43
N VAL A 63 13.05 -2.35 7.69
CA VAL A 63 12.07 -2.11 8.72
C VAL A 63 10.85 -1.42 8.11
N THR A 64 11.05 -0.30 7.43
CA THR A 64 9.95 0.47 6.86
C THR A 64 9.22 -0.36 5.80
N ALA A 65 8.06 -0.89 6.16
CA ALA A 65 7.40 -1.87 5.33
C ALA A 65 6.06 -1.37 4.77
N PHE A 66 5.39 -2.28 4.06
CA PHE A 66 4.15 -1.99 3.39
C PHE A 66 3.40 -3.31 3.12
N VAL A 67 2.21 -3.43 3.66
CA VAL A 67 1.39 -4.62 3.48
C VAL A 67 0.30 -4.37 2.46
N ALA A 68 0.44 -4.99 1.30
CA ALA A 68 -0.56 -4.90 0.27
C ALA A 68 -1.49 -6.11 0.30
N GLY A 69 -2.73 -5.94 -0.13
CA GLY A 69 -3.67 -7.05 -0.17
C GLY A 69 -4.80 -6.85 -1.16
N GLY A 70 -5.16 -7.92 -1.87
CA GLY A 70 -6.24 -7.83 -2.83
C GLY A 70 -6.59 -9.19 -3.42
N ASN A 71 -6.41 -9.33 -4.73
CA ASN A 71 -6.72 -10.58 -5.42
C ASN A 71 -5.72 -10.75 -6.57
N LEU A 72 -4.51 -11.09 -6.19
CA LEU A 72 -3.35 -10.99 -7.07
C LEU A 72 -3.18 -12.19 -7.98
N THR A 73 -2.41 -11.96 -9.03
CA THR A 73 -2.04 -13.01 -9.96
C THR A 73 -0.73 -12.62 -10.66
N TYR A 74 0.28 -13.47 -10.52
CA TYR A 74 1.58 -13.21 -11.11
C TYR A 74 1.69 -13.90 -12.47
N THR A 75 1.85 -13.10 -13.50
CA THR A 75 1.79 -13.54 -14.88
C THR A 75 3.09 -14.17 -15.42
N LEU A 76 3.72 -15.10 -14.71
CA LEU A 76 4.96 -15.68 -15.25
C LEU A 76 4.74 -16.38 -16.57
N PHE A 77 3.84 -17.35 -16.58
CA PHE A 77 3.58 -18.09 -17.80
C PHE A 77 2.47 -17.40 -18.59
N ASN A 78 2.01 -16.28 -18.04
CA ASN A 78 0.86 -15.58 -18.61
C ASN A 78 1.26 -14.56 -19.66
N GLU A 79 0.26 -13.89 -20.23
CA GLU A 79 0.43 -12.98 -21.37
C GLU A 79 1.49 -11.90 -21.16
N PRO A 80 1.30 -10.91 -20.24
CA PRO A 80 2.29 -9.83 -20.02
C PRO A 80 3.68 -10.36 -19.66
N ALA A 81 3.71 -11.53 -19.03
CA ALA A 81 4.95 -12.25 -18.72
C ALA A 81 5.73 -11.59 -17.59
N HIS A 82 5.84 -12.33 -16.49
CA HIS A 82 6.57 -11.91 -15.30
C HIS A 82 6.08 -10.55 -14.81
N THR A 83 4.78 -10.43 -14.64
CA THR A 83 4.16 -9.17 -14.30
C THR A 83 3.13 -9.40 -13.19
N LEU A 84 2.49 -8.34 -12.74
CA LEU A 84 1.49 -8.44 -11.68
C LEU A 84 0.18 -7.83 -12.12
N TYR A 85 -0.92 -8.45 -11.74
CA TYR A 85 -2.24 -7.87 -11.92
C TYR A 85 -3.18 -8.44 -10.85
N GLY A 86 -4.47 -8.37 -11.09
CA GLY A 86 -5.42 -8.79 -10.09
C GLY A 86 -6.01 -7.63 -9.33
N GLN A 87 -6.60 -7.92 -8.19
CA GLN A 87 -7.33 -6.93 -7.43
C GLN A 87 -6.46 -6.28 -6.37
N LEU A 88 -6.98 -5.19 -5.87
CA LEU A 88 -6.35 -4.41 -4.82
C LEU A 88 -7.41 -3.62 -4.09
N ASP A 89 -7.36 -3.65 -2.78
CA ASP A 89 -8.33 -2.92 -1.97
C ASP A 89 -7.64 -2.13 -0.89
N SER A 90 -6.70 -2.78 -0.24
CA SER A 90 -6.09 -2.20 0.95
C SER A 90 -4.56 -2.25 0.93
N LEU A 91 -3.97 -1.12 1.29
CA LEU A 91 -2.55 -1.02 1.55
C LEU A 91 -2.36 -0.86 3.05
N SER A 92 -1.13 -0.84 3.51
CA SER A 92 -0.88 -0.71 4.94
C SER A 92 0.59 -0.39 5.20
N PHE A 93 0.89 0.86 5.51
CA PHE A 93 2.26 1.28 5.71
C PHE A 93 2.60 1.25 7.20
N GLY A 94 3.83 0.90 7.53
CA GLY A 94 4.24 0.93 8.91
C GLY A 94 5.67 0.42 9.07
N ASP A 95 6.23 0.58 10.26
CA ASP A 95 7.59 0.14 10.53
C ASP A 95 7.61 -1.28 11.11
N GLY A 96 8.18 -2.20 10.36
CA GLY A 96 8.47 -3.53 10.85
C GLY A 96 7.31 -4.49 10.75
N LEU A 97 7.38 -5.43 9.82
CA LEU A 97 6.37 -6.47 9.73
C LEU A 97 6.74 -7.62 10.65
N SER A 98 5.73 -8.35 11.02
CA SER A 98 5.89 -9.53 11.82
C SER A 98 4.85 -10.57 11.43
N GLY A 99 4.98 -11.76 12.00
CA GLY A 99 4.16 -12.86 11.60
C GLY A 99 4.85 -13.69 10.55
N GLY A 100 4.20 -13.89 9.42
CA GLY A 100 4.81 -14.60 8.31
C GLY A 100 5.26 -16.00 8.68
N ASP A 101 4.37 -16.74 9.31
CA ASP A 101 4.65 -18.10 9.72
C ASP A 101 3.38 -18.92 9.60
N THR A 102 2.45 -18.62 10.47
CA THR A 102 1.13 -19.21 10.43
C THR A 102 0.09 -18.12 10.33
N SER A 103 0.55 -16.89 10.48
CA SER A 103 -0.29 -15.72 10.32
C SER A 103 0.27 -14.81 9.24
N PRO A 104 -0.61 -14.01 8.62
CA PRO A 104 -0.23 -13.06 7.59
C PRO A 104 0.61 -11.92 8.16
N TYR A 105 1.32 -11.22 7.29
CA TYR A 105 2.18 -10.14 7.74
C TYR A 105 1.37 -8.98 8.26
N SER A 106 1.87 -8.38 9.31
CA SER A 106 1.22 -7.27 9.96
C SER A 106 2.29 -6.40 10.59
N ILE A 107 2.03 -5.11 10.63
CA ILE A 107 3.02 -4.17 11.09
C ILE A 107 3.08 -4.15 12.62
N GLN A 108 4.29 -4.27 13.13
CA GLN A 108 4.54 -4.19 14.56
C GLN A 108 4.18 -2.80 15.07
N VAL A 109 4.59 -1.78 14.33
CA VAL A 109 4.14 -0.41 14.61
C VAL A 109 3.21 0.05 13.49
N PRO A 110 1.94 -0.33 13.59
CA PRO A 110 0.93 -0.08 12.55
C PRO A 110 0.64 1.41 12.37
N ASP A 111 1.05 1.95 11.23
CA ASP A 111 0.80 3.34 10.91
C ASP A 111 -0.32 3.47 9.89
N VAL A 112 -0.26 4.51 9.06
CA VAL A 112 -1.30 4.76 8.07
C VAL A 112 -1.44 3.61 7.10
N SER A 113 -2.65 3.35 6.71
CA SER A 113 -2.98 2.26 5.82
C SER A 113 -4.05 2.70 4.84
N PHE A 114 -4.43 1.83 3.96
CA PHE A 114 -5.44 2.15 2.96
C PHE A 114 -6.44 1.00 2.85
N GLY A 115 -7.67 1.32 2.54
CA GLY A 115 -8.67 0.27 2.37
C GLY A 115 -9.89 0.77 1.63
N GLY A 116 -10.43 -0.05 0.75
CA GLY A 116 -11.63 0.32 0.03
C GLY A 116 -11.35 0.83 -1.37
N LEU A 117 -10.12 0.64 -1.85
CA LEU A 117 -9.75 1.07 -3.19
C LEU A 117 -10.65 0.40 -4.21
N ASN A 118 -10.76 -0.92 -4.10
CA ASN A 118 -11.54 -1.73 -5.03
C ASN A 118 -11.04 -1.51 -6.47
N LEU A 119 -9.75 -1.67 -6.66
CA LEU A 119 -9.14 -1.51 -7.96
C LEU A 119 -8.58 -2.85 -8.45
N SER A 120 -9.21 -3.41 -9.47
CA SER A 120 -8.73 -4.66 -10.04
C SER A 120 -8.27 -4.44 -11.48
N SER A 121 -7.08 -4.92 -11.81
CA SER A 121 -6.53 -4.76 -13.14
C SER A 121 -6.77 -6.02 -13.97
N LEU A 122 -6.97 -5.85 -15.27
CA LEU A 122 -7.20 -6.96 -16.18
C LEU A 122 -5.91 -7.73 -16.47
N GLN A 123 -6.05 -8.87 -17.13
CA GLN A 123 -4.93 -9.77 -17.42
C GLN A 123 -3.73 -9.05 -18.03
N ALA A 124 -3.96 -8.34 -19.12
CA ALA A 124 -2.87 -7.73 -19.88
C ALA A 124 -2.43 -6.40 -19.29
N GLN A 125 -2.93 -6.09 -18.10
CA GLN A 125 -2.48 -4.92 -17.38
C GLN A 125 -1.16 -5.21 -16.69
N GLY A 126 -0.13 -5.38 -17.50
CA GLY A 126 1.17 -5.76 -17.00
C GLY A 126 1.76 -4.76 -16.03
N HIS A 127 2.71 -3.96 -16.49
CA HIS A 127 3.34 -2.96 -15.63
C HIS A 127 2.48 -1.69 -15.58
N ASP A 128 1.54 -1.59 -16.50
CA ASP A 128 0.70 -0.40 -16.60
C ASP A 128 -0.52 -0.52 -15.70
N GLY A 129 -0.83 -1.76 -15.31
CA GLY A 129 -1.90 -1.98 -14.37
C GLY A 129 -1.58 -1.38 -13.02
N VAL A 130 -2.43 -0.46 -12.55
CA VAL A 130 -2.15 0.31 -11.33
C VAL A 130 -1.75 -0.54 -10.14
N VAL A 131 -2.26 -1.77 -10.04
CA VAL A 131 -1.90 -2.63 -8.92
C VAL A 131 -0.41 -2.98 -8.98
N HIS A 132 0.08 -3.26 -10.18
CA HIS A 132 1.49 -3.52 -10.41
C HIS A 132 2.31 -2.28 -10.12
N GLN A 133 1.75 -1.13 -10.48
CA GLN A 133 2.42 0.14 -10.32
C GLN A 133 2.61 0.47 -8.86
N VAL A 134 1.49 0.51 -8.15
CA VAL A 134 1.49 0.91 -6.75
C VAL A 134 2.38 0.00 -5.90
N VAL A 135 2.38 -1.29 -6.17
CA VAL A 135 3.15 -2.23 -5.38
C VAL A 135 4.65 -2.00 -5.58
N TYR A 136 5.09 -1.94 -6.83
CA TYR A 136 6.50 -1.73 -7.12
C TYR A 136 6.92 -0.31 -6.76
N GLY A 137 5.97 0.62 -6.82
CA GLY A 137 6.21 1.95 -6.31
C GLY A 137 6.50 1.91 -4.83
N LEU A 138 5.55 1.35 -4.08
CA LEU A 138 5.69 1.15 -2.64
C LEU A 138 7.02 0.49 -2.29
N MET A 139 7.30 -0.61 -2.98
CA MET A 139 8.53 -1.37 -2.79
C MET A 139 9.78 -0.52 -2.94
N SER A 140 9.72 0.46 -3.81
CA SER A 140 10.85 1.34 -4.08
C SER A 140 10.79 2.62 -3.23
N GLY A 141 9.70 2.79 -2.50
CA GLY A 141 9.54 3.98 -1.68
C GLY A 141 8.85 5.11 -2.42
N ASP A 142 8.08 4.75 -3.45
CA ASP A 142 7.35 5.74 -4.24
C ASP A 142 5.86 5.66 -3.95
N THR A 143 5.24 6.81 -3.78
CA THR A 143 3.80 6.88 -3.58
C THR A 143 3.13 7.66 -4.71
N GLY A 144 3.91 7.94 -5.75
CA GLY A 144 3.43 8.73 -6.88
C GLY A 144 2.44 7.97 -7.74
N ALA A 145 2.45 6.66 -7.62
CA ALA A 145 1.48 5.84 -8.33
C ALA A 145 0.25 5.60 -7.46
N LEU A 146 0.47 5.45 -6.16
CA LEU A 146 -0.63 5.20 -5.24
C LEU A 146 -1.52 6.43 -5.16
N GLU A 147 -0.92 7.61 -5.16
CA GLU A 147 -1.66 8.86 -5.10
C GLU A 147 -2.66 8.96 -6.25
N THR A 148 -2.28 8.42 -7.41
CA THR A 148 -3.12 8.50 -8.58
C THR A 148 -4.25 7.47 -8.49
N ALA A 149 -3.93 6.33 -7.91
CA ALA A 149 -4.94 5.29 -7.64
C ALA A 149 -5.94 5.78 -6.61
N LEU A 150 -5.42 6.39 -5.55
CA LEU A 150 -6.24 6.98 -4.50
C LEU A 150 -7.23 7.99 -5.06
N ASN A 151 -6.74 8.80 -6.00
CA ASN A 151 -7.58 9.78 -6.70
C ASN A 151 -8.81 9.14 -7.34
N GLY A 152 -8.86 7.82 -7.38
CA GLY A 152 -9.95 7.14 -8.03
C GLY A 152 -11.22 7.25 -7.23
N ILE A 153 -11.10 7.12 -5.91
CA ILE A 153 -12.23 7.27 -5.04
C ILE A 153 -12.44 8.74 -4.70
N LEU A 154 -11.36 9.43 -4.33
CA LEU A 154 -11.44 10.82 -3.94
C LEU A 154 -12.08 11.69 -5.00
N ASP A 155 -11.68 11.49 -6.26
CA ASP A 155 -12.16 12.33 -7.35
C ASP A 155 -13.67 12.20 -7.55
N ASP A 156 -14.22 11.08 -7.10
CA ASP A 156 -15.66 10.86 -7.14
C ASP A 156 -16.38 11.84 -6.22
N TYR A 157 -15.73 12.16 -5.10
CA TYR A 157 -16.27 13.13 -4.16
C TYR A 157 -15.66 14.52 -4.42
N GLY A 158 -14.57 14.54 -5.19
CA GLY A 158 -13.91 15.79 -5.53
C GLY A 158 -12.68 16.07 -4.68
N LEU A 159 -12.06 15.04 -4.12
CA LEU A 159 -10.83 15.20 -3.35
C LEU A 159 -9.64 14.72 -4.17
N SER A 160 -8.53 14.46 -3.48
CA SER A 160 -7.32 13.97 -4.12
C SER A 160 -6.39 13.37 -3.06
N VAL A 161 -5.23 12.87 -3.48
CA VAL A 161 -4.22 12.36 -2.54
C VAL A 161 -3.79 13.45 -1.54
N ASN A 162 -4.01 14.72 -1.90
CA ASN A 162 -3.60 15.82 -1.04
C ASN A 162 -4.71 16.18 -0.05
N SER A 163 -5.68 15.30 0.07
CA SER A 163 -6.74 15.49 1.04
C SER A 163 -6.29 14.97 2.40
N THR A 164 -6.78 15.59 3.45
CA THR A 164 -6.37 15.28 4.81
C THR A 164 -6.93 13.93 5.28
N PHE A 165 -6.18 13.26 6.17
CA PHE A 165 -6.58 11.99 6.80
C PHE A 165 -7.95 12.11 7.45
N ASP A 166 -8.34 13.33 7.78
CA ASP A 166 -9.65 13.60 8.35
C ASP A 166 -10.69 13.73 7.24
N GLN A 167 -10.40 14.56 6.25
CA GLN A 167 -11.34 14.83 5.17
C GLN A 167 -11.59 13.62 4.28
N VAL A 168 -10.53 12.89 3.92
CA VAL A 168 -10.69 11.65 3.14
C VAL A 168 -11.63 10.70 3.87
N ALA A 169 -11.26 10.36 5.10
CA ALA A 169 -12.05 9.44 5.91
C ALA A 169 -13.49 9.93 6.04
N ALA A 170 -13.65 11.22 6.27
CA ALA A 170 -14.96 11.83 6.40
C ALA A 170 -15.76 11.80 5.10
N ALA A 171 -15.08 11.97 3.98
CA ALA A 171 -15.74 12.00 2.69
C ALA A 171 -16.12 10.60 2.25
N THR A 172 -15.32 9.64 2.68
CA THR A 172 -15.56 8.26 2.35
C THR A 172 -16.54 7.67 3.34
N ALA A 173 -16.70 8.39 4.43
CA ALA A 173 -17.69 8.09 5.45
C ALA A 173 -19.07 8.37 4.91
N VAL A 174 -19.19 9.53 4.27
CA VAL A 174 -20.46 9.99 3.77
C VAL A 174 -20.26 11.21 2.87
N GLY A 175 -19.23 11.99 3.19
CA GLY A 175 -18.99 13.23 2.50
C GLY A 175 -19.39 14.41 3.34
N VAL A 176 -18.44 15.21 3.72
CA VAL A 176 -18.68 16.27 4.67
C VAL A 176 -18.12 17.59 4.15
N GLN A 177 -18.09 17.71 2.83
CA GLN A 177 -17.42 18.81 2.15
C GLN A 177 -18.33 20.02 1.99
N HIS A 178 -19.56 19.91 2.50
CA HIS A 178 -20.53 20.98 2.39
C HIS A 178 -21.42 21.01 3.63
N ALA A 1 8.25 12.99 4.96
CA ALA A 1 7.78 13.49 3.66
C ALA A 1 6.53 12.72 3.21
N PHE A 2 5.63 12.50 4.16
CA PHE A 2 4.44 11.68 3.92
C PHE A 2 3.30 12.52 3.38
N SER A 3 2.46 11.91 2.56
CA SER A 3 1.19 12.47 2.11
C SER A 3 0.30 11.35 1.56
N VAL A 4 -0.97 11.66 1.33
CA VAL A 4 -1.86 10.75 0.64
C VAL A 4 -1.79 11.04 -0.84
N ASN A 5 -1.57 10.02 -1.61
CA ASN A 5 -1.43 10.19 -3.04
C ASN A 5 -2.69 9.72 -3.74
N TYR A 6 -3.79 10.20 -3.25
CA TYR A 6 -5.08 9.90 -3.83
C TYR A 6 -5.21 10.62 -5.16
N ASP A 7 -5.98 10.05 -6.08
CA ASP A 7 -6.33 10.77 -7.30
C ASP A 7 -7.11 12.00 -6.93
N SER A 8 -6.44 13.16 -6.97
CA SER A 8 -7.02 14.49 -6.74
C SER A 8 -8.46 14.62 -7.23
N SER A 9 -9.35 14.05 -6.45
CA SER A 9 -10.78 14.07 -6.69
C SER A 9 -11.47 13.46 -5.48
N PHE A 10 -10.78 12.52 -4.83
CA PHE A 10 -11.30 11.83 -3.67
C PHE A 10 -10.84 12.49 -2.37
N GLY A 11 -10.40 13.75 -2.46
CA GLY A 11 -9.79 14.41 -1.31
C GLY A 11 -10.81 14.81 -0.25
N GLY A 12 -11.51 13.82 0.26
CA GLY A 12 -12.52 14.03 1.28
C GLY A 12 -12.93 12.72 1.92
N TYR A 13 -12.09 11.71 1.73
CA TYR A 13 -12.27 10.43 2.39
C TYR A 13 -11.48 10.38 3.66
N SER A 14 -12.05 9.80 4.69
CA SER A 14 -11.24 9.35 5.80
C SER A 14 -10.41 8.20 5.25
N ILE A 15 -9.11 8.20 5.49
CA ILE A 15 -8.22 7.23 4.89
C ILE A 15 -8.80 5.81 4.99
N HIS A 16 -9.19 5.42 6.20
CA HIS A 16 -9.78 4.09 6.43
C HIS A 16 -11.01 3.85 5.54
N ASP A 17 -11.78 4.91 5.27
CA ASP A 17 -13.03 4.80 4.53
C ASP A 17 -12.78 4.32 3.11
N TYR A 18 -11.90 5.00 2.39
CA TYR A 18 -11.62 4.62 1.01
C TYR A 18 -10.89 3.30 0.97
N LEU A 19 -9.96 3.09 1.89
CA LEU A 19 -9.18 1.86 1.92
C LEU A 19 -10.12 0.65 2.00
N GLY A 20 -11.17 0.78 2.83
CA GLY A 20 -12.21 -0.24 2.89
C GLY A 20 -12.92 -0.40 1.56
N GLN A 21 -13.20 0.72 0.90
CA GLN A 21 -13.84 0.72 -0.40
C GLN A 21 -12.98 0.02 -1.44
N TRP A 22 -11.68 0.24 -1.37
CA TRP A 22 -10.72 -0.43 -2.24
C TRP A 22 -10.82 -1.94 -2.05
N ALA A 23 -10.94 -2.36 -0.80
CA ALA A 23 -11.08 -3.77 -0.47
C ALA A 23 -12.40 -4.32 -0.99
N SER A 24 -13.37 -3.44 -1.15
CA SER A 24 -14.67 -3.82 -1.70
C SER A 24 -14.50 -4.32 -3.14
N THR A 25 -13.91 -3.49 -3.98
CA THR A 25 -13.63 -3.87 -5.36
C THR A 25 -12.67 -5.05 -5.42
N PHE A 26 -11.76 -5.12 -4.45
CA PHE A 26 -10.82 -6.22 -4.34
C PHE A 26 -11.58 -7.55 -4.22
N GLY A 27 -12.65 -7.54 -3.44
CA GLY A 27 -13.50 -8.72 -3.28
C GLY A 27 -14.34 -9.01 -4.51
N ASP A 28 -14.51 -8.02 -5.38
CA ASP A 28 -15.40 -8.16 -6.54
C ASP A 28 -14.78 -9.02 -7.63
N VAL A 29 -15.05 -10.31 -7.53
CA VAL A 29 -14.47 -11.35 -8.40
C VAL A 29 -14.84 -11.21 -9.88
N ASN A 30 -15.62 -10.20 -10.24
CA ASN A 30 -16.14 -10.08 -11.59
C ASN A 30 -15.13 -9.50 -12.57
N HIS A 31 -14.11 -8.81 -12.03
CA HIS A 31 -12.96 -8.41 -12.84
C HIS A 31 -13.30 -7.29 -13.83
N THR A 32 -14.49 -6.75 -13.70
CA THR A 32 -14.97 -5.78 -14.69
C THR A 32 -14.55 -4.35 -14.34
N ASN A 33 -14.05 -3.67 -15.36
CA ASN A 33 -13.62 -2.28 -15.25
C ASN A 33 -13.38 -1.71 -16.65
N GLY A 34 -14.06 -0.62 -16.97
CA GLY A 34 -13.95 -0.01 -18.29
C GLY A 34 -12.60 0.62 -18.58
N ASN A 35 -11.73 0.70 -17.57
CA ASN A 35 -10.46 1.36 -17.73
C ASN A 35 -9.30 0.38 -17.66
N VAL A 36 -9.60 -0.87 -17.35
CA VAL A 36 -8.58 -1.87 -17.16
C VAL A 36 -8.45 -2.79 -18.37
N THR A 37 -7.26 -2.78 -18.96
CA THR A 37 -6.94 -3.61 -20.09
C THR A 37 -5.99 -4.75 -19.72
N ASP A 38 -4.81 -4.36 -19.28
CA ASP A 38 -3.71 -5.28 -19.06
C ASP A 38 -3.89 -6.09 -17.78
N ALA A 39 -3.71 -5.42 -16.63
CA ALA A 39 -3.88 -6.04 -15.32
C ALA A 39 -2.79 -7.08 -15.02
N ASN A 40 -1.69 -6.60 -14.46
CA ASN A 40 -0.60 -7.47 -14.02
C ASN A 40 -0.87 -8.01 -12.62
N SER A 41 -0.29 -9.17 -12.35
CA SER A 41 -0.61 -9.94 -11.16
C SER A 41 0.11 -9.46 -9.91
N GLY A 42 1.36 -9.05 -10.05
CA GLY A 42 2.14 -8.70 -8.88
C GLY A 42 3.56 -8.34 -9.19
N GLY A 43 4.26 -7.83 -8.19
CA GLY A 43 5.55 -7.20 -8.41
C GLY A 43 6.74 -8.08 -8.12
N PHE A 44 7.47 -7.72 -7.07
CA PHE A 44 8.81 -8.21 -6.82
C PHE A 44 9.67 -7.91 -8.03
N TYR A 45 9.86 -6.62 -8.27
CA TYR A 45 10.54 -6.12 -9.46
C TYR A 45 12.04 -6.37 -9.39
N GLY A 46 12.58 -6.51 -8.19
CA GLY A 46 14.01 -6.65 -8.01
C GLY A 46 14.51 -8.06 -8.25
N GLY A 47 13.62 -9.04 -8.19
CA GLY A 47 14.03 -10.41 -8.37
C GLY A 47 12.91 -11.39 -8.11
N SER A 48 13.26 -12.55 -7.57
CA SER A 48 12.28 -13.60 -7.32
C SER A 48 11.42 -13.26 -6.11
N LEU A 49 11.99 -12.53 -5.15
CA LEU A 49 11.29 -12.24 -3.91
C LEU A 49 11.99 -11.13 -3.13
N SER A 50 12.46 -10.11 -3.84
CA SER A 50 13.17 -9.00 -3.23
C SER A 50 13.25 -7.83 -4.20
N GLY A 51 13.83 -6.73 -3.74
CA GLY A 51 14.05 -5.60 -4.60
C GLY A 51 13.11 -4.45 -4.30
N SER A 52 13.02 -3.53 -5.24
CA SER A 52 12.16 -2.38 -5.08
C SER A 52 10.76 -2.70 -5.61
N GLN A 53 9.77 -2.44 -4.75
CA GLN A 53 8.35 -2.51 -5.13
C GLN A 53 7.80 -3.93 -5.15
N TYR A 54 7.01 -4.23 -4.14
CA TYR A 54 6.26 -5.47 -4.09
C TYR A 54 4.79 -5.20 -4.45
N ALA A 55 4.43 -5.52 -5.69
CA ALA A 55 3.06 -5.32 -6.14
C ALA A 55 2.20 -6.55 -5.88
N ILE A 56 0.90 -6.31 -5.72
CA ILE A 56 -0.07 -7.36 -5.44
C ILE A 56 -1.38 -7.02 -6.08
N SER A 57 -1.98 -7.96 -6.76
CA SER A 57 -3.28 -7.76 -7.36
C SER A 57 -4.25 -8.80 -6.83
N SER A 58 -5.52 -8.41 -6.75
CA SER A 58 -6.59 -9.23 -6.19
C SER A 58 -6.58 -10.64 -6.75
N THR A 59 -6.41 -11.64 -5.91
CA THR A 59 -6.46 -13.03 -6.35
C THR A 59 -7.86 -13.41 -6.83
N ALA A 60 -8.81 -12.52 -6.57
CA ALA A 60 -10.20 -12.72 -6.96
C ALA A 60 -10.45 -12.30 -8.39
N ASN A 61 -10.01 -11.10 -8.73
CA ASN A 61 -10.32 -10.50 -10.03
C ASN A 61 -9.07 -10.03 -10.77
N GLN A 62 -7.94 -10.16 -10.07
CA GLN A 62 -6.65 -9.60 -10.47
C GLN A 62 -6.75 -8.28 -11.22
N VAL A 63 -7.57 -7.41 -10.67
CA VAL A 63 -7.63 -6.02 -11.07
C VAL A 63 -7.22 -5.16 -9.88
N THR A 64 -8.02 -5.21 -8.82
CA THR A 64 -7.82 -4.39 -7.65
C THR A 64 -6.48 -4.70 -7.01
N ALA A 65 -5.52 -3.82 -7.24
CA ALA A 65 -4.14 -4.10 -6.89
C ALA A 65 -3.62 -3.14 -5.82
N PHE A 66 -2.35 -3.33 -5.48
CA PHE A 66 -1.66 -2.53 -4.49
C PHE A 66 -0.16 -2.63 -4.75
N VAL A 67 0.47 -1.48 -4.88
CA VAL A 67 1.91 -1.42 -5.13
C VAL A 67 2.65 -0.92 -3.89
N ALA A 68 3.41 -1.79 -3.26
CA ALA A 68 4.21 -1.38 -2.11
C ALA A 68 5.59 -0.91 -2.55
N GLY A 69 5.79 0.38 -2.47
CA GLY A 69 7.04 0.96 -2.86
C GLY A 69 8.00 1.08 -1.69
N GLY A 70 9.12 0.40 -1.77
CA GLY A 70 10.07 0.45 -0.70
C GLY A 70 11.30 -0.38 -0.97
N ASN A 71 11.77 -1.07 0.05
CA ASN A 71 12.98 -1.85 -0.03
C ASN A 71 12.77 -3.20 0.65
N LEU A 72 11.65 -3.79 0.27
CA LEU A 72 11.19 -5.06 0.81
C LEU A 72 12.06 -6.22 0.36
N THR A 73 12.13 -7.24 1.20
CA THR A 73 12.93 -8.42 0.90
C THR A 73 12.41 -9.64 1.67
N TYR A 74 12.35 -10.77 0.98
CA TYR A 74 11.97 -12.04 1.58
C TYR A 74 13.21 -12.75 2.12
N THR A 75 13.19 -13.07 3.41
CA THR A 75 14.35 -13.60 4.13
C THR A 75 14.75 -15.03 3.75
N LEU A 76 13.76 -15.85 3.40
CA LEU A 76 13.91 -17.31 3.23
C LEU A 76 14.78 -17.94 4.34
N PHE A 77 16.08 -18.07 4.09
CA PHE A 77 16.97 -18.79 5.00
C PHE A 77 17.66 -17.88 6.00
N ASN A 78 17.27 -16.62 6.02
CA ASN A 78 17.79 -15.65 6.98
C ASN A 78 17.15 -15.86 8.35
N GLU A 79 17.60 -15.07 9.34
CA GLU A 79 17.24 -15.30 10.74
C GLU A 79 15.73 -15.49 10.97
N PRO A 80 14.86 -14.49 10.70
CA PRO A 80 13.42 -14.65 10.89
C PRO A 80 12.85 -15.86 10.13
N ALA A 81 13.42 -16.11 8.94
CA ALA A 81 13.06 -17.26 8.11
C ALA A 81 11.69 -17.12 7.47
N HIS A 82 11.69 -17.33 6.14
CA HIS A 82 10.50 -17.20 5.29
C HIS A 82 9.61 -16.03 5.72
N THR A 83 10.19 -14.84 5.68
CA THR A 83 9.52 -13.65 6.16
C THR A 83 9.86 -12.44 5.29
N LEU A 84 9.09 -11.38 5.44
CA LEU A 84 9.34 -10.15 4.69
C LEU A 84 9.86 -9.07 5.62
N TYR A 85 10.72 -8.21 5.09
CA TYR A 85 11.24 -7.07 5.84
C TYR A 85 11.63 -5.97 4.86
N GLY A 86 12.45 -5.04 5.29
CA GLY A 86 12.89 -3.98 4.42
C GLY A 86 12.12 -2.70 4.63
N GLN A 87 12.27 -1.77 3.70
CA GLN A 87 11.72 -0.45 3.85
C GLN A 87 10.34 -0.33 3.24
N LEU A 88 9.63 0.65 3.72
CA LEU A 88 8.29 0.95 3.29
C LEU A 88 8.09 2.45 3.27
N ASP A 89 7.97 3.00 2.09
CA ASP A 89 7.89 4.45 1.95
C ASP A 89 6.67 4.84 1.15
N SER A 90 6.27 3.95 0.28
CA SER A 90 5.11 4.19 -0.55
C SER A 90 4.19 2.98 -0.63
N LEU A 91 2.97 3.29 -1.00
CA LEU A 91 1.90 2.33 -1.24
C LEU A 91 1.10 2.90 -2.39
N SER A 92 0.29 2.09 -3.03
CA SER A 92 -0.49 2.57 -4.15
C SER A 92 -1.62 1.63 -4.45
N PHE A 93 -2.82 2.06 -4.11
CA PHE A 93 -4.00 1.24 -4.35
C PHE A 93 -4.65 1.70 -5.64
N GLY A 94 -5.03 0.77 -6.48
CA GLY A 94 -5.71 1.13 -7.69
C GLY A 94 -6.15 -0.08 -8.48
N ASP A 95 -7.09 0.12 -9.38
CA ASP A 95 -7.61 -0.98 -10.18
C ASP A 95 -6.75 -1.18 -11.43
N GLY A 96 -6.04 -2.29 -11.46
CA GLY A 96 -5.31 -2.69 -12.65
C GLY A 96 -3.86 -2.25 -12.65
N LEU A 97 -2.96 -3.22 -12.53
CA LEU A 97 -1.54 -2.95 -12.73
C LEU A 97 -1.21 -3.01 -14.20
N SER A 98 -0.17 -2.33 -14.58
CA SER A 98 0.30 -2.30 -15.95
C SER A 98 1.81 -2.21 -15.98
N GLY A 99 2.37 -2.37 -17.16
CA GLY A 99 3.80 -2.35 -17.33
C GLY A 99 4.42 -3.65 -16.90
N GLY A 100 5.49 -3.55 -16.14
CA GLY A 100 6.19 -4.72 -15.66
C GLY A 100 7.12 -5.30 -16.70
N ASP A 101 7.68 -4.43 -17.53
CA ASP A 101 8.62 -4.86 -18.55
C ASP A 101 10.03 -4.87 -17.96
N THR A 102 10.80 -3.85 -18.28
CA THR A 102 12.12 -3.67 -17.71
C THR A 102 12.08 -2.58 -16.67
N SER A 103 10.88 -2.10 -16.40
CA SER A 103 10.66 -1.05 -15.44
C SER A 103 9.55 -1.46 -14.48
N PRO A 104 9.38 -0.74 -13.37
CA PRO A 104 8.39 -1.08 -12.34
C PRO A 104 6.95 -0.89 -12.82
N TYR A 105 6.01 -1.32 -11.99
CA TYR A 105 4.61 -1.30 -12.36
C TYR A 105 4.01 0.09 -12.30
N SER A 106 2.83 0.23 -12.91
CA SER A 106 2.11 1.47 -12.92
C SER A 106 0.61 1.17 -12.93
N ILE A 107 -0.14 1.95 -12.19
CA ILE A 107 -1.57 1.69 -12.02
C ILE A 107 -2.35 2.24 -13.22
N GLN A 108 -3.19 1.39 -13.81
CA GLN A 108 -4.05 1.79 -14.91
C GLN A 108 -5.04 2.83 -14.45
N VAL A 109 -5.69 2.55 -13.33
CA VAL A 109 -6.52 3.53 -12.66
C VAL A 109 -5.84 3.94 -11.35
N PRO A 110 -4.98 4.96 -11.41
CA PRO A 110 -4.23 5.45 -10.27
C PRO A 110 -5.14 6.02 -9.19
N ASP A 111 -5.49 5.18 -8.22
CA ASP A 111 -6.31 5.62 -7.11
C ASP A 111 -5.44 6.04 -5.93
N VAL A 112 -6.00 5.96 -4.74
CA VAL A 112 -5.31 6.44 -3.56
C VAL A 112 -4.02 5.67 -3.30
N SER A 113 -2.96 6.39 -3.42
CA SER A 113 -1.65 5.90 -3.10
C SER A 113 -1.21 6.46 -1.76
N PHE A 114 -0.05 6.05 -1.30
CA PHE A 114 0.53 6.59 -0.07
C PHE A 114 2.01 6.82 -0.30
N GLY A 115 2.57 7.89 0.22
CA GLY A 115 3.97 8.14 -0.02
C GLY A 115 4.60 9.03 1.04
N GLY A 116 5.72 8.57 1.58
CA GLY A 116 6.47 9.38 2.52
C GLY A 116 6.43 8.83 3.92
N LEU A 117 5.90 7.62 4.03
CA LEU A 117 5.87 6.85 5.26
C LEU A 117 7.24 6.82 5.91
N ASN A 118 8.24 6.40 5.11
CA ASN A 118 9.60 6.22 5.59
C ASN A 118 9.62 5.30 6.81
N LEU A 119 8.92 4.19 6.70
CA LEU A 119 8.92 3.18 7.75
C LEU A 119 9.76 1.99 7.32
N SER A 120 10.97 1.90 7.84
CA SER A 120 11.86 0.84 7.45
C SER A 120 11.97 -0.20 8.56
N SER A 121 11.76 -1.45 8.20
CA SER A 121 11.78 -2.55 9.15
C SER A 121 13.01 -3.40 8.98
N LEU A 122 13.79 -3.45 10.04
CA LEU A 122 15.01 -4.18 10.10
C LEU A 122 14.84 -5.68 9.84
N GLN A 123 15.96 -6.35 9.63
CA GLN A 123 15.99 -7.77 9.27
C GLN A 123 15.16 -8.64 10.22
N ALA A 124 15.50 -8.60 11.50
CA ALA A 124 15.00 -9.59 12.46
C ALA A 124 13.61 -9.27 12.98
N GLN A 125 12.91 -8.36 12.31
CA GLN A 125 11.54 -8.04 12.69
C GLN A 125 10.58 -9.16 12.30
N GLY A 126 10.91 -9.85 11.21
CA GLY A 126 10.14 -11.01 10.80
C GLY A 126 8.73 -10.66 10.36
N HIS A 127 7.75 -11.23 11.06
CA HIS A 127 6.34 -11.01 10.74
C HIS A 127 5.81 -9.80 11.49
N ASP A 128 6.45 -9.47 12.60
CA ASP A 128 5.97 -8.40 13.47
C ASP A 128 6.37 -7.04 12.94
N GLY A 129 7.40 -7.02 12.11
CA GLY A 129 7.78 -5.79 11.44
C GLY A 129 6.63 -5.21 10.65
N VAL A 130 6.31 -3.95 10.91
CA VAL A 130 5.14 -3.29 10.32
C VAL A 130 5.07 -3.43 8.80
N VAL A 131 6.22 -3.47 8.13
CA VAL A 131 6.25 -3.61 6.68
C VAL A 131 5.65 -4.96 6.26
N HIS A 132 6.02 -6.01 7.00
CA HIS A 132 5.51 -7.34 6.75
C HIS A 132 4.00 -7.37 7.03
N GLN A 133 3.62 -6.68 8.10
CA GLN A 133 2.23 -6.59 8.52
C GLN A 133 1.37 -5.98 7.42
N VAL A 134 1.66 -4.72 7.16
CA VAL A 134 0.87 -3.91 6.22
C VAL A 134 0.76 -4.54 4.84
N VAL A 135 1.84 -5.13 4.36
CA VAL A 135 1.87 -5.67 3.01
C VAL A 135 0.99 -6.92 2.89
N TYR A 136 1.11 -7.84 3.86
CA TYR A 136 0.32 -9.05 3.83
C TYR A 136 -1.13 -8.77 4.18
N GLY A 137 -1.34 -7.68 4.92
CA GLY A 137 -2.68 -7.18 5.13
C GLY A 137 -3.26 -6.68 3.82
N LEU A 138 -2.54 -5.76 3.18
CA LEU A 138 -2.92 -5.21 1.87
C LEU A 138 -3.26 -6.33 0.90
N MET A 139 -2.37 -7.31 0.81
CA MET A 139 -2.55 -8.47 -0.06
C MET A 139 -3.87 -9.17 0.20
N SER A 140 -4.29 -9.17 1.44
CA SER A 140 -5.51 -9.86 1.84
C SER A 140 -6.73 -8.94 1.75
N GLY A 141 -6.49 -7.68 1.40
CA GLY A 141 -7.57 -6.71 1.35
C GLY A 141 -7.81 -6.09 2.72
N ASP A 142 -6.87 -6.28 3.62
CA ASP A 142 -6.98 -5.81 4.99
C ASP A 142 -6.07 -4.61 5.21
N THR A 143 -6.65 -3.44 5.25
CA THR A 143 -5.88 -2.22 5.42
C THR A 143 -5.76 -1.83 6.89
N GLY A 144 -6.13 -2.75 7.77
CA GLY A 144 -6.13 -2.49 9.19
C GLY A 144 -4.74 -2.33 9.77
N ALA A 145 -3.77 -3.00 9.16
CA ALA A 145 -2.40 -2.85 9.59
C ALA A 145 -1.79 -1.58 9.02
N LEU A 146 -2.21 -1.23 7.81
CA LEU A 146 -1.67 -0.03 7.17
C LEU A 146 -2.15 1.22 7.89
N GLU A 147 -3.42 1.25 8.25
CA GLU A 147 -3.97 2.40 8.97
C GLU A 147 -3.21 2.64 10.27
N THR A 148 -2.69 1.58 10.87
CA THR A 148 -1.97 1.69 12.11
C THR A 148 -0.56 2.23 11.83
N ALA A 149 0.01 1.83 10.70
CA ALA A 149 1.31 2.33 10.25
C ALA A 149 1.22 3.81 9.88
N LEU A 150 0.17 4.14 9.12
CA LEU A 150 -0.11 5.51 8.70
C LEU A 150 -0.18 6.44 9.90
N ASN A 151 -0.80 5.93 10.97
CA ASN A 151 -0.95 6.68 12.23
C ASN A 151 0.38 7.16 12.79
N GLY A 152 1.49 6.68 12.23
CA GLY A 152 2.80 7.07 12.71
C GLY A 152 3.11 8.51 12.36
N ILE A 153 2.67 8.93 11.19
CA ILE A 153 2.83 10.32 10.80
C ILE A 153 1.68 11.16 11.35
N LEU A 154 0.45 10.68 11.17
CA LEU A 154 -0.74 11.43 11.58
C LEU A 154 -0.71 11.80 13.06
N ASP A 155 -0.30 10.87 13.92
CA ASP A 155 -0.33 11.12 15.37
C ASP A 155 0.51 12.33 15.76
N ASP A 156 1.56 12.58 15.00
CA ASP A 156 2.43 13.74 15.25
C ASP A 156 1.65 15.04 15.10
N TYR A 157 0.66 15.03 14.21
CA TYR A 157 -0.21 16.19 13.99
C TYR A 157 -1.51 16.02 14.75
N GLY A 158 -1.69 14.85 15.34
CA GLY A 158 -2.90 14.55 16.08
C GLY A 158 -4.02 14.07 15.17
N LEU A 159 -3.66 13.47 14.05
CA LEU A 159 -4.64 12.97 13.10
C LEU A 159 -4.81 11.46 13.23
N SER A 160 -5.48 10.88 12.26
CA SER A 160 -5.65 9.44 12.17
C SER A 160 -6.21 9.08 10.81
N VAL A 161 -6.33 7.78 10.54
CA VAL A 161 -6.99 7.32 9.32
C VAL A 161 -8.46 7.74 9.28
N ASN A 162 -8.98 8.21 10.41
CA ASN A 162 -10.37 8.64 10.51
C ASN A 162 -10.51 10.11 10.17
N SER A 163 -9.45 10.71 9.65
CA SER A 163 -9.48 12.11 9.26
C SER A 163 -10.00 12.29 7.83
N THR A 164 -9.16 12.80 6.95
CA THR A 164 -9.58 13.12 5.59
C THR A 164 -8.38 13.16 4.64
N PHE A 165 -8.58 12.76 3.39
CA PHE A 165 -7.54 12.83 2.37
C PHE A 165 -6.98 14.25 2.25
N ASP A 166 -7.87 15.23 2.23
CA ASP A 166 -7.45 16.62 2.15
C ASP A 166 -6.70 17.03 3.42
N GLN A 167 -7.19 16.59 4.58
CA GLN A 167 -6.56 16.93 5.85
C GLN A 167 -5.18 16.30 6.00
N VAL A 168 -5.06 15.00 5.72
CA VAL A 168 -3.77 14.32 5.79
C VAL A 168 -2.76 15.02 4.91
N ALA A 169 -3.11 15.17 3.64
CA ALA A 169 -2.24 15.81 2.68
C ALA A 169 -1.85 17.22 3.13
N ALA A 170 -2.81 17.94 3.68
CA ALA A 170 -2.58 19.29 4.18
C ALA A 170 -1.72 19.31 5.44
N ALA A 171 -1.92 18.35 6.32
CA ALA A 171 -1.18 18.30 7.57
C ALA A 171 0.23 17.82 7.34
N THR A 172 0.38 16.99 6.32
CA THR A 172 1.68 16.45 5.98
C THR A 172 2.41 17.42 5.07
N ALA A 173 1.64 18.39 4.60
CA ALA A 173 2.15 19.53 3.86
C ALA A 173 2.95 20.39 4.80
N VAL A 174 2.37 20.64 5.96
CA VAL A 174 2.99 21.49 6.95
C VAL A 174 2.27 21.38 8.28
N GLY A 175 0.98 21.10 8.22
CA GLY A 175 0.18 21.00 9.42
C GLY A 175 -0.94 21.99 9.40
N VAL A 176 -2.16 21.50 9.60
CA VAL A 176 -3.32 22.34 9.44
C VAL A 176 -4.31 22.14 10.58
N GLN A 177 -4.73 23.24 11.18
CA GLN A 177 -5.62 23.20 12.33
C GLN A 177 -7.07 23.15 11.89
N HIS A 178 -7.90 22.50 12.69
CA HIS A 178 -9.32 22.39 12.39
C HIS A 178 -10.12 22.37 13.69
N ALA A 1 6.81 0.25 -13.95
CA ALA A 1 6.16 -1.06 -14.19
C ALA A 1 5.92 -1.77 -12.88
N PHE A 2 4.98 -2.71 -12.88
CA PHE A 2 4.64 -3.43 -11.67
C PHE A 2 5.74 -4.38 -11.26
N SER A 3 6.08 -4.34 -9.98
CA SER A 3 7.01 -5.27 -9.37
C SER A 3 6.80 -5.26 -7.85
N VAL A 4 7.39 -6.21 -7.17
CA VAL A 4 7.42 -6.20 -5.72
C VAL A 4 8.62 -5.41 -5.26
N ASN A 5 8.39 -4.49 -4.36
CA ASN A 5 9.44 -3.64 -3.90
C ASN A 5 9.87 -4.02 -2.51
N TYR A 6 10.05 -5.29 -2.33
CA TYR A 6 10.54 -5.80 -1.08
C TYR A 6 12.00 -5.40 -0.93
N ASP A 7 12.42 -5.14 0.28
CA ASP A 7 13.83 -4.86 0.52
C ASP A 7 14.65 -6.09 0.19
N SER A 8 15.34 -6.04 -0.97
CA SER A 8 16.30 -7.06 -1.44
C SER A 8 16.95 -7.88 -0.32
N SER A 9 16.16 -8.78 0.24
CA SER A 9 16.59 -9.71 1.26
C SER A 9 15.45 -10.68 1.57
N PHE A 10 14.22 -10.18 1.46
CA PHE A 10 13.06 -10.96 1.86
C PHE A 10 12.45 -11.69 0.67
N GLY A 11 13.22 -11.83 -0.40
CA GLY A 11 12.70 -12.39 -1.64
C GLY A 11 12.40 -13.87 -1.53
N GLY A 12 11.37 -14.21 -0.78
CA GLY A 12 10.97 -15.58 -0.59
C GLY A 12 9.63 -15.66 0.12
N TYR A 13 8.86 -14.60 0.02
CA TYR A 13 7.50 -14.55 0.56
C TYR A 13 6.49 -14.60 -0.55
N SER A 14 5.40 -15.31 -0.34
CA SER A 14 4.23 -15.09 -1.14
C SER A 14 3.65 -13.76 -0.69
N ILE A 15 3.36 -12.86 -1.61
CA ILE A 15 3.00 -11.50 -1.27
C ILE A 15 1.95 -11.44 -0.15
N HIS A 16 0.93 -12.29 -0.23
CA HIS A 16 -0.12 -12.30 0.78
C HIS A 16 0.42 -12.67 2.17
N ASP A 17 1.44 -13.54 2.19
CA ASP A 17 2.11 -13.93 3.43
C ASP A 17 2.84 -12.76 4.06
N TYR A 18 3.40 -11.92 3.21
CA TYR A 18 4.05 -10.70 3.66
C TYR A 18 3.01 -9.70 4.12
N LEU A 19 1.99 -9.51 3.29
CA LEU A 19 0.90 -8.60 3.60
C LEU A 19 0.29 -8.91 4.97
N GLY A 20 0.04 -10.20 5.20
CA GLY A 20 -0.47 -10.65 6.47
C GLY A 20 0.43 -10.28 7.63
N GLN A 21 1.73 -10.49 7.46
CA GLN A 21 2.69 -10.20 8.51
C GLN A 21 2.73 -8.72 8.86
N TRP A 22 2.70 -7.87 7.85
CA TRP A 22 2.70 -6.43 8.07
C TRP A 22 1.49 -6.04 8.91
N ALA A 23 0.34 -6.59 8.55
CA ALA A 23 -0.89 -6.31 9.27
C ALA A 23 -0.85 -6.91 10.67
N SER A 24 -0.03 -7.94 10.85
CA SER A 24 0.13 -8.56 12.15
C SER A 24 0.73 -7.54 13.12
N THR A 25 1.84 -6.93 12.73
CA THR A 25 2.46 -5.90 13.53
C THR A 25 1.57 -4.66 13.62
N PHE A 26 0.84 -4.37 12.55
CA PHE A 26 -0.08 -3.23 12.52
C PHE A 26 -1.10 -3.31 13.66
N GLY A 27 -1.61 -4.52 13.89
CA GLY A 27 -2.55 -4.75 14.97
C GLY A 27 -1.90 -4.71 16.34
N ASP A 28 -0.59 -4.93 16.39
CA ASP A 28 0.12 -5.04 17.66
C ASP A 28 0.30 -3.66 18.32
N VAL A 29 -0.50 -3.39 19.33
CA VAL A 29 -0.62 -2.08 19.96
C VAL A 29 0.64 -1.64 20.74
N ASN A 30 1.70 -2.44 20.72
CA ASN A 30 2.82 -2.21 21.62
C ASN A 30 3.80 -1.15 21.13
N HIS A 31 3.65 -0.72 19.88
CA HIS A 31 4.41 0.42 19.34
C HIS A 31 5.92 0.13 19.36
N THR A 32 6.28 -1.13 19.34
CA THR A 32 7.68 -1.50 19.49
C THR A 32 8.40 -1.59 18.16
N ASN A 33 9.56 -0.94 18.12
CA ASN A 33 10.44 -0.96 16.97
C ASN A 33 11.75 -0.26 17.33
N GLY A 34 12.85 -0.97 17.24
CA GLY A 34 14.13 -0.41 17.65
C GLY A 34 14.67 0.66 16.72
N ASN A 35 14.02 0.88 15.59
CA ASN A 35 14.56 1.76 14.56
C ASN A 35 13.64 2.94 14.31
N VAL A 36 12.57 3.04 15.08
CA VAL A 36 11.59 4.08 14.87
C VAL A 36 11.79 5.27 15.81
N THR A 37 12.18 6.40 15.24
CA THR A 37 12.26 7.66 15.95
C THR A 37 11.07 8.56 15.59
N ASP A 38 11.07 8.99 14.33
CA ASP A 38 10.02 9.85 13.77
C ASP A 38 8.62 9.34 14.11
N ALA A 39 8.23 8.29 13.40
CA ALA A 39 6.93 7.65 13.58
C ALA A 39 5.80 8.57 13.17
N ASN A 40 5.80 8.92 11.90
CA ASN A 40 4.75 9.75 11.33
C ASN A 40 3.57 8.91 10.88
N SER A 41 2.38 9.47 10.98
CA SER A 41 1.15 8.75 10.70
C SER A 41 0.71 8.91 9.24
N GLY A 42 0.86 10.12 8.69
CA GLY A 42 0.52 10.33 7.31
C GLY A 42 -0.65 11.27 7.10
N GLY A 43 -1.63 10.83 6.31
CA GLY A 43 -2.78 11.64 6.03
C GLY A 43 -2.53 12.67 4.94
N PHE A 44 -2.21 12.19 3.73
CA PHE A 44 -2.01 13.05 2.54
C PHE A 44 -0.77 13.95 2.65
N TYR A 45 0.03 13.92 1.60
CA TYR A 45 1.17 14.83 1.47
C TYR A 45 0.87 15.87 0.39
N GLY A 46 0.00 15.53 -0.55
CA GLY A 46 -0.18 16.35 -1.73
C GLY A 46 -1.10 17.55 -1.52
N GLY A 47 -1.28 17.96 -0.28
CA GLY A 47 -2.09 19.12 -0.01
C GLY A 47 -3.19 18.85 1.00
N SER A 48 -4.40 19.26 0.66
CA SER A 48 -5.52 19.18 1.60
C SER A 48 -6.04 17.75 1.71
N LEU A 49 -6.34 17.13 0.58
CA LEU A 49 -6.89 15.78 0.57
C LEU A 49 -6.81 15.13 -0.81
N SER A 50 -5.91 15.62 -1.65
CA SER A 50 -5.72 15.04 -2.96
C SER A 50 -4.38 15.47 -3.53
N GLY A 51 -3.84 14.68 -4.45
CA GLY A 51 -2.65 15.09 -5.17
C GLY A 51 -1.69 13.95 -5.43
N SER A 52 -1.15 13.38 -4.36
CA SER A 52 -0.08 12.41 -4.49
C SER A 52 -0.15 11.38 -3.36
N GLN A 53 1.04 10.94 -2.91
CA GLN A 53 1.18 9.89 -1.90
C GLN A 53 0.20 10.06 -0.75
N TYR A 54 -0.31 8.94 -0.27
CA TYR A 54 -1.24 8.94 0.86
C TYR A 54 -0.79 7.90 1.88
N ALA A 55 -0.08 8.38 2.88
CA ALA A 55 0.47 7.51 3.90
C ALA A 55 -0.49 7.32 5.07
N ILE A 56 -0.46 6.14 5.65
CA ILE A 56 -1.31 5.78 6.77
C ILE A 56 -0.57 4.86 7.73
N SER A 57 -0.46 5.30 8.96
CA SER A 57 0.13 4.50 10.00
C SER A 57 -0.96 3.96 10.90
N SER A 58 -0.60 2.99 11.72
CA SER A 58 -1.53 2.39 12.66
C SER A 58 -2.02 3.45 13.65
N THR A 59 -3.21 3.25 14.18
CA THR A 59 -3.69 4.05 15.30
C THR A 59 -3.56 3.25 16.60
N ALA A 60 -3.33 1.96 16.45
CA ALA A 60 -3.12 1.09 17.59
C ALA A 60 -1.74 1.30 18.18
N ASN A 61 -0.73 1.17 17.32
CA ASN A 61 0.65 1.30 17.76
C ASN A 61 1.32 2.51 17.12
N GLN A 62 0.52 3.21 16.32
CA GLN A 62 0.96 4.35 15.51
C GLN A 62 2.41 4.29 15.05
N VAL A 63 2.83 3.10 14.61
CA VAL A 63 4.12 2.93 13.98
C VAL A 63 3.96 2.21 12.64
N THR A 64 3.28 1.06 12.63
CA THR A 64 3.13 0.25 11.42
C THR A 64 2.36 1.03 10.37
N ALA A 65 3.06 1.47 9.33
CA ALA A 65 2.48 2.38 8.36
C ALA A 65 2.48 1.84 6.94
N PHE A 66 1.99 2.67 6.04
CA PHE A 66 1.83 2.32 4.63
C PHE A 66 1.83 3.61 3.81
N VAL A 67 2.60 3.64 2.75
CA VAL A 67 2.65 4.80 1.87
C VAL A 67 2.02 4.48 0.51
N ALA A 68 0.97 5.20 0.15
CA ALA A 68 0.33 5.02 -1.15
C ALA A 68 0.97 5.90 -2.21
N GLY A 69 0.66 5.62 -3.47
CA GLY A 69 1.39 6.18 -4.61
C GLY A 69 1.33 7.68 -4.77
N GLY A 70 0.47 8.20 -5.65
CA GLY A 70 0.55 9.61 -5.97
C GLY A 70 -0.47 10.11 -6.96
N ASN A 71 -1.69 9.56 -6.97
CA ASN A 71 -2.75 10.18 -7.75
C ASN A 71 -4.10 10.01 -7.07
N LEU A 72 -4.05 9.90 -5.76
CA LEU A 72 -5.24 9.76 -4.94
C LEU A 72 -5.93 11.11 -4.71
N THR A 73 -7.26 11.07 -4.67
CA THR A 73 -8.07 12.27 -4.53
C THR A 73 -9.30 12.01 -3.66
N TYR A 74 -9.46 12.80 -2.62
CA TYR A 74 -10.68 12.77 -1.82
C TYR A 74 -11.73 13.62 -2.52
N THR A 75 -12.87 13.00 -2.81
CA THR A 75 -13.90 13.60 -3.64
C THR A 75 -14.47 14.88 -3.03
N LEU A 76 -14.63 14.86 -1.71
CA LEU A 76 -15.22 15.97 -0.98
C LEU A 76 -16.59 16.33 -1.52
N PHE A 77 -16.60 17.25 -2.48
CA PHE A 77 -17.84 17.77 -3.04
C PHE A 77 -18.17 17.12 -4.39
N ASN A 78 -17.41 16.10 -4.76
CA ASN A 78 -17.64 15.43 -6.04
C ASN A 78 -18.86 14.50 -5.97
N GLU A 79 -19.14 13.85 -7.10
CA GLU A 79 -20.35 13.02 -7.27
C GLU A 79 -20.53 11.99 -6.15
N PRO A 80 -19.55 11.09 -5.91
CA PRO A 80 -19.63 10.13 -4.80
C PRO A 80 -19.80 10.81 -3.45
N ALA A 81 -19.13 11.94 -3.27
CA ALA A 81 -19.22 12.76 -2.05
C ALA A 81 -18.59 12.06 -0.85
N HIS A 82 -17.67 12.77 -0.22
CA HIS A 82 -16.95 12.28 0.95
C HIS A 82 -16.42 10.87 0.73
N THR A 83 -15.60 10.72 -0.29
CA THR A 83 -15.08 9.42 -0.69
C THR A 83 -13.67 9.58 -1.28
N LEU A 84 -12.99 8.47 -1.48
CA LEU A 84 -11.68 8.49 -2.12
C LEU A 84 -11.76 7.91 -3.52
N TYR A 85 -11.07 8.53 -4.46
CA TYR A 85 -10.82 7.93 -5.75
C TYR A 85 -9.60 8.58 -6.37
N GLY A 86 -8.79 7.76 -6.97
CA GLY A 86 -7.59 8.26 -7.59
C GLY A 86 -6.94 7.24 -8.46
N GLN A 87 -5.65 7.11 -8.24
CA GLN A 87 -4.86 6.15 -8.92
C GLN A 87 -3.83 5.60 -7.96
N LEU A 88 -3.43 4.37 -8.20
CA LEU A 88 -2.51 3.71 -7.33
C LEU A 88 -1.48 2.93 -8.13
N ASP A 89 -0.25 3.35 -8.01
CA ASP A 89 0.85 2.65 -8.65
C ASP A 89 1.71 1.98 -7.60
N SER A 90 2.19 2.77 -6.66
CA SER A 90 3.10 2.29 -5.65
C SER A 90 2.43 2.20 -4.28
N LEU A 91 2.98 1.32 -3.45
CA LEU A 91 2.62 1.20 -2.04
C LEU A 91 3.91 0.93 -1.28
N SER A 92 3.93 1.16 0.00
CA SER A 92 5.09 0.89 0.78
C SER A 92 4.70 0.52 2.21
N PHE A 93 4.92 -0.73 2.56
CA PHE A 93 4.59 -1.20 3.89
C PHE A 93 5.85 -1.22 4.75
N GLY A 94 5.78 -0.62 5.92
CA GLY A 94 6.92 -0.63 6.81
C GLY A 94 6.59 0.03 8.13
N ASP A 95 7.44 -0.19 9.13
CA ASP A 95 7.20 0.41 10.44
C ASP A 95 7.86 1.78 10.55
N GLY A 96 7.04 2.77 10.87
CA GLY A 96 7.53 4.10 11.19
C GLY A 96 7.83 4.94 9.99
N LEU A 97 7.02 5.96 9.76
CA LEU A 97 7.32 6.93 8.71
C LEU A 97 8.22 8.01 9.26
N SER A 98 9.00 8.58 8.38
CA SER A 98 9.94 9.62 8.72
C SER A 98 9.82 10.79 7.76
N GLY A 99 10.20 11.96 8.24
CA GLY A 99 10.26 13.15 7.40
C GLY A 99 8.91 13.83 7.23
N GLY A 100 8.04 13.60 8.21
CA GLY A 100 6.69 14.13 8.13
C GLY A 100 6.57 15.57 8.60
N ASP A 101 7.40 16.44 8.05
CA ASP A 101 7.28 17.87 8.31
C ASP A 101 6.43 18.50 7.22
N THR A 102 7.11 18.99 6.19
CA THR A 102 6.46 19.47 4.98
C THR A 102 6.97 18.68 3.79
N SER A 103 7.64 17.59 4.10
CA SER A 103 8.24 16.75 3.08
C SER A 103 7.47 15.43 2.99
N PRO A 104 7.73 14.64 1.94
CA PRO A 104 7.04 13.39 1.70
C PRO A 104 7.47 12.30 2.68
N TYR A 105 6.50 11.49 3.08
CA TYR A 105 6.74 10.44 4.06
C TYR A 105 7.64 9.36 3.50
N SER A 106 8.39 8.72 4.39
CA SER A 106 9.35 7.70 4.02
C SER A 106 9.38 6.62 5.08
N ILE A 107 9.73 5.40 4.70
CA ILE A 107 9.73 4.29 5.63
C ILE A 107 11.06 4.22 6.39
N GLN A 108 10.99 4.33 7.72
CA GLN A 108 12.17 4.23 8.58
C GLN A 108 12.75 2.82 8.52
N VAL A 109 11.87 1.83 8.64
CA VAL A 109 12.28 0.43 8.48
C VAL A 109 11.79 -0.08 7.14
N PRO A 110 12.60 0.10 6.10
CA PRO A 110 12.24 -0.26 4.73
C PRO A 110 12.03 -1.76 4.56
N ASP A 111 10.78 -2.16 4.54
CA ASP A 111 10.42 -3.54 4.30
C ASP A 111 9.85 -3.65 2.89
N VAL A 112 8.91 -4.56 2.70
CA VAL A 112 8.34 -4.80 1.39
C VAL A 112 7.47 -3.63 0.93
N SER A 113 7.42 -3.43 -0.37
CA SER A 113 6.64 -2.36 -0.97
C SER A 113 6.02 -2.83 -2.28
N PHE A 114 5.32 -1.93 -2.95
CA PHE A 114 4.71 -2.22 -4.24
C PHE A 114 4.99 -1.08 -5.22
N GLY A 115 5.01 -1.40 -6.49
CA GLY A 115 5.11 -0.36 -7.50
C GLY A 115 4.66 -0.86 -8.85
N GLY A 116 3.87 -0.07 -9.55
CA GLY A 116 3.52 -0.38 -10.92
C GLY A 116 2.14 -0.98 -11.11
N LEU A 117 1.30 -0.89 -10.08
CA LEU A 117 -0.09 -1.33 -10.20
C LEU A 117 -0.76 -0.61 -11.37
N ASN A 118 -0.64 0.72 -11.36
CA ASN A 118 -1.20 1.58 -12.39
C ASN A 118 -2.68 1.31 -12.59
N LEU A 119 -3.40 1.16 -11.48
CA LEU A 119 -4.84 1.07 -11.51
C LEU A 119 -5.41 2.36 -10.99
N SER A 120 -6.31 2.92 -11.76
CA SER A 120 -6.88 4.21 -11.45
C SER A 120 -8.41 4.13 -11.55
N SER A 121 -9.09 4.77 -10.62
CA SER A 121 -10.55 4.68 -10.55
C SER A 121 -11.21 5.89 -11.20
N LEU A 122 -12.41 5.67 -11.72
CA LEU A 122 -13.21 6.75 -12.27
C LEU A 122 -13.87 7.58 -11.16
N GLN A 123 -14.32 8.77 -11.52
CA GLN A 123 -14.91 9.71 -10.56
C GLN A 123 -15.95 9.07 -9.65
N ALA A 124 -16.96 8.44 -10.25
CA ALA A 124 -18.12 7.99 -9.49
C ALA A 124 -17.89 6.63 -8.82
N GLN A 125 -16.64 6.18 -8.80
CA GLN A 125 -16.30 4.93 -8.13
C GLN A 125 -16.22 5.10 -6.60
N GLY A 126 -17.30 5.59 -6.02
CA GLY A 126 -17.35 5.82 -4.59
C GLY A 126 -17.22 4.54 -3.79
N HIS A 127 -16.04 4.32 -3.21
CA HIS A 127 -15.75 3.16 -2.35
C HIS A 127 -15.58 1.89 -3.20
N ASP A 128 -16.21 1.87 -4.36
CA ASP A 128 -16.14 0.72 -5.25
C ASP A 128 -14.87 0.77 -6.09
N GLY A 129 -14.34 1.98 -6.26
CA GLY A 129 -13.06 2.14 -6.92
C GLY A 129 -11.96 1.40 -6.19
N VAL A 130 -11.31 0.47 -6.88
CA VAL A 130 -10.34 -0.44 -6.29
C VAL A 130 -9.28 0.28 -5.45
N VAL A 131 -8.91 1.49 -5.86
CA VAL A 131 -7.93 2.26 -5.12
C VAL A 131 -8.46 2.64 -3.74
N HIS A 132 -9.72 3.09 -3.70
CA HIS A 132 -10.39 3.40 -2.43
C HIS A 132 -10.46 2.14 -1.59
N GLN A 133 -10.73 1.03 -2.25
CA GLN A 133 -10.85 -0.27 -1.58
C GLN A 133 -9.56 -0.63 -0.88
N VAL A 134 -8.52 -0.77 -1.68
CA VAL A 134 -7.21 -1.20 -1.21
C VAL A 134 -6.61 -0.26 -0.16
N VAL A 135 -6.77 1.05 -0.36
CA VAL A 135 -6.17 2.02 0.54
C VAL A 135 -6.85 2.01 1.91
N TYR A 136 -8.18 1.98 1.94
CA TYR A 136 -8.91 1.94 3.19
C TYR A 136 -8.78 0.58 3.84
N GLY A 137 -8.49 -0.43 3.03
CA GLY A 137 -8.11 -1.72 3.57
C GLY A 137 -6.78 -1.61 4.28
N LEU A 138 -5.78 -1.11 3.55
CA LEU A 138 -4.44 -0.84 4.09
C LEU A 138 -4.53 -0.10 5.42
N MET A 139 -5.26 1.01 5.39
CA MET A 139 -5.46 1.85 6.57
C MET A 139 -6.01 1.08 7.76
N SER A 140 -6.82 0.08 7.47
CA SER A 140 -7.48 -0.71 8.49
C SER A 140 -6.62 -1.91 8.91
N GLY A 141 -5.63 -2.24 8.09
CA GLY A 141 -4.82 -3.42 8.33
C GLY A 141 -5.30 -4.59 7.50
N ASP A 142 -6.09 -4.30 6.49
CA ASP A 142 -6.63 -5.32 5.60
C ASP A 142 -5.85 -5.36 4.30
N THR A 143 -5.38 -6.54 3.94
CA THR A 143 -4.64 -6.70 2.70
C THR A 143 -5.41 -7.60 1.73
N GLY A 144 -6.62 -7.96 2.12
CA GLY A 144 -7.44 -8.87 1.33
C GLY A 144 -7.98 -8.21 0.09
N ALA A 145 -8.05 -6.90 0.09
CA ALA A 145 -8.44 -6.16 -1.09
C ALA A 145 -7.26 -5.93 -2.02
N LEU A 146 -6.09 -5.71 -1.42
CA LEU A 146 -4.89 -5.45 -2.19
C LEU A 146 -4.47 -6.69 -2.98
N GLU A 147 -4.57 -7.86 -2.35
CA GLU A 147 -4.25 -9.12 -2.99
C GLU A 147 -5.08 -9.31 -4.27
N THR A 148 -6.31 -8.82 -4.23
CA THR A 148 -7.23 -8.98 -5.35
C THR A 148 -6.84 -8.02 -6.48
N ALA A 149 -6.37 -6.84 -6.09
CA ALA A 149 -5.85 -5.87 -7.06
C ALA A 149 -4.56 -6.39 -7.69
N LEU A 150 -3.67 -6.90 -6.85
CA LEU A 150 -2.41 -7.48 -7.30
C LEU A 150 -2.63 -8.57 -8.33
N ASN A 151 -3.64 -9.40 -8.08
CA ASN A 151 -4.02 -10.48 -8.97
C ASN A 151 -4.24 -10.01 -10.40
N GLY A 152 -4.37 -8.69 -10.60
CA GLY A 152 -4.66 -8.17 -11.91
C GLY A 152 -3.48 -8.26 -12.83
N ILE A 153 -2.30 -7.92 -12.33
CA ILE A 153 -1.10 -8.02 -13.14
C ILE A 153 -0.61 -9.47 -13.17
N LEU A 154 -0.61 -10.11 -12.00
CA LEU A 154 -0.13 -11.48 -11.89
C LEU A 154 -0.89 -12.44 -12.78
N ASP A 155 -2.22 -12.33 -12.80
CA ASP A 155 -3.05 -13.27 -13.58
C ASP A 155 -2.72 -13.20 -15.07
N ASP A 156 -2.22 -12.05 -15.51
CA ASP A 156 -1.79 -11.88 -16.89
C ASP A 156 -0.61 -12.81 -17.20
N TYR A 157 0.18 -13.11 -16.18
CA TYR A 157 1.29 -14.05 -16.32
C TYR A 157 0.88 -15.42 -15.75
N GLY A 158 -0.24 -15.44 -15.03
CA GLY A 158 -0.73 -16.66 -14.43
C GLY A 158 -0.34 -16.84 -12.97
N LEU A 159 0.05 -15.74 -12.31
CA LEU A 159 0.40 -15.78 -10.89
C LEU A 159 -0.74 -15.22 -10.05
N SER A 160 -0.43 -14.88 -8.80
CA SER A 160 -1.41 -14.32 -7.88
C SER A 160 -0.70 -13.63 -6.72
N VAL A 161 -1.45 -13.12 -5.76
CA VAL A 161 -0.87 -12.54 -4.54
C VAL A 161 0.01 -13.56 -3.81
N ASN A 162 -0.24 -14.85 -4.04
CA ASN A 162 0.49 -15.91 -3.36
C ASN A 162 1.75 -16.28 -4.14
N SER A 163 2.18 -15.40 -5.03
CA SER A 163 3.42 -15.61 -5.76
C SER A 163 4.58 -15.12 -4.90
N THR A 164 5.70 -15.82 -4.97
CA THR A 164 6.86 -15.51 -4.15
C THR A 164 7.60 -14.27 -4.65
N PHE A 165 8.08 -13.43 -3.73
CA PHE A 165 8.74 -12.15 -4.06
C PHE A 165 9.66 -12.24 -5.27
N ASP A 166 10.55 -13.23 -5.30
CA ASP A 166 11.50 -13.38 -6.40
C ASP A 166 10.76 -13.72 -7.71
N GLN A 167 9.73 -14.54 -7.59
CA GLN A 167 8.98 -14.99 -8.76
C GLN A 167 8.08 -13.88 -9.29
N VAL A 168 7.47 -13.10 -8.39
CA VAL A 168 6.66 -11.96 -8.80
C VAL A 168 7.51 -10.94 -9.54
N ALA A 169 8.61 -10.56 -8.92
CA ALA A 169 9.54 -9.61 -9.50
C ALA A 169 10.04 -10.09 -10.86
N ALA A 170 10.39 -11.35 -10.95
CA ALA A 170 10.83 -11.95 -12.20
C ALA A 170 9.70 -12.02 -13.24
N ALA A 171 8.48 -12.25 -12.79
CA ALA A 171 7.35 -12.38 -13.69
C ALA A 171 6.94 -11.02 -14.22
N THR A 172 7.19 -10.00 -13.43
CA THR A 172 6.87 -8.64 -13.81
C THR A 172 8.05 -8.03 -14.55
N ALA A 173 9.16 -8.73 -14.44
CA ALA A 173 10.37 -8.40 -15.17
C ALA A 173 10.16 -8.67 -16.65
N VAL A 174 9.43 -9.75 -16.91
CA VAL A 174 9.17 -10.17 -18.27
C VAL A 174 8.18 -11.34 -18.28
N GLY A 175 8.22 -12.13 -17.23
CA GLY A 175 7.35 -13.29 -17.14
C GLY A 175 8.15 -14.56 -17.04
N VAL A 176 7.95 -15.30 -15.96
CA VAL A 176 8.80 -16.44 -15.66
C VAL A 176 8.01 -17.57 -15.04
N GLN A 177 8.69 -18.69 -14.79
CA GLN A 177 8.13 -19.86 -14.09
C GLN A 177 7.05 -20.57 -14.93
N HIS A 178 6.98 -20.23 -16.22
CA HIS A 178 6.01 -20.85 -17.13
C HIS A 178 4.59 -20.74 -16.57
N ALA A 1 -16.37 3.19 0.56
CA ALA A 1 -15.88 3.31 1.95
C ALA A 1 -14.36 3.22 2.00
N PHE A 2 -13.73 4.38 2.00
CA PHE A 2 -12.28 4.48 2.06
C PHE A 2 -11.88 5.14 3.39
N SER A 3 -10.63 4.97 3.80
CA SER A 3 -10.09 5.64 4.96
C SER A 3 -8.59 5.38 5.10
N VAL A 4 -7.93 6.23 5.86
CA VAL A 4 -6.52 6.03 6.17
C VAL A 4 -6.39 5.39 7.55
N ASN A 5 -5.85 4.18 7.56
CA ASN A 5 -5.85 3.35 8.74
C ASN A 5 -4.56 3.47 9.51
N TYR A 6 -4.27 4.66 9.91
CA TYR A 6 -3.10 4.90 10.72
C TYR A 6 -3.38 4.41 12.14
N ASP A 7 -2.35 3.99 12.82
CA ASP A 7 -2.47 3.65 14.24
C ASP A 7 -2.85 4.90 15.01
N SER A 8 -4.16 5.08 15.23
CA SER A 8 -4.77 6.20 15.99
C SER A 8 -3.85 6.86 17.02
N SER A 9 -2.88 7.60 16.51
CA SER A 9 -1.91 8.32 17.29
C SER A 9 -1.08 9.18 16.34
N PHE A 10 -0.98 8.73 15.10
CA PHE A 10 -0.25 9.46 14.07
C PHE A 10 -1.16 10.44 13.34
N GLY A 11 -2.37 10.64 13.86
CA GLY A 11 -3.39 11.39 13.13
C GLY A 11 -3.10 12.88 13.08
N GLY A 12 -2.07 13.23 12.34
CA GLY A 12 -1.68 14.62 12.16
C GLY A 12 -0.64 14.75 11.07
N TYR A 13 -0.60 13.76 10.20
CA TYR A 13 0.31 13.76 9.05
C TYR A 13 -0.46 14.00 7.77
N SER A 14 0.12 14.78 6.89
CA SER A 14 -0.31 14.77 5.52
C SER A 14 0.11 13.43 4.94
N ILE A 15 -0.78 12.74 4.24
CA ILE A 15 -0.52 11.38 3.83
C ILE A 15 0.84 11.25 3.13
N HIS A 16 1.10 12.15 2.18
CA HIS A 16 2.36 12.13 1.44
C HIS A 16 3.56 12.42 2.36
N ASP A 17 3.29 13.12 3.46
CA ASP A 17 4.34 13.45 4.43
C ASP A 17 4.76 12.21 5.20
N TYR A 18 3.78 11.49 5.75
CA TYR A 18 4.07 10.29 6.52
C TYR A 18 4.58 9.18 5.62
N LEU A 19 3.86 8.94 4.53
CA LEU A 19 4.25 7.91 3.58
C LEU A 19 5.66 8.17 3.06
N GLY A 20 5.97 9.46 2.83
CA GLY A 20 7.31 9.85 2.44
C GLY A 20 8.34 9.43 3.49
N GLN A 21 7.98 9.60 4.76
CA GLN A 21 8.82 9.18 5.87
C GLN A 21 9.02 7.67 5.86
N TRP A 22 7.93 6.95 5.65
CA TRP A 22 7.97 5.51 5.48
C TRP A 22 8.97 5.10 4.39
N ALA A 23 8.85 5.73 3.23
CA ALA A 23 9.73 5.44 2.10
C ALA A 23 11.15 5.91 2.39
N SER A 24 11.27 6.95 3.22
CA SER A 24 12.57 7.46 3.63
C SER A 24 13.38 6.34 4.28
N THR A 25 12.76 5.69 5.27
CA THR A 25 13.36 4.58 5.96
C THR A 25 13.51 3.35 5.07
N PHE A 26 12.65 3.21 4.07
CA PHE A 26 12.70 2.08 3.14
C PHE A 26 14.04 2.07 2.41
N GLY A 27 14.41 3.21 1.84
CA GLY A 27 15.64 3.31 1.08
C GLY A 27 16.89 3.15 1.93
N ASP A 28 16.79 3.50 3.20
CA ASP A 28 17.93 3.43 4.11
C ASP A 28 18.24 1.98 4.47
N VAL A 29 19.30 1.44 3.86
CA VAL A 29 19.71 0.06 4.07
C VAL A 29 20.13 -0.21 5.51
N ASN A 30 20.37 0.85 6.27
CA ASN A 30 20.89 0.72 7.62
C ASN A 30 19.75 0.64 8.63
N HIS A 31 18.55 0.97 8.17
CA HIS A 31 17.40 1.05 9.05
C HIS A 31 17.02 -0.30 9.60
N THR A 32 16.90 -0.37 10.92
CA THR A 32 16.49 -1.56 11.62
C THR A 32 15.52 -1.19 12.72
N ASN A 33 15.10 -2.17 13.51
CA ASN A 33 14.13 -1.90 14.59
C ASN A 33 14.22 -2.99 15.64
N GLY A 34 14.43 -2.59 16.89
CA GLY A 34 14.56 -3.53 17.99
C GLY A 34 13.24 -4.23 18.31
N ASN A 35 12.16 -3.75 17.74
CA ASN A 35 10.85 -4.34 17.96
C ASN A 35 10.59 -5.40 16.93
N VAL A 36 11.50 -5.48 15.98
CA VAL A 36 11.41 -6.41 14.87
C VAL A 36 12.19 -7.68 15.18
N THR A 37 11.48 -8.80 15.19
CA THR A 37 12.09 -10.08 15.49
C THR A 37 12.54 -10.80 14.22
N ASP A 38 11.61 -11.01 13.30
CA ASP A 38 11.92 -11.72 12.06
C ASP A 38 12.15 -10.75 10.92
N ALA A 39 11.06 -10.09 10.52
CA ALA A 39 11.01 -9.22 9.34
C ALA A 39 10.86 -10.07 8.10
N ASN A 40 9.61 -10.46 7.85
CA ASN A 40 9.25 -11.28 6.72
C ASN A 40 9.20 -10.42 5.45
N SER A 41 9.77 -10.97 4.38
CA SER A 41 10.02 -10.24 3.15
C SER A 41 8.78 -10.03 2.29
N GLY A 42 8.02 -11.08 2.13
CA GLY A 42 6.90 -11.06 1.21
C GLY A 42 6.62 -12.46 0.73
N GLY A 43 5.60 -12.66 -0.10
CA GLY A 43 5.25 -14.03 -0.41
C GLY A 43 4.28 -14.26 -1.57
N PHE A 44 3.19 -13.49 -1.63
CA PHE A 44 1.96 -13.95 -2.29
C PHE A 44 1.31 -15.03 -1.44
N TYR A 45 0.36 -14.62 -0.62
CA TYR A 45 -0.32 -15.53 0.31
C TYR A 45 -1.39 -16.34 -0.43
N GLY A 46 -1.78 -15.86 -1.59
CA GLY A 46 -2.82 -16.52 -2.36
C GLY A 46 -2.29 -17.62 -3.25
N GLY A 47 -1.08 -18.08 -2.97
CA GLY A 47 -0.52 -19.19 -3.72
C GLY A 47 0.72 -18.83 -4.51
N SER A 48 0.61 -18.97 -5.82
CA SER A 48 1.77 -18.82 -6.71
C SER A 48 2.11 -17.35 -6.93
N LEU A 49 1.14 -16.57 -7.37
CA LEU A 49 1.38 -15.19 -7.74
C LEU A 49 0.07 -14.43 -7.85
N SER A 50 -0.80 -14.65 -6.88
CA SER A 50 -2.08 -14.00 -6.81
C SER A 50 -2.60 -14.03 -5.38
N GLY A 51 -3.78 -13.50 -5.17
CA GLY A 51 -4.40 -13.58 -3.87
C GLY A 51 -5.09 -12.30 -3.50
N SER A 52 -5.44 -12.17 -2.23
CA SER A 52 -6.07 -10.97 -1.74
C SER A 52 -5.01 -9.97 -1.32
N GLN A 53 -3.94 -10.47 -0.70
CA GLN A 53 -2.89 -9.62 -0.19
C GLN A 53 -1.56 -9.90 -0.88
N TYR A 54 -0.71 -8.88 -0.87
CA TYR A 54 0.60 -8.95 -1.50
C TYR A 54 1.58 -8.13 -0.67
N ALA A 55 2.39 -8.83 0.12
CA ALA A 55 3.32 -8.19 1.02
C ALA A 55 4.70 -8.02 0.40
N ILE A 56 5.34 -6.90 0.70
CA ILE A 56 6.68 -6.61 0.22
C ILE A 56 7.46 -5.88 1.29
N SER A 57 8.64 -6.36 1.57
CA SER A 57 9.53 -5.70 2.49
C SER A 57 10.74 -5.18 1.74
N SER A 58 11.38 -4.16 2.32
CA SER A 58 12.52 -3.51 1.71
C SER A 58 13.56 -4.51 1.24
N THR A 59 13.99 -4.38 0.00
CA THR A 59 15.10 -5.16 -0.49
C THR A 59 16.41 -4.57 0.04
N ALA A 60 16.32 -3.34 0.54
CA ALA A 60 17.46 -2.63 1.10
C ALA A 60 17.77 -3.08 2.53
N ASN A 61 16.81 -2.89 3.42
CA ASN A 61 17.04 -3.15 4.86
C ASN A 61 16.17 -4.29 5.36
N GLN A 62 15.39 -4.86 4.45
CA GLN A 62 14.40 -5.91 4.72
C GLN A 62 13.63 -5.72 6.02
N VAL A 63 13.32 -4.49 6.38
CA VAL A 63 12.44 -4.24 7.51
C VAL A 63 11.24 -3.40 7.08
N THR A 64 11.49 -2.26 6.42
CA THR A 64 10.42 -1.39 5.97
C THR A 64 9.55 -2.09 4.93
N ALA A 65 8.38 -2.54 5.36
CA ALA A 65 7.54 -3.39 4.54
C ALA A 65 6.17 -2.76 4.28
N PHE A 66 5.38 -3.45 3.46
CA PHE A 66 4.05 -3.00 3.07
C PHE A 66 3.22 -4.16 2.56
N VAL A 67 2.01 -4.27 3.08
CA VAL A 67 1.08 -5.31 2.67
C VAL A 67 -0.04 -4.71 1.85
N ALA A 68 -0.12 -5.07 0.58
CA ALA A 68 -1.22 -4.64 -0.26
C ALA A 68 -2.39 -5.60 -0.12
N GLY A 69 -3.60 -5.13 -0.39
CA GLY A 69 -4.76 -5.97 -0.26
C GLY A 69 -5.89 -5.53 -1.16
N GLY A 70 -6.37 -6.46 -1.97
CA GLY A 70 -7.46 -6.18 -2.88
C GLY A 70 -7.86 -7.41 -3.66
N ASN A 71 -7.46 -7.46 -4.92
CA ASN A 71 -7.74 -8.61 -5.77
C ASN A 71 -6.63 -8.73 -6.80
N LEU A 72 -5.41 -8.53 -6.35
CA LEU A 72 -4.22 -8.54 -7.20
C LEU A 72 -3.99 -9.91 -7.82
N THR A 73 -3.49 -9.90 -9.04
CA THR A 73 -3.23 -11.12 -9.78
C THR A 73 -2.13 -10.90 -10.82
N TYR A 74 -1.16 -11.81 -10.86
CA TYR A 74 -0.06 -11.73 -11.83
C TYR A 74 -0.44 -12.49 -13.09
N THR A 75 -0.28 -11.83 -14.24
CA THR A 75 -0.74 -12.35 -15.51
C THR A 75 -0.01 -13.62 -15.95
N LEU A 76 1.28 -13.67 -15.64
CA LEU A 76 2.16 -14.76 -16.03
C LEU A 76 2.09 -15.05 -17.53
N PHE A 77 1.27 -16.04 -17.90
CA PHE A 77 1.19 -16.50 -19.28
C PHE A 77 -0.04 -15.95 -20.00
N ASN A 78 -0.75 -15.03 -19.35
CA ASN A 78 -1.92 -14.41 -19.97
C ASN A 78 -1.49 -13.35 -20.99
N GLU A 79 -2.47 -12.74 -21.63
CA GLU A 79 -2.24 -11.85 -22.78
C GLU A 79 -1.13 -10.82 -22.54
N PRO A 80 -1.27 -9.89 -21.56
CA PRO A 80 -0.20 -8.94 -21.22
C PRO A 80 1.15 -9.61 -20.99
N ALA A 81 1.15 -10.63 -20.13
CA ALA A 81 2.33 -11.44 -19.82
C ALA A 81 3.36 -10.68 -19.00
N HIS A 82 3.80 -11.33 -17.94
CA HIS A 82 4.77 -10.77 -17.00
C HIS A 82 4.31 -9.42 -16.47
N THR A 83 3.07 -9.38 -16.00
CA THR A 83 2.46 -8.14 -15.54
C THR A 83 1.51 -8.40 -14.39
N LEU A 84 1.10 -7.33 -13.70
CA LEU A 84 0.15 -7.44 -12.61
C LEU A 84 -1.16 -6.78 -13.03
N TYR A 85 -2.26 -7.26 -12.46
CA TYR A 85 -3.55 -6.61 -12.61
C TYR A 85 -4.40 -6.97 -11.39
N GLY A 86 -5.71 -6.96 -11.52
CA GLY A 86 -6.56 -7.19 -10.38
C GLY A 86 -7.05 -5.90 -9.78
N GLN A 87 -7.17 -5.90 -8.48
CA GLN A 87 -7.82 -4.84 -7.79
C GLN A 87 -7.07 -4.54 -6.50
N LEU A 88 -7.28 -3.35 -5.98
CA LEU A 88 -6.59 -2.91 -4.79
C LEU A 88 -7.51 -2.06 -3.94
N ASP A 89 -7.51 -2.31 -2.65
CA ASP A 89 -8.40 -1.63 -1.75
C ASP A 89 -7.64 -1.15 -0.52
N SER A 90 -6.99 -2.10 0.12
CA SER A 90 -6.27 -1.82 1.35
C SER A 90 -4.76 -1.85 1.16
N LEU A 91 -4.08 -1.18 2.08
CA LEU A 91 -2.62 -1.20 2.18
C LEU A 91 -2.28 -1.25 3.66
N SER A 92 -1.11 -1.73 4.00
CA SER A 92 -0.66 -1.71 5.35
C SER A 92 0.84 -1.53 5.40
N PHE A 93 1.28 -0.35 5.77
CA PHE A 93 2.70 -0.05 5.83
C PHE A 93 3.20 -0.34 7.22
N GLY A 94 4.44 -0.77 7.33
CA GLY A 94 5.02 -0.93 8.64
C GLY A 94 6.38 -1.58 8.60
N ASP A 95 7.12 -1.46 9.69
CA ASP A 95 8.42 -2.10 9.78
C ASP A 95 8.30 -3.51 10.36
N GLY A 96 8.70 -4.48 9.54
CA GLY A 96 8.78 -5.86 9.99
C GLY A 96 7.49 -6.62 9.85
N LEU A 97 7.41 -7.49 8.86
CA LEU A 97 6.28 -8.39 8.75
C LEU A 97 6.54 -9.66 9.53
N SER A 98 5.48 -10.36 9.84
CA SER A 98 5.56 -11.60 10.58
C SER A 98 4.47 -12.57 10.13
N GLY A 99 4.62 -13.81 10.57
CA GLY A 99 3.63 -14.84 10.33
C GLY A 99 3.48 -15.20 8.86
N GLY A 100 4.56 -15.12 8.11
CA GLY A 100 4.48 -15.34 6.68
C GLY A 100 4.63 -16.79 6.26
N ASP A 101 4.41 -17.71 7.17
CA ASP A 101 4.53 -19.13 6.86
C ASP A 101 3.20 -19.71 6.42
N THR A 102 2.35 -20.01 7.40
CA THR A 102 1.06 -20.59 7.12
C THR A 102 -0.06 -19.63 7.48
N SER A 103 0.34 -18.40 7.78
CA SER A 103 -0.62 -17.36 8.11
C SER A 103 -0.39 -16.18 7.17
N PRO A 104 -1.31 -15.22 7.15
CA PRO A 104 -1.19 -14.00 6.35
C PRO A 104 -0.23 -13.01 7.03
N TYR A 105 0.42 -12.19 6.22
CA TYR A 105 1.43 -11.27 6.75
C TYR A 105 0.82 -10.24 7.66
N SER A 106 1.58 -9.90 8.68
CA SER A 106 1.13 -8.99 9.71
C SER A 106 2.29 -8.12 10.15
N ILE A 107 2.01 -6.84 10.36
CA ILE A 107 3.06 -5.90 10.69
C ILE A 107 3.41 -5.99 12.18
N GLN A 108 4.68 -6.24 12.45
CA GLN A 108 5.18 -6.31 13.82
C GLN A 108 5.03 -4.95 14.51
N VAL A 109 5.48 -3.90 13.82
CA VAL A 109 5.26 -2.54 14.28
C VAL A 109 4.30 -1.84 13.31
N PRO A 110 3.00 -1.94 13.61
CA PRO A 110 1.93 -1.44 12.72
C PRO A 110 2.00 0.06 12.46
N ASP A 111 2.49 0.41 11.28
CA ASP A 111 2.47 1.79 10.81
C ASP A 111 1.11 2.08 10.16
N VAL A 112 1.05 3.17 9.42
CA VAL A 112 -0.18 3.58 8.75
C VAL A 112 -0.63 2.58 7.70
N SER A 113 -1.92 2.34 7.68
CA SER A 113 -2.54 1.44 6.73
C SER A 113 -3.51 2.22 5.84
N PHE A 114 -4.15 1.53 4.92
CA PHE A 114 -5.12 2.13 4.02
C PHE A 114 -6.25 1.14 3.76
N GLY A 115 -7.42 1.64 3.45
CA GLY A 115 -8.52 0.76 3.10
C GLY A 115 -9.61 1.50 2.36
N GLY A 116 -10.09 0.93 1.27
CA GLY A 116 -11.18 1.54 0.54
C GLY A 116 -10.76 2.22 -0.75
N LEU A 117 -9.56 1.93 -1.24
CA LEU A 117 -9.12 2.49 -2.52
C LEU A 117 -10.09 2.05 -3.62
N ASN A 118 -10.42 0.76 -3.58
CA ASN A 118 -11.45 0.15 -4.42
C ASN A 118 -11.15 0.29 -5.91
N LEU A 119 -9.91 0.56 -6.25
CA LEU A 119 -9.51 0.72 -7.61
C LEU A 119 -9.03 -0.61 -8.19
N SER A 120 -9.54 -0.91 -9.35
CA SER A 120 -9.23 -2.15 -10.02
C SER A 120 -8.90 -1.87 -11.48
N SER A 121 -8.31 -2.84 -12.17
CA SER A 121 -8.02 -2.67 -13.59
C SER A 121 -8.19 -3.97 -14.35
N LEU A 122 -8.54 -3.86 -15.62
CA LEU A 122 -8.80 -5.01 -16.48
C LEU A 122 -7.55 -5.84 -16.76
N GLN A 123 -7.75 -7.05 -17.27
CA GLN A 123 -6.68 -7.98 -17.59
C GLN A 123 -5.59 -7.32 -18.44
N ALA A 124 -5.98 -6.78 -19.59
CA ALA A 124 -5.02 -6.28 -20.57
C ALA A 124 -4.52 -4.88 -20.23
N GLN A 125 -4.73 -4.43 -18.99
CA GLN A 125 -4.25 -3.12 -18.56
C GLN A 125 -2.74 -3.14 -18.33
N GLY A 126 -2.19 -4.35 -18.24
CA GLY A 126 -0.77 -4.56 -18.06
C GLY A 126 -0.13 -3.62 -17.05
N HIS A 127 0.87 -2.88 -17.48
CA HIS A 127 1.63 -2.00 -16.58
C HIS A 127 0.88 -0.71 -16.31
N ASP A 128 -0.07 -0.36 -17.17
CA ASP A 128 -0.75 0.92 -17.08
C ASP A 128 -1.91 0.84 -16.10
N GLY A 129 -2.34 -0.38 -15.79
CA GLY A 129 -3.35 -0.56 -14.77
C GLY A 129 -2.91 0.02 -13.45
N VAL A 130 -3.71 0.94 -12.91
CA VAL A 130 -3.37 1.66 -11.68
C VAL A 130 -2.94 0.74 -10.54
N VAL A 131 -3.52 -0.46 -10.46
CA VAL A 131 -3.14 -1.41 -9.43
C VAL A 131 -1.69 -1.85 -9.60
N HIS A 132 -1.30 -2.08 -10.85
CA HIS A 132 0.08 -2.43 -11.20
C HIS A 132 1.01 -1.27 -10.87
N GLN A 133 0.51 -0.07 -11.11
CA GLN A 133 1.27 1.14 -10.87
C GLN A 133 1.59 1.29 -9.40
N VAL A 134 0.54 1.42 -8.60
CA VAL A 134 0.66 1.66 -7.17
C VAL A 134 1.46 0.59 -6.43
N VAL A 135 1.30 -0.68 -6.83
CA VAL A 135 1.99 -1.77 -6.16
C VAL A 135 3.50 -1.66 -6.38
N TYR A 136 3.90 -1.37 -7.61
CA TYR A 136 5.30 -1.18 -7.92
C TYR A 136 5.80 0.13 -7.32
N GLY A 137 4.89 1.09 -7.17
CA GLY A 137 5.21 2.30 -6.45
C GLY A 137 5.59 1.98 -5.01
N LEU A 138 4.69 1.27 -4.33
CA LEU A 138 4.92 0.81 -2.96
C LEU A 138 6.28 0.14 -2.86
N MET A 139 6.43 -0.93 -3.64
CA MET A 139 7.63 -1.76 -3.66
C MET A 139 8.91 -0.98 -3.97
N SER A 140 8.79 0.13 -4.66
CA SER A 140 9.98 0.92 -5.00
C SER A 140 10.23 2.02 -3.98
N GLY A 141 9.34 2.14 -2.99
CA GLY A 141 9.46 3.22 -2.04
C GLY A 141 8.91 4.51 -2.59
N ASP A 142 7.95 4.40 -3.50
CA ASP A 142 7.36 5.55 -4.14
C ASP A 142 5.96 5.81 -3.62
N THR A 143 5.68 7.07 -3.33
CA THR A 143 4.36 7.45 -2.88
C THR A 143 3.66 8.29 -3.93
N GLY A 144 4.26 8.38 -5.12
CA GLY A 144 3.72 9.20 -6.18
C GLY A 144 2.51 8.57 -6.84
N ALA A 145 2.57 7.28 -7.09
CA ALA A 145 1.44 6.59 -7.67
C ALA A 145 0.36 6.41 -6.61
N LEU A 146 0.79 6.35 -5.36
CA LEU A 146 -0.14 6.17 -4.26
C LEU A 146 -0.91 7.46 -4.01
N GLU A 147 -0.19 8.58 -3.94
CA GLU A 147 -0.82 9.89 -3.73
C GLU A 147 -1.85 10.16 -4.81
N THR A 148 -1.57 9.71 -6.03
CA THR A 148 -2.46 9.94 -7.15
C THR A 148 -3.70 9.07 -7.01
N ALA A 149 -3.50 7.85 -6.53
CA ALA A 149 -4.60 6.93 -6.26
C ALA A 149 -5.48 7.46 -5.14
N LEU A 150 -4.83 7.87 -4.06
CA LEU A 150 -5.51 8.47 -2.91
C LEU A 150 -6.35 9.65 -3.35
N ASN A 151 -5.75 10.51 -4.16
CA ASN A 151 -6.43 11.70 -4.68
C ASN A 151 -7.72 11.34 -5.41
N GLY A 152 -7.88 10.07 -5.75
CA GLY A 152 -9.04 9.65 -6.51
C GLY A 152 -10.29 9.67 -5.67
N ILE A 153 -10.17 9.25 -4.42
CA ILE A 153 -11.29 9.32 -3.50
C ILE A 153 -11.42 10.72 -2.92
N LEU A 154 -10.31 11.24 -2.39
CA LEU A 154 -10.29 12.54 -1.72
C LEU A 154 -10.84 13.66 -2.60
N ASP A 155 -10.48 13.67 -3.87
CA ASP A 155 -10.84 14.77 -4.78
C ASP A 155 -12.35 14.89 -4.93
N ASP A 156 -13.08 13.81 -4.69
CA ASP A 156 -14.53 13.83 -4.79
C ASP A 156 -15.12 14.68 -3.66
N TYR A 157 -14.36 14.79 -2.57
CA TYR A 157 -14.78 15.58 -1.42
C TYR A 157 -13.89 16.81 -1.27
N GLY A 158 -12.93 16.95 -2.20
CA GLY A 158 -12.08 18.12 -2.22
C GLY A 158 -10.81 17.99 -1.41
N LEU A 159 -10.43 16.76 -1.06
CA LEU A 159 -9.21 16.55 -0.30
C LEU A 159 -8.09 16.13 -1.25
N SER A 160 -6.96 15.71 -0.69
CA SER A 160 -5.85 15.27 -1.49
C SER A 160 -4.85 14.49 -0.62
N VAL A 161 -3.79 13.97 -1.23
CA VAL A 161 -2.73 13.31 -0.47
C VAL A 161 -2.12 14.28 0.56
N ASN A 162 -2.21 15.58 0.27
CA ASN A 162 -1.66 16.61 1.15
C ASN A 162 -2.68 17.08 2.18
N SER A 163 -3.59 16.20 2.54
CA SER A 163 -4.53 16.47 3.62
C SER A 163 -3.85 16.10 4.94
N THR A 164 -4.56 15.40 5.82
CA THR A 164 -4.02 14.99 7.11
C THR A 164 -4.80 13.79 7.65
N PHE A 165 -4.09 12.86 8.29
CA PHE A 165 -4.65 11.58 8.76
C PHE A 165 -6.02 11.72 9.42
N ASP A 166 -6.13 12.65 10.37
CA ASP A 166 -7.37 12.81 11.13
C ASP A 166 -8.48 13.40 10.27
N GLN A 167 -8.09 14.09 9.21
CA GLN A 167 -9.05 14.68 8.28
C GLN A 167 -9.49 13.65 7.24
N VAL A 168 -8.52 13.01 6.60
CA VAL A 168 -8.80 12.06 5.53
C VAL A 168 -9.74 10.95 6.00
N ALA A 169 -9.32 10.25 7.05
CA ALA A 169 -10.11 9.16 7.60
C ALA A 169 -11.53 9.61 7.92
N ALA A 170 -11.65 10.75 8.59
CA ALA A 170 -12.95 11.29 8.96
C ALA A 170 -13.76 11.70 7.72
N ALA A 171 -13.07 12.22 6.71
CA ALA A 171 -13.73 12.74 5.53
C ALA A 171 -14.26 11.62 4.68
N THR A 172 -13.60 10.49 4.74
CA THR A 172 -14.04 9.35 3.98
C THR A 172 -15.03 8.54 4.79
N ALA A 173 -14.96 8.75 6.09
CA ALA A 173 -15.84 8.09 7.04
C ALA A 173 -17.24 8.68 6.99
N VAL A 174 -17.30 10.00 6.97
CA VAL A 174 -18.56 10.71 7.12
C VAL A 174 -18.45 12.11 6.53
N GLY A 175 -17.22 12.51 6.21
CA GLY A 175 -16.99 13.79 5.60
C GLY A 175 -17.59 13.88 4.21
N VAL A 176 -17.82 12.71 3.69
CA VAL A 176 -18.48 12.48 2.44
C VAL A 176 -19.68 13.40 2.21
N GLN A 177 -19.53 14.29 1.23
CA GLN A 177 -20.52 15.34 0.95
C GLN A 177 -20.62 16.31 2.10
N HIS A 178 -20.05 17.49 1.91
CA HIS A 178 -20.06 18.54 2.92
C HIS A 178 -21.29 19.42 2.72
N ALA A 1 4.85 15.94 3.84
CA ALA A 1 5.46 14.73 3.23
C ALA A 1 4.39 13.69 2.91
N PHE A 2 3.56 13.39 3.90
CA PHE A 2 2.50 12.40 3.75
C PHE A 2 1.28 13.02 3.09
N SER A 3 0.59 12.21 2.29
CA SER A 3 -0.69 12.59 1.70
C SER A 3 -1.38 11.32 1.18
N VAL A 4 -2.64 11.45 0.82
CA VAL A 4 -3.30 10.41 0.04
C VAL A 4 -3.07 10.72 -1.41
N ASN A 5 -2.48 9.78 -2.10
CA ASN A 5 -2.09 10.00 -3.45
C ASN A 5 -3.12 9.44 -4.40
N TYR A 6 -4.35 9.73 -4.07
CA TYR A 6 -5.45 9.38 -4.92
C TYR A 6 -5.41 10.28 -6.13
N ASP A 7 -5.89 9.80 -7.26
CA ASP A 7 -6.02 10.67 -8.41
C ASP A 7 -7.03 11.76 -8.11
N SER A 8 -6.53 13.00 -7.97
CA SER A 8 -7.32 14.21 -7.72
C SER A 8 -8.63 14.25 -8.50
N SER A 9 -9.59 13.48 -8.00
CA SER A 9 -10.93 13.41 -8.53
C SER A 9 -11.81 12.61 -7.56
N PHE A 10 -11.20 11.62 -6.90
CA PHE A 10 -11.92 10.79 -5.93
C PHE A 10 -11.86 11.40 -4.53
N GLY A 11 -11.55 12.69 -4.44
CA GLY A 11 -11.29 13.31 -3.15
C GLY A 11 -12.56 13.53 -2.35
N GLY A 12 -13.05 12.45 -1.77
CA GLY A 12 -14.26 12.49 -0.97
C GLY A 12 -14.53 11.16 -0.31
N TYR A 13 -13.75 10.15 -0.67
CA TYR A 13 -13.80 8.87 0.02
C TYR A 13 -13.12 8.99 1.36
N SER A 14 -13.75 8.46 2.39
CA SER A 14 -13.03 8.21 3.61
C SER A 14 -12.03 7.11 3.27
N ILE A 15 -10.77 7.27 3.66
CA ILE A 15 -9.73 6.35 3.25
C ILE A 15 -10.17 4.89 3.41
N HIS A 16 -10.68 4.55 4.60
CA HIS A 16 -11.13 3.19 4.89
C HIS A 16 -12.21 2.73 3.89
N ASP A 17 -12.99 3.68 3.39
CA ASP A 17 -14.08 3.40 2.46
C ASP A 17 -13.56 2.93 1.11
N TYR A 18 -12.74 3.77 0.48
CA TYR A 18 -12.24 3.44 -0.85
C TYR A 18 -11.35 2.20 -0.79
N LEU A 19 -10.47 2.18 0.19
CA LEU A 19 -9.56 1.05 0.34
C LEU A 19 -10.35 -0.25 0.48
N GLY A 20 -11.43 -0.19 1.26
CA GLY A 20 -12.34 -1.34 1.38
C GLY A 20 -12.95 -1.72 0.06
N GLN A 21 -13.32 -0.71 -0.73
CA GLN A 21 -13.86 -0.92 -2.06
C GLN A 21 -12.83 -1.58 -2.98
N TRP A 22 -11.60 -1.12 -2.89
CA TRP A 22 -10.49 -1.71 -3.63
C TRP A 22 -10.33 -3.17 -3.25
N ALA A 23 -10.43 -3.44 -1.96
CA ALA A 23 -10.32 -4.80 -1.47
C ALA A 23 -11.52 -5.64 -1.89
N SER A 24 -12.64 -4.98 -2.13
CA SER A 24 -13.84 -5.65 -2.60
C SER A 24 -13.57 -6.27 -3.97
N THR A 25 -13.12 -5.45 -4.90
CA THR A 25 -12.78 -5.90 -6.24
C THR A 25 -11.61 -6.88 -6.19
N PHE A 26 -10.67 -6.63 -5.26
CA PHE A 26 -9.54 -7.54 -5.04
C PHE A 26 -10.04 -8.95 -4.73
N GLY A 27 -11.08 -9.03 -3.91
CA GLY A 27 -11.66 -10.31 -3.53
C GLY A 27 -12.44 -10.98 -4.65
N ASP A 28 -12.88 -10.21 -5.63
CA ASP A 28 -13.73 -10.74 -6.70
C ASP A 28 -12.94 -11.60 -7.67
N VAL A 29 -13.10 -12.91 -7.55
CA VAL A 29 -12.38 -13.89 -8.35
C VAL A 29 -12.74 -13.85 -9.84
N ASN A 30 -13.66 -12.98 -10.23
CA ASN A 30 -14.20 -12.99 -11.59
C ASN A 30 -13.28 -12.28 -12.56
N HIS A 31 -12.32 -11.52 -12.03
CA HIS A 31 -11.31 -10.86 -12.83
C HIS A 31 -11.98 -9.97 -13.90
N THR A 32 -11.34 -9.86 -15.06
CA THR A 32 -11.77 -9.03 -16.19
C THR A 32 -11.93 -7.55 -15.85
N ASN A 33 -11.47 -6.71 -16.77
CA ASN A 33 -11.57 -5.26 -16.63
C ASN A 33 -11.34 -4.62 -18.00
N GLY A 34 -12.28 -3.80 -18.44
CA GLY A 34 -12.17 -3.17 -19.73
C GLY A 34 -11.04 -2.15 -19.80
N ASN A 35 -10.51 -1.78 -18.65
CA ASN A 35 -9.45 -0.79 -18.58
C ASN A 35 -8.13 -1.41 -18.16
N VAL A 36 -8.04 -2.73 -18.22
CA VAL A 36 -6.85 -3.41 -17.80
C VAL A 36 -6.46 -4.47 -18.83
N THR A 37 -5.18 -4.53 -19.18
CA THR A 37 -4.72 -5.45 -20.19
C THR A 37 -3.82 -6.53 -19.61
N ASP A 38 -2.60 -6.13 -19.29
CA ASP A 38 -1.57 -7.05 -18.84
C ASP A 38 -1.90 -7.63 -17.48
N ALA A 39 -1.88 -6.76 -16.47
CA ALA A 39 -2.18 -7.15 -15.09
C ALA A 39 -1.13 -8.10 -14.54
N ASN A 40 0.01 -7.54 -14.11
CA ASN A 40 1.09 -8.31 -13.52
C ASN A 40 0.78 -8.61 -12.05
N SER A 41 1.42 -9.65 -11.54
CA SER A 41 1.06 -10.22 -10.25
C SER A 41 1.87 -9.65 -9.09
N GLY A 42 3.04 -9.14 -9.38
CA GLY A 42 3.88 -8.60 -8.33
C GLY A 42 4.70 -9.67 -7.65
N GLY A 43 5.97 -9.39 -7.42
CA GLY A 43 6.87 -10.38 -6.85
C GLY A 43 8.22 -9.78 -6.50
N PHE A 44 8.23 -8.78 -5.63
CA PHE A 44 9.46 -8.05 -5.29
C PHE A 44 10.06 -7.33 -6.48
N TYR A 45 10.88 -6.34 -6.18
CA TYR A 45 11.48 -5.49 -7.19
C TYR A 45 13.00 -5.43 -7.07
N GLY A 46 13.51 -5.43 -5.85
CA GLY A 46 14.93 -5.23 -5.63
C GLY A 46 15.75 -6.49 -5.80
N GLY A 47 15.10 -7.64 -5.69
CA GLY A 47 15.81 -8.89 -5.84
C GLY A 47 14.92 -10.10 -5.61
N SER A 48 15.44 -11.09 -4.91
CA SER A 48 14.73 -12.35 -4.71
C SER A 48 13.66 -12.20 -3.64
N LEU A 49 13.89 -11.31 -2.69
CA LEU A 49 12.98 -11.14 -1.57
C LEU A 49 13.24 -9.83 -0.83
N SER A 50 13.75 -8.85 -1.54
CA SER A 50 14.03 -7.56 -0.94
C SER A 50 13.87 -6.45 -1.97
N GLY A 51 14.04 -5.21 -1.52
CA GLY A 51 14.02 -4.10 -2.43
C GLY A 51 13.40 -2.87 -1.82
N SER A 52 13.46 -1.77 -2.53
CA SER A 52 12.86 -0.53 -2.07
C SER A 52 11.40 -0.49 -2.49
N GLN A 53 10.97 -1.51 -3.23
CA GLN A 53 9.61 -1.59 -3.71
C GLN A 53 9.16 -3.06 -3.77
N TYR A 54 7.87 -3.28 -3.61
CA TYR A 54 7.29 -4.62 -3.56
C TYR A 54 5.84 -4.55 -4.01
N ALA A 55 5.60 -4.85 -5.27
CA ALA A 55 4.24 -4.82 -5.79
C ALA A 55 3.59 -6.18 -5.68
N ILE A 56 2.26 -6.18 -5.65
CA ILE A 56 1.46 -7.37 -5.47
C ILE A 56 0.13 -7.19 -6.17
N SER A 57 -0.40 -8.26 -6.68
CA SER A 57 -1.73 -8.24 -7.25
C SER A 57 -2.61 -9.26 -6.55
N SER A 58 -3.90 -9.22 -6.85
CA SER A 58 -4.87 -10.10 -6.22
C SER A 58 -4.48 -11.57 -6.41
N THR A 59 -4.71 -12.35 -5.37
CA THR A 59 -4.52 -13.78 -5.46
C THR A 59 -5.78 -14.44 -6.01
N ALA A 60 -6.89 -13.73 -5.90
CA ALA A 60 -8.19 -14.21 -6.35
C ALA A 60 -8.35 -14.03 -7.86
N ASN A 61 -8.15 -12.80 -8.32
CA ASN A 61 -8.43 -12.47 -9.73
C ASN A 61 -7.18 -11.98 -10.44
N GLN A 62 -6.09 -11.91 -9.68
CA GLN A 62 -4.79 -11.44 -10.16
C GLN A 62 -4.86 -10.19 -11.06
N VAL A 63 -5.77 -9.26 -10.74
CA VAL A 63 -5.77 -7.96 -11.39
C VAL A 63 -5.64 -6.84 -10.36
N THR A 64 -6.55 -6.79 -9.40
CA THR A 64 -6.56 -5.75 -8.38
C THR A 64 -5.26 -5.77 -7.59
N ALA A 65 -4.40 -4.79 -7.83
CA ALA A 65 -3.05 -4.82 -7.34
C ALA A 65 -2.73 -3.69 -6.35
N PHE A 66 -1.49 -3.71 -5.88
CA PHE A 66 -1.00 -2.78 -4.88
C PHE A 66 0.53 -2.72 -4.99
N VAL A 67 1.08 -1.52 -4.99
CA VAL A 67 2.52 -1.35 -5.07
C VAL A 67 3.06 -0.71 -3.80
N ALA A 68 3.87 -1.47 -3.05
CA ALA A 68 4.50 -0.95 -1.84
C ALA A 68 5.84 -0.30 -2.16
N GLY A 69 6.20 0.70 -1.38
CA GLY A 69 7.46 1.37 -1.59
C GLY A 69 8.05 1.91 -0.30
N GLY A 70 9.28 1.52 -0.02
CA GLY A 70 9.95 1.92 1.20
C GLY A 70 11.35 1.37 1.27
N ASN A 71 11.60 0.51 2.25
CA ASN A 71 12.90 -0.14 2.37
C ASN A 71 12.68 -1.53 2.97
N LEU A 72 11.72 -2.25 2.38
CA LEU A 72 11.34 -3.58 2.82
C LEU A 72 12.49 -4.56 2.67
N THR A 73 12.55 -5.49 3.61
CA THR A 73 13.61 -6.48 3.64
C THR A 73 13.12 -7.79 4.25
N TYR A 74 13.53 -8.90 3.66
CA TYR A 74 13.18 -10.22 4.14
C TYR A 74 14.29 -10.72 5.07
N THR A 75 13.90 -11.26 6.22
CA THR A 75 14.85 -11.65 7.26
C THR A 75 15.81 -12.75 6.80
N LEU A 76 15.26 -13.75 6.10
CA LEU A 76 16.02 -14.89 5.64
C LEU A 76 16.70 -15.60 6.81
N PHE A 77 17.95 -15.25 7.05
CA PHE A 77 18.74 -15.86 8.11
C PHE A 77 18.75 -14.99 9.36
N ASN A 78 18.09 -13.84 9.28
CA ASN A 78 18.04 -12.91 10.40
C ASN A 78 17.09 -13.41 11.48
N GLU A 79 17.16 -12.80 12.67
CA GLU A 79 16.55 -13.34 13.88
C GLU A 79 15.10 -13.82 13.71
N PRO A 80 14.14 -12.96 13.31
CA PRO A 80 12.74 -13.40 13.10
C PRO A 80 12.63 -14.65 12.21
N ALA A 81 13.48 -14.73 11.18
CA ALA A 81 13.54 -15.89 10.27
C ALA A 81 12.26 -16.06 9.45
N HIS A 82 12.41 -15.93 8.13
CA HIS A 82 11.28 -16.02 7.21
C HIS A 82 10.21 -15.00 7.56
N THR A 83 10.62 -13.74 7.52
CA THR A 83 9.77 -12.64 7.97
C THR A 83 10.09 -11.38 7.18
N LEU A 84 9.12 -10.48 7.07
CA LEU A 84 9.33 -9.20 6.41
C LEU A 84 9.51 -8.09 7.45
N TYR A 85 10.31 -7.10 7.10
CA TYR A 85 10.48 -5.89 7.91
C TYR A 85 10.95 -4.76 7.00
N GLY A 86 11.65 -3.79 7.55
CA GLY A 86 12.14 -2.69 6.75
C GLY A 86 11.24 -1.47 6.79
N GLN A 87 11.51 -0.54 5.89
CA GLN A 87 10.84 0.74 5.88
C GLN A 87 9.66 0.76 4.93
N LEU A 88 8.85 1.77 5.09
CA LEU A 88 7.66 1.96 4.27
C LEU A 88 7.32 3.44 4.19
N ASP A 89 6.98 3.89 3.00
CA ASP A 89 6.60 5.28 2.81
C ASP A 89 5.39 5.39 1.90
N SER A 90 5.50 4.79 0.73
CA SER A 90 4.46 4.89 -0.26
C SER A 90 3.74 3.57 -0.52
N LEU A 91 2.50 3.70 -1.00
CA LEU A 91 1.68 2.59 -1.47
C LEU A 91 0.98 3.05 -2.73
N SER A 92 0.49 2.14 -3.54
CA SER A 92 -0.21 2.50 -4.73
C SER A 92 -1.23 1.43 -5.09
N PHE A 93 -2.51 1.77 -5.00
CA PHE A 93 -3.56 0.82 -5.30
C PHE A 93 -4.09 1.05 -6.70
N GLY A 94 -4.34 -0.03 -7.42
CA GLY A 94 -4.97 0.09 -8.72
C GLY A 94 -5.17 -1.26 -9.37
N ASP A 95 -6.01 -1.32 -10.39
CA ASP A 95 -6.25 -2.58 -11.09
C ASP A 95 -5.20 -2.79 -12.18
N GLY A 96 -4.64 -4.00 -12.21
CA GLY A 96 -3.72 -4.40 -13.26
C GLY A 96 -2.39 -3.67 -13.25
N LEU A 97 -1.32 -4.40 -12.96
CA LEU A 97 0.02 -3.86 -13.13
C LEU A 97 0.49 -4.10 -14.55
N SER A 98 1.41 -3.29 -14.97
CA SER A 98 2.05 -3.45 -16.26
C SER A 98 3.46 -2.88 -16.17
N GLY A 99 4.16 -2.91 -17.28
CA GLY A 99 5.47 -2.31 -17.33
C GLY A 99 6.56 -3.35 -17.25
N GLY A 100 7.27 -3.37 -16.13
CA GLY A 100 8.40 -4.27 -16.01
C GLY A 100 9.47 -3.90 -17.01
N ASP A 101 9.88 -2.65 -16.96
CA ASP A 101 10.80 -2.11 -17.95
C ASP A 101 12.22 -2.51 -17.62
N THR A 102 12.77 -1.92 -16.58
CA THR A 102 14.03 -2.39 -16.03
C THR A 102 13.75 -3.31 -14.85
N SER A 103 12.61 -3.06 -14.21
CA SER A 103 12.20 -3.77 -13.01
C SER A 103 10.86 -3.24 -12.47
N PRO A 104 10.78 -1.92 -12.20
CA PRO A 104 9.59 -1.27 -11.61
C PRO A 104 8.27 -1.60 -12.31
N TYR A 105 7.29 -1.95 -11.49
CA TYR A 105 5.92 -2.12 -11.94
C TYR A 105 5.25 -0.77 -12.15
N SER A 106 4.07 -0.78 -12.77
CA SER A 106 3.29 0.43 -12.96
C SER A 106 1.80 0.07 -13.02
N ILE A 107 0.97 0.92 -12.46
CA ILE A 107 -0.45 0.66 -12.36
C ILE A 107 -1.17 1.07 -13.65
N GLN A 108 -1.82 0.10 -14.30
CA GLN A 108 -2.55 0.35 -15.53
C GLN A 108 -3.75 1.27 -15.29
N VAL A 109 -4.45 1.04 -14.18
CA VAL A 109 -5.49 1.95 -13.74
C VAL A 109 -5.02 2.70 -12.50
N PRO A 110 -4.38 3.85 -12.71
CA PRO A 110 -3.82 4.67 -11.63
C PRO A 110 -4.90 5.18 -10.67
N ASP A 111 -5.13 4.42 -9.62
CA ASP A 111 -6.12 4.77 -8.62
C ASP A 111 -5.45 5.41 -7.42
N VAL A 112 -6.09 5.28 -6.26
CA VAL A 112 -5.58 5.88 -5.03
C VAL A 112 -4.24 5.30 -4.64
N SER A 113 -3.40 6.14 -4.07
CA SER A 113 -2.09 5.75 -3.63
C SER A 113 -1.81 6.35 -2.27
N PHE A 114 -0.64 6.06 -1.73
CA PHE A 114 -0.23 6.61 -0.45
C PHE A 114 1.24 7.01 -0.52
N GLY A 115 1.62 8.04 0.22
CA GLY A 115 3.03 8.40 0.29
C GLY A 115 3.30 9.31 1.46
N GLY A 116 4.47 9.17 2.06
CA GLY A 116 4.84 10.05 3.15
C GLY A 116 4.68 9.41 4.53
N LEU A 117 4.39 8.12 4.56
CA LEU A 117 4.26 7.39 5.82
C LEU A 117 5.54 7.54 6.64
N ASN A 118 6.67 7.23 6.00
CA ASN A 118 7.97 7.18 6.66
C ASN A 118 7.90 6.35 7.94
N LEU A 119 7.35 5.15 7.81
CA LEU A 119 7.27 4.23 8.92
C LEU A 119 8.29 3.10 8.73
N SER A 120 9.35 3.13 9.52
CA SER A 120 10.37 2.13 9.41
C SER A 120 10.30 1.13 10.58
N SER A 121 10.33 -0.14 10.24
CA SER A 121 10.21 -1.19 11.24
C SER A 121 11.57 -1.82 11.53
N LEU A 122 11.80 -2.15 12.79
CA LEU A 122 13.06 -2.75 13.22
C LEU A 122 13.15 -4.21 12.80
N GLN A 123 14.35 -4.78 12.95
CA GLN A 123 14.62 -6.16 12.55
C GLN A 123 13.71 -7.16 13.26
N ALA A 124 13.74 -7.14 14.58
CA ALA A 124 13.05 -8.16 15.38
C ALA A 124 11.54 -7.95 15.41
N GLN A 125 11.05 -7.01 14.61
CA GLN A 125 9.62 -6.78 14.47
C GLN A 125 8.98 -7.84 13.59
N GLY A 126 9.22 -9.10 13.93
CA GLY A 126 8.73 -10.21 13.13
C GLY A 126 7.22 -10.26 13.05
N HIS A 127 6.70 -9.95 11.87
CA HIS A 127 5.27 -10.02 11.55
C HIS A 127 4.49 -8.89 12.21
N ASP A 128 4.83 -8.57 13.45
CA ASP A 128 4.11 -7.55 14.21
C ASP A 128 4.60 -6.15 13.83
N GLY A 129 5.70 -6.10 13.09
CA GLY A 129 6.14 -4.85 12.52
C GLY A 129 5.13 -4.35 11.50
N VAL A 130 4.66 -3.12 11.69
CA VAL A 130 3.55 -2.58 10.93
C VAL A 130 3.75 -2.67 9.41
N VAL A 131 5.00 -2.63 8.96
CA VAL A 131 5.28 -2.74 7.54
C VAL A 131 4.93 -4.13 7.02
N HIS A 132 5.31 -5.15 7.79
CA HIS A 132 4.97 -6.53 7.48
C HIS A 132 3.46 -6.71 7.51
N GLN A 133 2.82 -6.00 8.43
CA GLN A 133 1.38 -6.07 8.61
C GLN A 133 0.67 -5.56 7.38
N VAL A 134 0.88 -4.29 7.11
CA VAL A 134 0.18 -3.58 6.04
C VAL A 134 0.41 -4.21 4.68
N VAL A 135 1.63 -4.67 4.41
CA VAL A 135 1.96 -5.25 3.11
C VAL A 135 1.23 -6.58 2.92
N TYR A 136 1.23 -7.41 3.94
CA TYR A 136 0.56 -8.70 3.87
C TYR A 136 -0.95 -8.52 3.93
N GLY A 137 -1.38 -7.47 4.64
CA GLY A 137 -2.77 -7.10 4.61
C GLY A 137 -3.20 -6.71 3.21
N LEU A 138 -2.46 -5.80 2.61
CA LEU A 138 -2.68 -5.39 1.22
C LEU A 138 -2.75 -6.62 0.32
N MET A 139 -1.75 -7.48 0.44
CA MET A 139 -1.65 -8.71 -0.33
C MET A 139 -2.87 -9.62 -0.14
N SER A 140 -3.51 -9.51 1.01
CA SER A 140 -4.66 -10.32 1.33
C SER A 140 -5.97 -9.60 1.02
N GLY A 141 -5.88 -8.31 0.74
CA GLY A 141 -7.07 -7.52 0.52
C GLY A 141 -7.62 -6.94 1.82
N ASP A 142 -6.74 -6.72 2.77
CA ASP A 142 -7.13 -6.15 4.06
C ASP A 142 -6.48 -4.79 4.26
N THR A 143 -7.30 -3.80 4.56
CA THR A 143 -6.80 -2.47 4.84
C THR A 143 -7.02 -2.11 6.30
N GLY A 144 -7.30 -3.13 7.10
CA GLY A 144 -7.51 -2.94 8.52
C GLY A 144 -6.21 -2.75 9.26
N ALA A 145 -5.11 -3.10 8.61
CA ALA A 145 -3.80 -2.83 9.16
C ALA A 145 -3.29 -1.48 8.67
N LEU A 146 -3.68 -1.12 7.45
CA LEU A 146 -3.25 0.13 6.85
C LEU A 146 -3.81 1.32 7.63
N GLU A 147 -5.05 1.18 8.09
CA GLU A 147 -5.68 2.21 8.90
C GLU A 147 -4.81 2.56 10.10
N THR A 148 -4.20 1.55 10.70
CA THR A 148 -3.41 1.75 11.89
C THR A 148 -2.11 2.49 11.55
N ALA A 149 -1.53 2.14 10.41
CA ALA A 149 -0.33 2.82 9.94
C ALA A 149 -0.63 4.27 9.56
N LEU A 150 -1.71 4.45 8.81
CA LEU A 150 -2.16 5.77 8.40
C LEU A 150 -2.40 6.68 9.60
N ASN A 151 -3.02 6.11 10.63
CA ASN A 151 -3.32 6.82 11.87
C ASN A 151 -2.07 7.42 12.52
N GLY A 152 -0.89 7.09 12.00
CA GLY A 152 0.33 7.60 12.57
C GLY A 152 0.51 9.08 12.28
N ILE A 153 0.13 9.49 11.08
CA ILE A 153 0.19 10.90 10.72
C ILE A 153 -1.10 11.62 11.12
N LEU A 154 -2.25 11.03 10.76
CA LEU A 154 -3.54 11.66 11.02
C LEU A 154 -3.73 12.02 12.48
N ASP A 155 -3.24 11.19 13.38
CA ASP A 155 -3.43 11.39 14.82
C ASP A 155 -2.87 12.72 15.30
N ASP A 156 -1.84 13.23 14.63
CA ASP A 156 -1.27 14.53 14.97
C ASP A 156 -2.33 15.62 14.82
N TYR A 157 -3.26 15.38 13.91
CA TYR A 157 -4.34 16.32 13.65
C TYR A 157 -5.66 15.79 14.21
N GLY A 158 -5.59 14.57 14.77
CA GLY A 158 -6.76 13.94 15.33
C GLY A 158 -7.61 13.23 14.30
N LEU A 159 -7.03 12.96 13.14
CA LEU A 159 -7.77 12.35 12.05
C LEU A 159 -7.59 10.84 12.05
N SER A 160 -8.09 10.18 11.01
CA SER A 160 -7.95 8.74 10.88
C SER A 160 -8.32 8.28 9.46
N VAL A 161 -8.38 6.97 9.25
CA VAL A 161 -8.79 6.43 7.96
C VAL A 161 -10.18 6.89 7.53
N ASN A 162 -11.04 7.24 8.49
CA ASN A 162 -12.41 7.61 8.15
C ASN A 162 -12.50 9.09 7.80
N SER A 163 -11.37 9.71 7.57
CA SER A 163 -11.33 11.05 7.00
C SER A 163 -11.29 10.95 5.47
N THR A 164 -11.89 11.92 4.80
CA THR A 164 -11.99 11.88 3.34
C THR A 164 -10.65 12.06 2.65
N PHE A 165 -10.56 11.62 1.40
CA PHE A 165 -9.42 11.91 0.55
C PHE A 165 -9.23 13.42 0.50
N ASP A 166 -10.34 14.14 0.60
CA ASP A 166 -10.35 15.58 0.68
C ASP A 166 -9.65 16.05 1.96
N GLN A 167 -10.20 15.67 3.12
CA GLN A 167 -9.67 16.13 4.40
C GLN A 167 -8.24 15.67 4.64
N VAL A 168 -7.97 14.38 4.42
CA VAL A 168 -6.64 13.82 4.65
C VAL A 168 -5.58 14.52 3.81
N ALA A 169 -5.79 14.54 2.51
CA ALA A 169 -4.84 15.17 1.61
C ALA A 169 -4.64 16.63 1.98
N ALA A 170 -5.74 17.34 2.20
CA ALA A 170 -5.69 18.75 2.54
C ALA A 170 -4.94 19.00 3.84
N ALA A 171 -5.11 18.10 4.80
CA ALA A 171 -4.51 18.29 6.10
C ALA A 171 -3.04 17.96 6.07
N THR A 172 -2.65 17.11 5.15
CA THR A 172 -1.26 16.72 5.04
C THR A 172 -0.55 17.62 4.05
N ALA A 173 -1.37 18.25 3.22
CA ALA A 173 -0.89 19.20 2.23
C ALA A 173 -0.56 20.53 2.87
N VAL A 174 -1.48 21.01 3.67
CA VAL A 174 -1.41 22.38 4.17
C VAL A 174 -2.07 22.48 5.53
N GLY A 175 -2.77 21.41 5.92
CA GLY A 175 -3.36 21.33 7.24
C GLY A 175 -2.32 21.27 8.30
N VAL A 176 -1.15 20.88 7.85
CA VAL A 176 0.09 20.90 8.60
C VAL A 176 0.37 22.25 9.25
N GLN A 177 -0.31 22.50 10.37
CA GLN A 177 -0.18 23.77 11.09
C GLN A 177 0.97 23.70 12.09
N HIS A 178 1.71 22.61 12.06
CA HIS A 178 2.82 22.37 12.97
C HIS A 178 2.32 22.30 14.41
N ALA A 1 1.98 -12.06 10.70
CA ALA A 1 2.41 -12.94 9.58
C ALA A 1 2.31 -12.20 8.24
N PHE A 2 3.45 -11.72 7.77
CA PHE A 2 3.53 -11.00 6.51
C PHE A 2 3.27 -11.94 5.33
N SER A 3 2.80 -11.38 4.23
CA SER A 3 2.59 -12.10 2.98
C SER A 3 2.29 -11.13 1.83
N VAL A 4 2.51 -11.60 0.61
CA VAL A 4 2.15 -10.84 -0.58
C VAL A 4 0.75 -11.25 -1.05
N ASN A 5 -0.18 -10.32 -0.98
CA ASN A 5 -1.56 -10.64 -1.25
C ASN A 5 -1.89 -10.35 -2.69
N TYR A 6 -1.09 -10.89 -3.55
CA TYR A 6 -1.30 -10.74 -4.96
C TYR A 6 -2.42 -11.67 -5.41
N ASP A 7 -3.13 -11.29 -6.45
CA ASP A 7 -4.11 -12.17 -7.05
C ASP A 7 -3.42 -13.41 -7.59
N SER A 8 -3.55 -14.52 -6.86
CA SER A 8 -3.04 -15.85 -7.25
C SER A 8 -3.17 -16.13 -8.74
N SER A 9 -2.25 -15.55 -9.47
CA SER A 9 -2.09 -15.74 -10.90
C SER A 9 -0.83 -15.02 -11.36
N PHE A 10 -0.48 -13.95 -10.65
CA PHE A 10 0.69 -13.15 -10.99
C PHE A 10 1.92 -13.60 -10.21
N GLY A 11 1.85 -14.79 -9.62
CA GLY A 11 2.93 -15.26 -8.74
C GLY A 11 4.22 -15.56 -9.49
N GLY A 12 4.85 -14.51 -9.98
CA GLY A 12 6.07 -14.63 -10.75
C GLY A 12 6.71 -13.28 -10.96
N TYR A 13 6.09 -12.25 -10.41
CA TYR A 13 6.66 -10.91 -10.41
C TYR A 13 7.57 -10.73 -9.22
N SER A 14 8.73 -10.15 -9.44
CA SER A 14 9.46 -9.56 -8.35
C SER A 14 8.64 -8.36 -7.89
N ILE A 15 8.44 -8.19 -6.59
CA ILE A 15 7.54 -7.16 -6.10
C ILE A 15 7.81 -5.81 -6.76
N HIS A 16 9.07 -5.41 -6.80
CA HIS A 16 9.49 -4.15 -7.43
C HIS A 16 9.08 -4.10 -8.92
N ASP A 17 9.04 -5.27 -9.55
CA ASP A 17 8.70 -5.38 -10.97
C ASP A 17 7.21 -5.10 -11.18
N TYR A 18 6.37 -5.73 -10.38
CA TYR A 18 4.93 -5.54 -10.49
C TYR A 18 4.52 -4.17 -10.00
N LEU A 19 5.04 -3.78 -8.84
CA LEU A 19 4.71 -2.49 -8.25
C LEU A 19 5.05 -1.37 -9.23
N GLY A 20 6.12 -1.56 -10.00
CA GLY A 20 6.45 -0.64 -11.06
C GLY A 20 5.32 -0.48 -12.07
N GLN A 21 4.73 -1.60 -12.47
CA GLN A 21 3.60 -1.59 -13.37
C GLN A 21 2.40 -0.86 -12.76
N TRP A 22 2.19 -1.09 -11.48
CA TRP A 22 1.14 -0.41 -10.73
C TRP A 22 1.29 1.11 -10.85
N ALA A 23 2.49 1.61 -10.56
CA ALA A 23 2.76 3.04 -10.64
C ALA A 23 2.76 3.52 -12.09
N SER A 24 3.04 2.59 -13.01
CA SER A 24 3.01 2.91 -14.43
C SER A 24 1.61 3.35 -14.84
N THR A 25 0.62 2.55 -14.48
CA THR A 25 -0.77 2.88 -14.76
C THR A 25 -1.21 4.12 -14.01
N PHE A 26 -0.67 4.34 -12.81
CA PHE A 26 -1.06 5.51 -12.00
C PHE A 26 -0.77 6.80 -12.75
N GLY A 27 0.34 6.81 -13.49
CA GLY A 27 0.72 7.97 -14.27
C GLY A 27 -0.17 8.19 -15.49
N ASP A 28 -0.89 7.15 -15.90
CA ASP A 28 -1.69 7.19 -17.11
C ASP A 28 -2.98 7.99 -16.92
N VAL A 29 -2.90 9.27 -17.24
CA VAL A 29 -4.03 10.20 -17.11
C VAL A 29 -5.22 9.81 -18.01
N ASN A 30 -5.06 8.76 -18.82
CA ASN A 30 -6.04 8.43 -19.83
C ASN A 30 -7.14 7.52 -19.31
N HIS A 31 -6.85 6.83 -18.19
CA HIS A 31 -7.86 6.04 -17.48
C HIS A 31 -8.47 4.97 -18.39
N THR A 32 -9.78 4.82 -18.29
CA THR A 32 -10.60 3.84 -19.01
C THR A 32 -10.27 2.38 -18.68
N ASN A 33 -11.32 1.65 -18.34
CA ASN A 33 -11.23 0.21 -18.07
C ASN A 33 -12.64 -0.36 -17.93
N GLY A 34 -12.90 -1.46 -18.62
CA GLY A 34 -14.25 -1.99 -18.76
C GLY A 34 -14.86 -2.55 -17.48
N ASN A 35 -14.07 -2.70 -16.43
CA ASN A 35 -14.55 -3.28 -15.18
C ASN A 35 -14.76 -2.21 -14.14
N VAL A 36 -14.13 -1.09 -14.38
CA VAL A 36 -14.14 0.05 -13.47
C VAL A 36 -15.35 0.95 -13.74
N THR A 37 -16.24 1.01 -12.78
CA THR A 37 -17.41 1.85 -12.86
C THR A 37 -17.22 3.11 -12.03
N ASP A 38 -17.22 2.94 -10.72
CA ASP A 38 -17.08 4.05 -9.78
C ASP A 38 -15.64 4.51 -9.67
N ALA A 39 -14.83 3.70 -9.00
CA ALA A 39 -13.45 4.05 -8.66
C ALA A 39 -13.42 5.16 -7.62
N ASN A 40 -13.48 4.76 -6.35
CA ASN A 40 -13.49 5.70 -5.24
C ASN A 40 -12.08 6.18 -4.90
N SER A 41 -11.97 7.45 -4.57
CA SER A 41 -10.70 8.10 -4.28
C SER A 41 -10.10 7.65 -2.95
N GLY A 42 -10.94 7.41 -1.95
CA GLY A 42 -10.43 6.99 -0.66
C GLY A 42 -10.54 8.08 0.39
N GLY A 43 -9.41 8.43 0.99
CA GLY A 43 -9.41 9.45 2.03
C GLY A 43 -9.91 8.94 3.36
N PHE A 44 -9.17 7.99 3.94
CA PHE A 44 -9.49 7.43 5.26
C PHE A 44 -10.86 6.75 5.30
N TYR A 45 -11.23 6.28 6.48
CA TYR A 45 -12.51 5.61 6.70
C TYR A 45 -13.07 5.94 8.08
N GLY A 46 -12.28 5.65 9.11
CA GLY A 46 -12.77 5.78 10.47
C GLY A 46 -12.56 7.16 11.07
N GLY A 47 -12.42 8.18 10.23
CA GLY A 47 -12.26 9.52 10.73
C GLY A 47 -11.81 10.49 9.67
N SER A 48 -11.62 11.74 10.05
CA SER A 48 -11.15 12.77 9.14
C SER A 48 -9.63 12.71 8.98
N LEU A 49 -8.93 13.05 10.05
CA LEU A 49 -7.48 13.11 10.03
C LEU A 49 -6.86 11.72 10.09
N SER A 50 -7.55 10.81 10.75
CA SER A 50 -7.03 9.47 10.97
C SER A 50 -8.16 8.45 11.01
N GLY A 51 -7.82 7.18 10.87
CA GLY A 51 -8.84 6.14 10.93
C GLY A 51 -8.30 4.78 10.56
N SER A 52 -7.08 4.49 11.03
CA SER A 52 -6.39 3.22 10.78
C SER A 52 -6.05 3.03 9.29
N GLN A 53 -7.06 3.01 8.43
CA GLN A 53 -6.85 2.79 7.00
C GLN A 53 -6.77 4.11 6.25
N TYR A 54 -6.19 4.06 5.07
CA TYR A 54 -6.02 5.25 4.24
C TYR A 54 -5.95 4.85 2.76
N ALA A 55 -7.08 4.99 2.07
CA ALA A 55 -7.17 4.64 0.66
C ALA A 55 -6.90 5.85 -0.23
N ILE A 56 -6.26 5.62 -1.39
CA ILE A 56 -5.96 6.67 -2.35
C ILE A 56 -6.01 6.14 -3.76
N SER A 57 -6.77 6.82 -4.59
CA SER A 57 -6.85 6.51 -5.99
C SER A 57 -6.23 7.64 -6.80
N SER A 58 -5.70 7.31 -7.98
CA SER A 58 -5.00 8.27 -8.83
C SER A 58 -5.81 9.54 -9.04
N THR A 59 -5.15 10.68 -8.95
CA THR A 59 -5.79 11.97 -9.15
C THR A 59 -5.61 12.47 -10.58
N ALA A 60 -5.46 11.52 -11.50
CA ALA A 60 -5.31 11.83 -12.91
C ALA A 60 -5.70 10.62 -13.75
N ASN A 61 -5.43 9.46 -13.21
CA ASN A 61 -5.73 8.20 -13.86
C ASN A 61 -6.98 7.58 -13.23
N GLN A 62 -7.32 8.14 -12.06
CA GLN A 62 -8.47 7.74 -11.23
C GLN A 62 -8.84 6.26 -11.31
N VAL A 63 -7.86 5.38 -11.39
CA VAL A 63 -8.13 3.96 -11.24
C VAL A 63 -7.07 3.27 -10.39
N THR A 64 -5.80 3.59 -10.63
CA THR A 64 -4.71 3.05 -9.86
C THR A 64 -4.83 3.51 -8.40
N ALA A 65 -5.39 2.65 -7.58
CA ALA A 65 -5.68 2.99 -6.21
C ALA A 65 -4.89 2.11 -5.25
N PHE A 66 -4.95 2.47 -3.97
CA PHE A 66 -4.23 1.76 -2.94
C PHE A 66 -4.86 2.00 -1.58
N VAL A 67 -5.22 0.91 -0.92
CA VAL A 67 -5.83 0.96 0.39
C VAL A 67 -4.82 0.55 1.45
N ALA A 68 -4.26 1.52 2.16
CA ALA A 68 -3.30 1.24 3.20
C ALA A 68 -4.02 0.94 4.51
N GLY A 69 -3.38 0.19 5.39
CA GLY A 69 -4.02 -0.18 6.64
C GLY A 69 -3.02 -0.45 7.74
N GLY A 70 -3.23 0.21 8.87
CA GLY A 70 -2.38 0.02 10.02
C GLY A 70 -2.90 0.80 11.21
N ASN A 71 -2.19 1.86 11.58
CA ASN A 71 -2.65 2.74 12.64
C ASN A 71 -2.23 4.17 12.33
N LEU A 72 -2.44 4.57 11.08
CA LEU A 72 -2.07 5.90 10.63
C LEU A 72 -2.87 6.98 11.35
N THR A 73 -2.15 7.90 11.95
CA THR A 73 -2.75 8.93 12.77
C THR A 73 -2.11 10.29 12.50
N TYR A 74 -2.91 11.24 12.04
CA TYR A 74 -2.43 12.59 11.80
C TYR A 74 -2.11 13.25 13.14
N THR A 75 -0.86 13.70 13.28
CA THR A 75 -0.35 14.21 14.54
C THR A 75 -1.09 15.46 15.02
N LEU A 76 -1.51 16.29 14.07
CA LEU A 76 -2.19 17.54 14.33
C LEU A 76 -1.41 18.42 15.31
N PHE A 77 -1.72 18.28 16.60
CA PHE A 77 -1.13 19.14 17.62
C PHE A 77 0.04 18.47 18.33
N ASN A 78 0.36 17.24 17.93
CA ASN A 78 1.44 16.51 18.55
C ASN A 78 2.80 17.07 18.13
N GLU A 79 3.86 16.62 18.80
CA GLU A 79 5.19 17.21 18.68
C GLU A 79 5.65 17.43 17.23
N PRO A 80 5.64 16.40 16.36
CA PRO A 80 5.99 16.60 14.94
C PRO A 80 5.12 17.66 14.26
N ALA A 81 3.82 17.62 14.56
CA ALA A 81 2.86 18.60 14.06
C ALA A 81 2.64 18.48 12.55
N HIS A 82 1.36 18.44 12.19
CA HIS A 82 0.93 18.41 10.79
C HIS A 82 1.59 17.27 10.02
N THR A 83 1.57 16.08 10.60
CA THR A 83 2.28 14.93 10.04
C THR A 83 1.49 13.64 10.23
N LEU A 84 2.01 12.53 9.72
CA LEU A 84 1.29 11.25 9.71
C LEU A 84 2.12 10.14 10.34
N TYR A 85 2.12 10.04 11.66
CA TYR A 85 2.76 8.88 12.29
C TYR A 85 1.72 7.78 12.43
N GLY A 86 2.16 6.56 12.32
CA GLY A 86 1.21 5.47 12.36
C GLY A 86 1.84 4.12 12.51
N GLN A 87 0.99 3.12 12.58
CA GLN A 87 1.38 1.74 12.42
C GLN A 87 1.11 1.32 10.98
N LEU A 88 1.64 0.19 10.60
CA LEU A 88 1.48 -0.31 9.25
C LEU A 88 1.46 -1.82 9.23
N ASP A 89 0.44 -2.40 8.64
CA ASP A 89 0.31 -3.85 8.57
C ASP A 89 0.11 -4.29 7.14
N SER A 90 -0.83 -3.64 6.47
CA SER A 90 -1.20 -4.06 5.15
C SER A 90 -1.28 -2.91 4.15
N LEU A 91 -1.18 -3.29 2.89
CA LEU A 91 -1.34 -2.40 1.76
C LEU A 91 -2.23 -3.11 0.76
N SER A 92 -2.69 -2.41 -0.24
CA SER A 92 -3.55 -3.03 -1.23
C SER A 92 -3.61 -2.17 -2.48
N PHE A 93 -2.82 -2.55 -3.47
CA PHE A 93 -2.76 -1.81 -4.70
C PHE A 93 -3.75 -2.42 -5.67
N GLY A 94 -4.54 -1.61 -6.34
CA GLY A 94 -5.52 -2.20 -7.24
C GLY A 94 -6.22 -1.22 -8.17
N ASP A 95 -6.82 -1.78 -9.20
CA ASP A 95 -7.56 -1.02 -10.20
C ASP A 95 -9.00 -0.77 -9.76
N GLY A 96 -9.25 0.48 -9.35
CA GLY A 96 -10.59 0.93 -9.09
C GLY A 96 -11.12 0.53 -7.73
N LEU A 97 -11.32 1.49 -6.84
CA LEU A 97 -11.99 1.20 -5.59
C LEU A 97 -13.49 1.30 -5.78
N SER A 98 -14.21 0.70 -4.87
CA SER A 98 -15.65 0.71 -4.87
C SER A 98 -16.17 0.79 -3.45
N GLY A 99 -17.47 0.96 -3.31
CA GLY A 99 -18.06 1.14 -2.02
C GLY A 99 -17.99 2.58 -1.57
N GLY A 100 -17.39 2.79 -0.43
CA GLY A 100 -17.24 4.13 0.10
C GLY A 100 -18.56 4.73 0.53
N ASP A 101 -19.53 3.88 0.79
CA ASP A 101 -20.84 4.33 1.25
C ASP A 101 -20.82 4.45 2.77
N THR A 102 -21.08 3.33 3.43
CA THR A 102 -20.97 3.23 4.87
C THR A 102 -20.08 2.05 5.20
N SER A 103 -19.17 1.77 4.29
CA SER A 103 -18.26 0.65 4.42
C SER A 103 -16.87 1.03 3.91
N PRO A 104 -15.86 0.25 4.32
CA PRO A 104 -14.48 0.44 3.89
C PRO A 104 -14.31 0.20 2.39
N TYR A 105 -13.27 0.78 1.82
CA TYR A 105 -13.05 0.71 0.38
C TYR A 105 -12.56 -0.66 -0.05
N SER A 106 -12.93 -1.05 -1.26
CA SER A 106 -12.58 -2.37 -1.77
C SER A 106 -12.33 -2.29 -3.27
N ILE A 107 -11.34 -3.02 -3.74
CA ILE A 107 -10.91 -2.92 -5.12
C ILE A 107 -11.85 -3.72 -6.04
N GLN A 108 -12.24 -3.08 -7.13
CA GLN A 108 -13.10 -3.71 -8.14
C GLN A 108 -12.37 -4.87 -8.80
N VAL A 109 -11.11 -4.66 -9.15
CA VAL A 109 -10.25 -5.72 -9.61
C VAL A 109 -9.08 -5.89 -8.65
N PRO A 110 -9.24 -6.77 -7.65
CA PRO A 110 -8.22 -6.99 -6.61
C PRO A 110 -6.87 -7.39 -7.17
N ASP A 111 -5.95 -6.43 -7.22
CA ASP A 111 -4.58 -6.69 -7.66
C ASP A 111 -3.71 -7.01 -6.45
N VAL A 112 -2.39 -6.91 -6.63
CA VAL A 112 -1.46 -7.23 -5.55
C VAL A 112 -1.66 -6.37 -4.32
N SER A 113 -1.78 -7.03 -3.22
CA SER A 113 -1.92 -6.40 -1.93
C SER A 113 -0.75 -6.81 -1.03
N PHE A 114 -0.74 -6.29 0.18
CA PHE A 114 0.30 -6.62 1.14
C PHE A 114 -0.34 -6.75 2.51
N GLY A 115 0.17 -7.64 3.34
CA GLY A 115 -0.38 -7.79 4.67
C GLY A 115 0.57 -8.48 5.62
N GLY A 116 0.64 -8.02 6.85
CA GLY A 116 1.48 -8.67 7.84
C GLY A 116 2.80 -7.97 8.06
N LEU A 117 2.92 -6.74 7.56
CA LEU A 117 4.12 -5.94 7.75
C LEU A 117 4.39 -5.79 9.24
N ASN A 118 3.37 -5.32 9.96
CA ASN A 118 3.50 -5.02 11.39
C ASN A 118 4.72 -4.13 11.64
N LEU A 119 4.78 -3.05 10.88
CA LEU A 119 5.80 -2.04 11.05
C LEU A 119 5.22 -0.83 11.72
N SER A 120 5.52 -0.64 12.99
CA SER A 120 5.01 0.48 13.73
C SER A 120 6.09 1.53 13.94
N SER A 121 5.75 2.77 13.61
CA SER A 121 6.70 3.86 13.65
C SER A 121 6.49 4.75 14.88
N LEU A 122 7.48 5.60 15.15
CA LEU A 122 7.47 6.43 16.35
C LEU A 122 6.73 7.74 16.13
N GLN A 123 6.22 8.31 17.22
CA GLN A 123 5.49 9.57 17.17
C GLN A 123 6.35 10.69 16.60
N ALA A 124 7.47 10.97 17.25
CA ALA A 124 8.27 12.18 16.98
C ALA A 124 9.10 12.07 15.70
N GLN A 125 8.76 11.12 14.84
CA GLN A 125 9.38 11.01 13.54
C GLN A 125 8.86 12.10 12.60
N GLY A 126 7.57 12.37 12.67
CA GLY A 126 6.98 13.43 11.86
C GLY A 126 6.66 12.96 10.46
N HIS A 127 7.45 13.40 9.49
CA HIS A 127 7.42 12.84 8.14
C HIS A 127 7.94 11.42 8.19
N ASP A 128 8.54 11.09 9.32
CA ASP A 128 8.67 9.74 9.80
C ASP A 128 9.77 8.90 9.17
N GLY A 129 9.96 7.72 9.75
CA GLY A 129 10.95 6.79 9.29
C GLY A 129 10.45 5.92 8.16
N VAL A 130 9.16 5.54 8.20
CA VAL A 130 8.64 4.67 7.17
C VAL A 130 7.11 4.77 6.91
N VAL A 131 6.27 4.91 7.94
CA VAL A 131 4.81 4.88 7.73
C VAL A 131 4.31 6.10 6.94
N HIS A 132 4.64 7.29 7.42
CA HIS A 132 4.31 8.55 6.74
C HIS A 132 4.95 8.53 5.36
N GLN A 133 6.14 7.96 5.30
CA GLN A 133 6.90 7.87 4.08
C GLN A 133 6.16 7.05 3.03
N VAL A 134 6.01 5.77 3.33
CA VAL A 134 5.42 4.81 2.40
C VAL A 134 4.02 5.21 1.93
N VAL A 135 3.21 5.75 2.83
CA VAL A 135 1.83 6.10 2.50
C VAL A 135 1.80 7.26 1.51
N TYR A 136 2.68 8.24 1.70
CA TYR A 136 2.80 9.34 0.76
C TYR A 136 3.52 8.88 -0.50
N GLY A 137 4.42 7.91 -0.34
CA GLY A 137 5.07 7.31 -1.48
C GLY A 137 4.06 6.64 -2.40
N LEU A 138 3.19 5.82 -1.80
CA LEU A 138 2.08 5.20 -2.50
C LEU A 138 1.31 6.25 -3.29
N MET A 139 0.81 7.24 -2.56
CA MET A 139 0.05 8.35 -3.12
C MET A 139 0.79 9.10 -4.21
N SER A 140 2.11 9.05 -4.17
CA SER A 140 2.93 9.76 -5.15
C SER A 140 3.25 8.88 -6.35
N GLY A 141 2.77 7.65 -6.33
CA GLY A 141 3.09 6.72 -7.39
C GLY A 141 4.52 6.23 -7.28
N ASP A 142 5.03 6.20 -6.05
CA ASP A 142 6.39 5.78 -5.79
C ASP A 142 6.40 4.50 -4.96
N THR A 143 7.02 3.47 -5.49
CA THR A 143 7.06 2.20 -4.81
C THR A 143 8.30 2.09 -3.93
N GLY A 144 9.27 2.98 -4.19
CA GLY A 144 10.56 2.91 -3.52
C GLY A 144 10.47 2.82 -2.02
N ALA A 145 9.58 3.61 -1.43
CA ALA A 145 9.40 3.60 0.01
C ALA A 145 8.80 2.29 0.48
N LEU A 146 7.81 1.79 -0.26
CA LEU A 146 7.13 0.54 0.11
C LEU A 146 8.12 -0.63 -0.01
N GLU A 147 8.94 -0.60 -1.05
CA GLU A 147 10.00 -1.59 -1.23
C GLU A 147 10.88 -1.65 0.00
N THR A 148 11.21 -0.48 0.53
CA THR A 148 12.10 -0.38 1.66
C THR A 148 11.43 -0.93 2.91
N ALA A 149 10.11 -0.74 2.99
CA ALA A 149 9.32 -1.28 4.09
C ALA A 149 9.26 -2.80 3.99
N LEU A 150 8.99 -3.27 2.78
CA LEU A 150 8.97 -4.69 2.49
C LEU A 150 10.28 -5.36 2.91
N ASN A 151 11.38 -4.70 2.59
CA ASN A 151 12.73 -5.18 2.93
C ASN A 151 12.88 -5.45 4.42
N GLY A 152 11.90 -5.04 5.22
CA GLY A 152 11.99 -5.25 6.64
C GLY A 152 11.82 -6.71 7.00
N ILE A 153 10.83 -7.36 6.38
CA ILE A 153 10.60 -8.76 6.61
C ILE A 153 11.55 -9.61 5.76
N LEU A 154 11.68 -9.27 4.48
CA LEU A 154 12.51 -10.04 3.56
C LEU A 154 13.94 -10.15 4.02
N ASP A 155 14.53 -9.06 4.51
CA ASP A 155 15.94 -9.04 4.87
C ASP A 155 16.23 -10.00 6.03
N ASP A 156 15.20 -10.35 6.78
CA ASP A 156 15.32 -11.34 7.85
C ASP A 156 15.67 -12.71 7.25
N TYR A 157 15.14 -12.95 6.05
CA TYR A 157 15.43 -14.18 5.32
C TYR A 157 16.51 -13.92 4.27
N GLY A 158 16.90 -12.65 4.13
CA GLY A 158 17.91 -12.27 3.17
C GLY A 158 17.34 -11.95 1.80
N LEU A 159 16.03 -11.72 1.73
CA LEU A 159 15.38 -11.37 0.49
C LEU A 159 15.22 -9.86 0.38
N SER A 160 14.54 -9.40 -0.66
CA SER A 160 14.29 -7.97 -0.84
C SER A 160 13.06 -7.76 -1.72
N VAL A 161 12.75 -6.50 -2.03
CA VAL A 161 11.61 -6.17 -2.88
C VAL A 161 11.69 -6.87 -4.25
N ASN A 162 12.90 -7.17 -4.69
CA ASN A 162 13.10 -7.85 -5.97
C ASN A 162 12.95 -9.35 -5.82
N SER A 163 12.11 -9.77 -4.89
CA SER A 163 11.79 -11.17 -4.71
C SER A 163 10.47 -11.48 -5.39
N THR A 164 10.35 -12.70 -5.90
CA THR A 164 9.17 -13.12 -6.66
C THR A 164 7.95 -13.28 -5.75
N PHE A 165 6.77 -12.95 -6.29
CA PHE A 165 5.50 -13.19 -5.59
C PHE A 165 5.45 -14.63 -5.04
N ASP A 166 5.98 -15.56 -5.83
CA ASP A 166 6.13 -16.95 -5.41
C ASP A 166 7.05 -17.07 -4.19
N GLN A 167 8.26 -16.51 -4.32
CA GLN A 167 9.28 -16.63 -3.29
C GLN A 167 8.85 -15.96 -1.98
N VAL A 168 8.42 -14.71 -2.06
CA VAL A 168 8.04 -13.95 -0.87
C VAL A 168 6.94 -14.66 -0.11
N ALA A 169 5.83 -14.94 -0.78
CA ALA A 169 4.68 -15.59 -0.17
C ALA A 169 5.08 -16.88 0.52
N ALA A 170 5.88 -17.69 -0.16
CA ALA A 170 6.38 -18.93 0.39
C ALA A 170 7.30 -18.69 1.59
N ALA A 171 8.10 -17.64 1.55
CA ALA A 171 9.03 -17.33 2.62
C ALA A 171 8.29 -16.77 3.82
N THR A 172 7.15 -16.16 3.55
CA THR A 172 6.33 -15.60 4.59
C THR A 172 5.37 -16.66 5.11
N ALA A 173 5.29 -17.73 4.34
CA ALA A 173 4.51 -18.90 4.70
C ALA A 173 5.16 -19.62 5.86
N VAL A 174 6.49 -19.57 5.89
CA VAL A 174 7.26 -20.26 6.90
C VAL A 174 8.74 -19.94 6.75
N GLY A 175 9.14 -19.65 5.51
CA GLY A 175 10.53 -19.38 5.23
C GLY A 175 11.12 -20.42 4.32
N VAL A 176 11.45 -20.02 3.11
CA VAL A 176 11.81 -20.98 2.09
C VAL A 176 12.98 -20.47 1.25
N GLN A 177 13.57 -21.38 0.49
CA GLN A 177 14.64 -21.04 -0.42
C GLN A 177 14.66 -22.02 -1.59
N HIS A 178 14.51 -21.50 -2.79
CA HIS A 178 14.51 -22.35 -3.97
C HIS A 178 15.03 -21.57 -5.18
N ALA A 1 3.99 -13.12 9.45
CA ALA A 1 2.71 -13.33 8.75
C ALA A 1 2.64 -12.51 7.46
N PHE A 2 3.79 -12.33 6.82
CA PHE A 2 3.88 -11.50 5.63
C PHE A 2 3.67 -12.35 4.38
N SER A 3 3.08 -11.75 3.35
CA SER A 3 2.95 -12.35 2.02
C SER A 3 2.54 -11.27 1.03
N VAL A 4 2.64 -11.59 -0.26
CA VAL A 4 2.06 -10.74 -1.30
C VAL A 4 0.66 -11.23 -1.58
N ASN A 5 -0.29 -10.32 -1.52
CA ASN A 5 -1.68 -10.70 -1.65
C ASN A 5 -2.21 -10.32 -3.01
N TYR A 6 -1.54 -10.81 -4.01
CA TYR A 6 -1.98 -10.60 -5.37
C TYR A 6 -3.25 -11.38 -5.60
N ASP A 7 -4.10 -10.92 -6.52
CA ASP A 7 -5.38 -11.57 -6.79
C ASP A 7 -5.23 -12.94 -7.45
N SER A 8 -4.67 -13.88 -6.67
CA SER A 8 -4.42 -15.29 -7.06
C SER A 8 -4.43 -15.52 -8.58
N SER A 9 -3.54 -14.82 -9.28
CA SER A 9 -3.39 -15.00 -10.73
C SER A 9 -2.12 -14.29 -11.22
N PHE A 10 -1.74 -13.23 -10.52
CA PHE A 10 -0.59 -12.42 -10.92
C PHE A 10 0.72 -12.97 -10.36
N GLY A 11 0.70 -14.19 -9.83
CA GLY A 11 1.86 -14.72 -9.12
C GLY A 11 3.02 -15.05 -10.04
N GLY A 12 3.64 -14.00 -10.60
CA GLY A 12 4.79 -14.17 -11.46
C GLY A 12 5.44 -12.83 -11.75
N TYR A 13 5.17 -11.85 -10.90
CA TYR A 13 5.80 -10.54 -11.00
C TYR A 13 6.82 -10.37 -9.90
N SER A 14 7.99 -9.85 -10.24
CA SER A 14 9.02 -9.57 -9.26
C SER A 14 8.64 -8.32 -8.45
N ILE A 15 7.58 -8.45 -7.64
CA ILE A 15 6.92 -7.36 -6.91
C ILE A 15 7.04 -5.99 -7.57
N HIS A 16 8.21 -5.36 -7.44
CA HIS A 16 8.46 -4.04 -8.02
C HIS A 16 8.06 -3.98 -9.50
N ASP A 17 8.14 -5.12 -10.17
CA ASP A 17 7.70 -5.24 -11.56
C ASP A 17 6.28 -4.76 -11.72
N TYR A 18 5.34 -5.42 -11.05
CA TYR A 18 3.94 -5.03 -11.14
C TYR A 18 3.74 -3.68 -10.47
N LEU A 19 4.43 -3.47 -9.37
CA LEU A 19 4.30 -2.22 -8.63
C LEU A 19 4.56 -1.02 -9.55
N GLY A 20 5.56 -1.15 -10.42
CA GLY A 20 5.81 -0.14 -11.43
C GLY A 20 4.65 0.00 -12.41
N GLN A 21 4.17 -1.14 -12.88
CA GLN A 21 3.05 -1.20 -13.81
C GLN A 21 1.79 -0.59 -13.22
N TRP A 22 1.58 -0.83 -11.94
CA TRP A 22 0.50 -0.23 -11.18
C TRP A 22 0.58 1.29 -11.27
N ALA A 23 1.79 1.82 -11.12
CA ALA A 23 2.01 3.25 -11.17
C ALA A 23 1.91 3.80 -12.60
N SER A 24 1.90 2.91 -13.58
CA SER A 24 1.74 3.31 -14.97
C SER A 24 0.35 3.93 -15.19
N THR A 25 -0.70 3.19 -14.84
CA THR A 25 -2.04 3.70 -14.92
C THR A 25 -2.25 4.85 -13.93
N PHE A 26 -1.52 4.77 -12.82
CA PHE A 26 -1.52 5.84 -11.84
C PHE A 26 -0.92 7.12 -12.45
N GLY A 27 -0.03 6.94 -13.42
CA GLY A 27 0.60 8.07 -14.08
C GLY A 27 -0.34 8.88 -14.96
N ASP A 28 -1.41 8.25 -15.45
CA ASP A 28 -2.28 8.89 -16.43
C ASP A 28 -3.23 9.89 -15.76
N VAL A 29 -3.85 10.74 -16.58
CA VAL A 29 -4.70 11.83 -16.12
C VAL A 29 -5.92 12.03 -17.03
N ASN A 30 -6.21 11.05 -17.87
CA ASN A 30 -7.30 11.17 -18.84
C ASN A 30 -8.66 10.83 -18.21
N HIS A 31 -8.62 10.07 -17.13
CA HIS A 31 -9.77 9.81 -16.25
C HIS A 31 -10.71 8.75 -16.83
N THR A 32 -10.20 7.53 -17.00
CA THR A 32 -11.03 6.43 -17.47
C THR A 32 -10.55 5.06 -16.96
N ASN A 33 -11.52 4.20 -16.73
CA ASN A 33 -11.29 2.78 -16.41
C ASN A 33 -12.62 2.03 -16.54
N GLY A 34 -12.62 0.96 -17.32
CA GLY A 34 -13.85 0.21 -17.55
C GLY A 34 -14.36 -0.51 -16.32
N ASN A 35 -13.63 -0.40 -15.21
CA ASN A 35 -13.98 -1.08 -13.98
C ASN A 35 -14.34 -0.08 -12.89
N VAL A 36 -14.41 1.19 -13.27
CA VAL A 36 -14.69 2.26 -12.31
C VAL A 36 -16.20 2.48 -12.14
N THR A 37 -16.67 2.20 -10.94
CA THR A 37 -18.05 2.45 -10.57
C THR A 37 -18.18 3.74 -9.75
N ASP A 38 -17.74 3.64 -8.51
CA ASP A 38 -17.92 4.69 -7.52
C ASP A 38 -16.75 5.66 -7.56
N ALA A 39 -15.59 5.15 -7.16
CA ALA A 39 -14.32 5.88 -7.19
C ALA A 39 -14.23 6.93 -6.09
N ASN A 40 -14.01 6.43 -4.89
CA ASN A 40 -13.65 7.26 -3.75
C ASN A 40 -12.14 7.45 -3.73
N SER A 41 -11.68 8.53 -3.11
CA SER A 41 -10.26 8.84 -3.10
C SER A 41 -9.57 8.35 -1.83
N GLY A 42 -10.29 8.37 -0.72
CA GLY A 42 -9.72 7.84 0.50
C GLY A 42 -9.47 8.90 1.55
N GLY A 43 -8.32 8.85 2.19
CA GLY A 43 -8.01 9.77 3.26
C GLY A 43 -8.64 9.34 4.59
N PHE A 44 -8.05 8.32 5.21
CA PHE A 44 -8.46 7.82 6.53
C PHE A 44 -9.86 7.22 6.51
N TYR A 45 -10.31 6.80 7.69
CA TYR A 45 -11.62 6.19 7.86
C TYR A 45 -12.13 6.42 9.28
N GLY A 46 -11.54 5.72 10.23
CA GLY A 46 -12.02 5.77 11.61
C GLY A 46 -11.42 6.90 12.41
N GLY A 47 -11.36 8.08 11.82
CA GLY A 47 -10.87 9.24 12.53
C GLY A 47 -10.73 10.44 11.64
N SER A 48 -10.47 11.60 12.22
CA SER A 48 -10.27 12.82 11.45
C SER A 48 -8.89 12.80 10.80
N LEU A 49 -7.97 12.07 11.42
CA LEU A 49 -6.61 11.95 10.92
C LEU A 49 -5.87 10.84 11.64
N SER A 50 -6.60 9.80 12.00
CA SER A 50 -6.02 8.66 12.71
C SER A 50 -6.91 7.44 12.56
N GLY A 51 -6.38 6.28 12.92
CA GLY A 51 -7.16 5.07 12.85
C GLY A 51 -6.30 3.87 12.52
N SER A 52 -6.77 3.05 11.59
CA SER A 52 -6.02 1.89 11.16
C SER A 52 -6.03 1.76 9.63
N GLN A 53 -6.60 2.75 8.96
CA GLN A 53 -6.76 2.67 7.51
C GLN A 53 -6.51 4.03 6.87
N TYR A 54 -5.89 4.02 5.69
CA TYR A 54 -5.60 5.23 4.95
C TYR A 54 -5.49 4.90 3.46
N ALA A 55 -6.58 5.09 2.75
CA ALA A 55 -6.64 4.76 1.33
C ALA A 55 -6.36 5.98 0.44
N ILE A 56 -5.94 5.70 -0.81
CA ILE A 56 -5.60 6.73 -1.78
C ILE A 56 -5.94 6.26 -3.19
N SER A 57 -6.79 7.00 -3.87
CA SER A 57 -7.22 6.65 -5.22
C SER A 57 -7.26 7.88 -6.13
N SER A 58 -6.36 7.90 -7.11
CA SER A 58 -6.18 9.00 -8.08
C SER A 58 -6.27 10.44 -7.58
N THR A 59 -5.70 11.31 -8.42
CA THR A 59 -5.95 12.72 -8.35
C THR A 59 -6.27 13.26 -9.75
N ALA A 60 -6.53 12.34 -10.68
CA ALA A 60 -6.70 12.68 -12.10
C ALA A 60 -7.32 11.54 -12.91
N ASN A 61 -6.65 10.40 -12.91
CA ASN A 61 -7.04 9.25 -13.71
C ASN A 61 -6.70 8.03 -12.94
N GLN A 62 -5.59 8.20 -12.21
CA GLN A 62 -4.98 7.22 -11.37
C GLN A 62 -5.93 6.60 -10.37
N VAL A 63 -7.03 6.07 -10.87
CA VAL A 63 -8.06 5.41 -10.08
C VAL A 63 -7.41 4.18 -9.52
N THR A 64 -6.22 4.04 -10.03
CA THR A 64 -5.21 3.22 -9.45
C THR A 64 -5.04 3.66 -7.99
N ALA A 65 -5.43 2.77 -7.11
CA ALA A 65 -5.55 3.12 -5.72
C ALA A 65 -4.69 2.24 -4.83
N PHE A 66 -4.77 2.51 -3.55
CA PHE A 66 -4.00 1.82 -2.55
C PHE A 66 -4.66 2.01 -1.19
N VAL A 67 -5.02 0.91 -0.56
CA VAL A 67 -5.60 0.96 0.77
C VAL A 67 -4.59 0.46 1.80
N ALA A 68 -4.13 1.35 2.65
CA ALA A 68 -3.21 0.98 3.71
C ALA A 68 -3.96 0.54 4.96
N GLY A 69 -3.33 -0.31 5.74
CA GLY A 69 -3.93 -0.78 6.97
C GLY A 69 -2.88 -1.13 8.01
N GLY A 70 -2.98 -0.49 9.16
CA GLY A 70 -2.03 -0.69 10.22
C GLY A 70 -2.41 0.08 11.48
N ASN A 71 -1.64 1.11 11.80
CA ASN A 71 -1.93 1.94 12.97
C ASN A 71 -1.49 3.36 12.69
N LEU A 72 -1.70 3.79 11.45
CA LEU A 72 -1.32 5.12 10.98
C LEU A 72 -2.00 6.21 11.79
N THR A 73 -1.26 7.26 12.09
CA THR A 73 -1.75 8.36 12.87
C THR A 73 -1.07 9.67 12.47
N TYR A 74 -1.86 10.72 12.30
CA TYR A 74 -1.36 12.05 12.02
C TYR A 74 -0.99 12.73 13.34
N THR A 75 0.24 13.23 13.41
CA THR A 75 0.81 13.74 14.64
C THR A 75 0.05 14.93 15.20
N LEU A 76 -0.49 15.74 14.30
CA LEU A 76 -1.19 16.97 14.64
C LEU A 76 -0.36 17.86 15.56
N PHE A 77 -0.62 17.74 16.86
CA PHE A 77 0.03 18.59 17.86
C PHE A 77 1.22 17.91 18.52
N ASN A 78 1.52 16.69 18.08
CA ASN A 78 2.63 15.94 18.67
C ASN A 78 3.97 16.46 18.18
N GLU A 79 5.04 15.85 18.69
CA GLU A 79 6.41 16.34 18.51
C GLU A 79 6.73 16.71 17.05
N PRO A 80 6.71 15.76 16.09
CA PRO A 80 6.98 16.06 14.67
C PRO A 80 6.07 17.17 14.12
N ALA A 81 4.80 17.15 14.54
CA ALA A 81 3.82 18.17 14.15
C ALA A 81 3.48 18.13 12.67
N HIS A 82 2.19 17.95 12.41
CA HIS A 82 1.65 17.91 11.06
C HIS A 82 2.38 16.88 10.20
N THR A 83 2.42 15.65 10.69
CA THR A 83 3.16 14.57 10.05
C THR A 83 2.43 13.25 10.27
N LEU A 84 2.85 12.21 9.55
CA LEU A 84 2.29 10.89 9.72
C LEU A 84 3.26 9.96 10.46
N TYR A 85 2.71 9.02 11.21
CA TYR A 85 3.49 7.93 11.80
C TYR A 85 2.54 6.76 12.08
N GLY A 86 2.87 5.92 13.05
CA GLY A 86 2.04 4.78 13.36
C GLY A 86 2.54 3.50 12.74
N GLN A 87 1.69 2.50 12.71
CA GLN A 87 2.05 1.19 12.23
C GLN A 87 1.59 0.96 10.80
N LEU A 88 2.15 -0.05 10.21
CA LEU A 88 1.83 -0.44 8.85
C LEU A 88 2.05 -1.94 8.68
N ASP A 89 1.05 -2.60 8.15
CA ASP A 89 1.14 -4.03 7.93
C ASP A 89 0.61 -4.40 6.56
N SER A 90 -0.65 -4.08 6.33
CA SER A 90 -1.30 -4.41 5.07
C SER A 90 -1.32 -3.23 4.11
N LEU A 91 -1.29 -3.58 2.84
CA LEU A 91 -1.50 -2.65 1.73
C LEU A 91 -2.46 -3.33 0.77
N SER A 92 -2.96 -2.62 -0.20
CA SER A 92 -3.90 -3.22 -1.14
C SER A 92 -4.03 -2.34 -2.37
N PHE A 93 -3.50 -2.82 -3.48
CA PHE A 93 -3.55 -2.06 -4.71
C PHE A 93 -4.70 -2.56 -5.57
N GLY A 94 -5.38 -1.63 -6.21
CA GLY A 94 -6.42 -1.98 -7.16
C GLY A 94 -7.04 -0.71 -7.72
N ASP A 95 -7.90 -0.81 -8.73
CA ASP A 95 -8.45 0.40 -9.31
C ASP A 95 -9.83 0.71 -8.73
N GLY A 96 -9.97 1.91 -8.21
CA GLY A 96 -11.25 2.41 -7.79
C GLY A 96 -11.61 2.03 -6.38
N LEU A 97 -11.74 3.02 -5.51
CA LEU A 97 -12.32 2.75 -4.22
C LEU A 97 -13.82 2.86 -4.28
N SER A 98 -14.46 2.16 -3.39
CA SER A 98 -15.90 2.14 -3.32
C SER A 98 -16.34 2.20 -1.87
N GLY A 99 -17.64 2.42 -1.67
CA GLY A 99 -18.19 2.58 -0.35
C GLY A 99 -17.78 3.90 0.26
N GLY A 100 -17.15 3.83 1.42
CA GLY A 100 -16.66 5.02 2.09
C GLY A 100 -17.76 5.93 2.57
N ASP A 101 -18.92 5.36 2.89
CA ASP A 101 -20.04 6.13 3.43
C ASP A 101 -19.92 6.17 4.95
N THR A 102 -20.50 5.19 5.60
CA THR A 102 -20.27 4.96 7.02
C THR A 102 -19.52 3.64 7.18
N SER A 103 -19.16 3.07 6.04
CA SER A 103 -18.34 1.87 6.01
C SER A 103 -16.98 2.24 5.41
N PRO A 104 -15.98 1.36 5.56
CA PRO A 104 -14.62 1.62 5.12
C PRO A 104 -14.48 1.56 3.60
N TYR A 105 -13.35 2.03 3.11
CA TYR A 105 -13.07 2.00 1.69
C TYR A 105 -12.78 0.57 1.24
N SER A 106 -13.08 0.30 -0.01
CA SER A 106 -12.89 -1.04 -0.55
C SER A 106 -12.56 -0.94 -2.04
N ILE A 107 -11.70 -1.83 -2.50
CA ILE A 107 -11.23 -1.78 -3.87
C ILE A 107 -12.25 -2.42 -4.82
N GLN A 108 -12.57 -1.67 -5.87
CA GLN A 108 -13.47 -2.14 -6.91
C GLN A 108 -12.87 -3.32 -7.65
N VAL A 109 -11.69 -3.11 -8.23
CA VAL A 109 -10.93 -4.19 -8.83
C VAL A 109 -9.69 -4.46 -7.98
N PRO A 110 -9.85 -5.34 -6.97
CA PRO A 110 -8.77 -5.70 -6.06
C PRO A 110 -7.66 -6.44 -6.78
N ASP A 111 -6.46 -5.91 -6.69
CA ASP A 111 -5.30 -6.51 -7.31
C ASP A 111 -4.29 -6.86 -6.23
N VAL A 112 -3.01 -6.69 -6.52
CA VAL A 112 -1.95 -7.05 -5.59
C VAL A 112 -2.03 -6.27 -4.30
N SER A 113 -2.29 -6.98 -3.25
CA SER A 113 -2.29 -6.44 -1.92
C SER A 113 -0.99 -6.82 -1.20
N PHE A 114 -0.85 -6.34 0.01
CA PHE A 114 0.29 -6.69 0.85
C PHE A 114 -0.20 -6.92 2.27
N GLY A 115 0.47 -7.79 3.01
CA GLY A 115 0.10 -8.01 4.38
C GLY A 115 1.19 -8.71 5.15
N GLY A 116 1.38 -8.33 6.40
CA GLY A 116 2.35 -8.99 7.24
C GLY A 116 3.65 -8.23 7.39
N LEU A 117 3.68 -6.96 6.97
CA LEU A 117 4.86 -6.13 7.15
C LEU A 117 5.25 -6.09 8.63
N ASN A 118 4.24 -5.87 9.48
CA ASN A 118 4.45 -5.70 10.91
C ASN A 118 5.56 -4.68 11.17
N LEU A 119 5.48 -3.57 10.45
CA LEU A 119 6.45 -2.49 10.59
C LEU A 119 5.80 -1.30 11.28
N SER A 120 6.29 -0.97 12.45
CA SER A 120 5.77 0.14 13.19
C SER A 120 6.80 1.26 13.25
N SER A 121 6.38 2.47 12.96
CA SER A 121 7.28 3.62 13.00
C SER A 121 7.05 4.41 14.28
N LEU A 122 8.12 5.02 14.78
CA LEU A 122 8.08 5.73 16.04
C LEU A 122 7.48 7.13 15.89
N GLN A 123 6.98 7.66 16.99
CA GLN A 123 6.34 8.99 17.01
C GLN A 123 7.20 10.05 16.30
N ALA A 124 8.44 10.18 16.74
CA ALA A 124 9.30 11.26 16.30
C ALA A 124 9.87 11.04 14.90
N GLN A 125 9.48 9.96 14.24
CA GLN A 125 9.91 9.70 12.87
C GLN A 125 9.10 10.55 11.89
N GLY A 126 9.13 11.86 12.08
CA GLY A 126 8.40 12.77 11.23
C GLY A 126 8.87 12.67 9.79
N HIS A 127 8.07 12.00 8.96
CA HIS A 127 8.35 11.80 7.53
C HIS A 127 9.36 10.67 7.32
N ASP A 128 10.23 10.46 8.29
CA ASP A 128 11.29 9.46 8.17
C ASP A 128 10.76 8.07 8.46
N GLY A 129 9.76 7.99 9.33
CA GLY A 129 9.17 6.70 9.67
C GLY A 129 8.69 5.98 8.44
N VAL A 130 9.10 4.71 8.32
CA VAL A 130 8.82 3.90 7.12
C VAL A 130 7.35 3.90 6.73
N VAL A 131 6.46 3.99 7.71
CA VAL A 131 5.03 4.06 7.41
C VAL A 131 4.71 5.33 6.64
N HIS A 132 5.24 6.45 7.11
CA HIS A 132 5.05 7.75 6.48
C HIS A 132 5.68 7.74 5.09
N GLN A 133 6.82 7.10 4.98
CA GLN A 133 7.53 6.96 3.72
C GLN A 133 6.68 6.22 2.70
N VAL A 134 6.42 4.97 3.03
CA VAL A 134 5.70 4.05 2.16
C VAL A 134 4.35 4.62 1.72
N VAL A 135 3.59 5.16 2.66
CA VAL A 135 2.25 5.65 2.37
C VAL A 135 2.29 6.84 1.41
N TYR A 136 3.17 7.80 1.68
CA TYR A 136 3.27 8.98 0.84
C TYR A 136 3.90 8.64 -0.50
N GLY A 137 4.72 7.61 -0.51
CA GLY A 137 5.22 7.09 -1.76
C GLY A 137 4.11 6.50 -2.59
N LEU A 138 3.35 5.59 -1.97
CA LEU A 138 2.20 4.95 -2.59
C LEU A 138 1.26 6.00 -3.21
N MET A 139 0.93 7.03 -2.42
CA MET A 139 0.06 8.10 -2.85
C MET A 139 0.60 8.81 -4.08
N SER A 140 1.91 8.84 -4.20
CA SER A 140 2.57 9.51 -5.31
C SER A 140 2.80 8.55 -6.48
N GLY A 141 2.39 7.29 -6.30
CA GLY A 141 2.60 6.30 -7.32
C GLY A 141 4.00 5.69 -7.22
N ASP A 142 4.70 6.00 -6.15
CA ASP A 142 6.05 5.51 -5.95
C ASP A 142 6.07 4.31 -5.03
N THR A 143 6.24 3.15 -5.62
CA THR A 143 6.28 1.90 -4.88
C THR A 143 7.71 1.58 -4.45
N GLY A 144 8.63 2.48 -4.76
CA GLY A 144 10.03 2.29 -4.43
C GLY A 144 10.26 2.21 -2.94
N ALA A 145 9.45 2.93 -2.18
CA ALA A 145 9.56 2.94 -0.73
C ALA A 145 9.06 1.63 -0.15
N LEU A 146 8.05 1.05 -0.80
CA LEU A 146 7.47 -0.19 -0.33
C LEU A 146 8.48 -1.32 -0.48
N GLU A 147 9.30 -1.24 -1.53
CA GLU A 147 10.39 -2.20 -1.73
C GLU A 147 11.24 -2.30 -0.48
N THR A 148 11.57 -1.16 0.09
CA THR A 148 12.46 -1.07 1.22
C THR A 148 11.80 -1.68 2.45
N ALA A 149 10.48 -1.51 2.52
CA ALA A 149 9.69 -2.13 3.59
C ALA A 149 9.65 -3.64 3.41
N LEU A 150 9.37 -4.06 2.18
CA LEU A 150 9.34 -5.47 1.81
C LEU A 150 10.66 -6.15 2.14
N ASN A 151 11.76 -5.47 1.80
CA ASN A 151 13.10 -5.97 2.07
C ASN A 151 13.34 -6.21 3.57
N GLY A 152 12.40 -5.79 4.39
CA GLY A 152 12.53 -6.01 5.81
C GLY A 152 12.22 -7.44 6.18
N ILE A 153 11.18 -7.99 5.55
CA ILE A 153 10.82 -9.37 5.78
C ILE A 153 11.60 -10.30 4.87
N LEU A 154 11.63 -9.98 3.56
CA LEU A 154 12.31 -10.83 2.58
C LEU A 154 13.75 -11.12 2.97
N ASP A 155 14.45 -10.12 3.48
CA ASP A 155 15.87 -10.26 3.79
C ASP A 155 16.12 -11.35 4.84
N ASP A 156 15.13 -11.58 5.70
CA ASP A 156 15.24 -12.61 6.73
C ASP A 156 15.32 -13.99 6.07
N TYR A 157 14.62 -14.14 4.95
CA TYR A 157 14.64 -15.39 4.19
C TYR A 157 15.67 -15.32 3.07
N GLY A 158 16.14 -14.11 2.80
CA GLY A 158 17.14 -13.90 1.77
C GLY A 158 16.55 -13.52 0.42
N LEU A 159 15.38 -12.88 0.42
CA LEU A 159 14.77 -12.43 -0.83
C LEU A 159 14.82 -10.90 -0.93
N SER A 160 14.06 -10.37 -1.88
CA SER A 160 14.01 -8.92 -2.11
C SER A 160 12.78 -8.56 -2.96
N VAL A 161 12.51 -7.27 -3.11
CA VAL A 161 11.35 -6.82 -3.89
C VAL A 161 11.35 -7.45 -5.30
N ASN A 162 12.53 -7.62 -5.88
CA ASN A 162 12.64 -8.17 -7.23
C ASN A 162 12.72 -9.69 -7.24
N SER A 163 11.94 -10.34 -6.39
CA SER A 163 11.84 -11.80 -6.43
C SER A 163 10.73 -12.23 -7.40
N THR A 164 9.61 -12.68 -6.84
CA THR A 164 8.44 -13.05 -7.64
C THR A 164 7.21 -13.11 -6.73
N PHE A 165 6.03 -12.77 -7.23
CA PHE A 165 4.81 -12.85 -6.43
C PHE A 165 4.64 -14.23 -5.82
N ASP A 166 4.92 -15.26 -6.61
CA ASP A 166 4.86 -16.63 -6.10
C ASP A 166 5.98 -16.88 -5.08
N GLN A 167 7.22 -16.58 -5.48
CA GLN A 167 8.39 -16.86 -4.64
C GLN A 167 8.32 -16.13 -3.30
N VAL A 168 7.97 -14.85 -3.33
CA VAL A 168 7.87 -14.05 -2.11
C VAL A 168 6.82 -14.64 -1.18
N ALA A 169 5.59 -14.79 -1.69
CA ALA A 169 4.49 -15.32 -0.91
C ALA A 169 4.85 -16.68 -0.32
N ALA A 170 5.46 -17.52 -1.15
CA ALA A 170 5.89 -18.85 -0.73
C ALA A 170 6.95 -18.81 0.37
N ALA A 171 7.89 -17.89 0.25
CA ALA A 171 8.97 -17.79 1.20
C ALA A 171 8.48 -17.19 2.51
N THR A 172 7.48 -16.34 2.40
CA THR A 172 6.92 -15.68 3.56
C THR A 172 5.88 -16.57 4.21
N ALA A 173 5.48 -17.57 3.45
CA ALA A 173 4.59 -18.61 3.92
C ALA A 173 5.32 -19.43 4.97
N VAL A 174 6.57 -19.72 4.67
CA VAL A 174 7.43 -20.45 5.56
C VAL A 174 8.80 -20.61 4.90
N GLY A 175 8.78 -20.64 3.56
CA GLY A 175 10.00 -20.70 2.81
C GLY A 175 9.91 -21.59 1.62
N VAL A 176 9.55 -22.84 1.88
CA VAL A 176 9.18 -23.83 0.86
C VAL A 176 10.15 -23.86 -0.33
N GLN A 177 11.44 -23.84 -0.03
CA GLN A 177 12.46 -23.86 -1.07
C GLN A 177 13.63 -24.73 -0.63
N HIS A 178 14.33 -25.29 -1.59
CA HIS A 178 15.51 -26.09 -1.31
C HIS A 178 16.44 -26.05 -2.51
N ALA A 1 2.91 -14.06 9.17
CA ALA A 1 2.48 -12.68 9.42
C ALA A 1 2.46 -11.87 8.12
N PHE A 2 3.64 -11.53 7.62
CA PHE A 2 3.77 -10.74 6.42
C PHE A 2 3.75 -11.62 5.18
N SER A 3 3.25 -11.06 4.08
CA SER A 3 3.27 -11.70 2.78
C SER A 3 2.80 -10.75 1.70
N VAL A 4 3.02 -11.13 0.45
CA VAL A 4 2.45 -10.41 -0.68
C VAL A 4 1.11 -11.00 -1.01
N ASN A 5 0.12 -10.15 -1.04
CA ASN A 5 -1.24 -10.59 -1.25
C ASN A 5 -1.67 -10.32 -2.67
N TYR A 6 -0.82 -10.73 -3.57
CA TYR A 6 -1.13 -10.65 -4.97
C TYR A 6 -2.20 -11.69 -5.26
N ASP A 7 -3.04 -11.44 -6.24
CA ASP A 7 -3.99 -12.46 -6.68
C ASP A 7 -3.20 -13.64 -7.21
N SER A 8 -3.16 -14.72 -6.41
CA SER A 8 -2.50 -15.99 -6.73
C SER A 8 -2.62 -16.41 -8.20
N SER A 9 -1.86 -15.71 -9.01
CA SER A 9 -1.77 -15.95 -10.44
C SER A 9 -0.67 -15.05 -11.00
N PHE A 10 -0.42 -13.94 -10.31
CA PHE A 10 0.63 -13.01 -10.70
C PHE A 10 1.94 -13.34 -9.99
N GLY A 11 2.02 -14.54 -9.42
CA GLY A 11 3.17 -14.89 -8.60
C GLY A 11 4.41 -15.15 -9.44
N GLY A 12 4.92 -14.09 -10.04
CA GLY A 12 6.08 -14.18 -10.89
C GLY A 12 6.68 -12.82 -11.13
N TYR A 13 6.39 -11.90 -10.21
CA TYR A 13 6.96 -10.57 -10.23
C TYR A 13 7.84 -10.37 -9.03
N SER A 14 9.02 -9.87 -9.25
CA SER A 14 9.76 -9.29 -8.16
C SER A 14 9.00 -8.02 -7.76
N ILE A 15 8.76 -7.84 -6.47
CA ILE A 15 7.83 -6.83 -5.99
C ILE A 15 8.03 -5.46 -6.67
N HIS A 16 9.27 -4.99 -6.73
CA HIS A 16 9.56 -3.67 -7.32
C HIS A 16 9.14 -3.62 -8.79
N ASP A 17 9.18 -4.77 -9.46
CA ASP A 17 8.84 -4.85 -10.88
C ASP A 17 7.35 -4.62 -11.10
N TYR A 18 6.52 -5.32 -10.34
CA TYR A 18 5.07 -5.15 -10.49
C TYR A 18 4.64 -3.80 -9.96
N LEU A 19 5.14 -3.44 -8.78
CA LEU A 19 4.75 -2.19 -8.15
C LEU A 19 5.05 -1.01 -9.09
N GLY A 20 6.22 -1.02 -9.71
CA GLY A 20 6.56 0.00 -10.68
C GLY A 20 5.59 -0.01 -11.86
N GLN A 21 5.19 -1.20 -12.27
CA GLN A 21 4.26 -1.39 -13.36
C GLN A 21 2.88 -0.82 -13.02
N TRP A 22 2.44 -1.08 -11.81
CA TRP A 22 1.18 -0.54 -11.31
C TRP A 22 1.25 0.98 -11.27
N ALA A 23 2.40 1.50 -10.82
CA ALA A 23 2.62 2.94 -10.79
C ALA A 23 2.65 3.51 -12.20
N SER A 24 3.00 2.67 -13.16
CA SER A 24 3.03 3.07 -14.56
C SER A 24 1.63 3.48 -15.01
N THR A 25 0.66 2.58 -14.82
CA THR A 25 -0.72 2.86 -15.15
C THR A 25 -1.28 4.00 -14.29
N PHE A 26 -0.83 4.04 -13.03
CA PHE A 26 -1.23 5.10 -12.10
C PHE A 26 -0.89 6.47 -12.70
N GLY A 27 0.27 6.55 -13.34
CA GLY A 27 0.73 7.79 -13.94
C GLY A 27 -0.12 8.23 -15.12
N ASP A 28 -0.71 7.28 -15.84
CA ASP A 28 -1.47 7.59 -17.03
C ASP A 28 -2.84 8.17 -16.67
N VAL A 29 -2.95 9.49 -16.77
CA VAL A 29 -4.13 10.23 -16.34
C VAL A 29 -5.38 9.93 -17.16
N ASN A 30 -5.27 9.09 -18.19
CA ASN A 30 -6.34 8.92 -19.16
C ASN A 30 -7.40 7.92 -18.69
N HIS A 31 -7.17 7.26 -17.56
CA HIS A 31 -8.21 6.47 -16.89
C HIS A 31 -8.83 5.41 -17.80
N THR A 32 -8.29 4.19 -17.77
CA THR A 32 -8.85 3.09 -18.53
C THR A 32 -8.79 1.78 -17.76
N ASN A 33 -9.88 1.05 -17.78
CA ASN A 33 -9.98 -0.27 -17.15
C ASN A 33 -11.30 -0.94 -17.52
N GLY A 34 -11.22 -2.18 -17.99
CA GLY A 34 -12.41 -2.90 -18.42
C GLY A 34 -13.29 -3.39 -17.28
N ASN A 35 -12.83 -3.27 -16.04
CA ASN A 35 -13.57 -3.81 -14.91
C ASN A 35 -14.04 -2.71 -13.96
N VAL A 36 -13.78 -1.48 -14.34
CA VAL A 36 -14.09 -0.35 -13.46
C VAL A 36 -15.37 0.37 -13.89
N THR A 37 -16.37 0.34 -13.01
CA THR A 37 -17.61 1.07 -13.23
C THR A 37 -17.66 2.33 -12.38
N ASP A 38 -17.91 2.14 -11.09
CA ASP A 38 -18.09 3.23 -10.14
C ASP A 38 -16.83 4.06 -10.00
N ALA A 39 -15.79 3.46 -9.40
CA ALA A 39 -14.49 4.10 -9.21
C ALA A 39 -14.54 5.19 -8.13
N ASN A 40 -14.41 4.74 -6.89
CA ASN A 40 -14.36 5.64 -5.74
C ASN A 40 -12.94 6.17 -5.55
N SER A 41 -12.84 7.45 -5.25
CA SER A 41 -11.56 8.16 -5.23
C SER A 41 -10.71 7.81 -4.01
N GLY A 42 -11.34 7.65 -2.86
CA GLY A 42 -10.59 7.34 -1.66
C GLY A 42 -10.09 8.58 -0.96
N GLY A 43 -10.25 8.62 0.36
CA GLY A 43 -9.88 9.79 1.13
C GLY A 43 -10.05 9.60 2.62
N PHE A 44 -9.34 8.61 3.19
CA PHE A 44 -9.49 8.24 4.61
C PHE A 44 -10.90 7.76 4.97
N TYR A 45 -10.95 6.58 5.58
CA TYR A 45 -12.21 5.95 5.96
C TYR A 45 -12.60 6.34 7.39
N GLY A 46 -11.66 6.92 8.12
CA GLY A 46 -11.88 7.21 9.52
C GLY A 46 -12.66 8.48 9.76
N GLY A 47 -12.57 9.44 8.83
CA GLY A 47 -13.28 10.68 9.01
C GLY A 47 -12.91 11.72 7.99
N SER A 48 -12.38 12.85 8.46
CA SER A 48 -12.05 13.96 7.61
C SER A 48 -10.76 13.67 6.84
N LEU A 49 -9.73 13.26 7.56
CA LEU A 49 -8.45 12.94 7.00
C LEU A 49 -7.58 12.21 8.03
N SER A 50 -8.23 11.28 8.72
CA SER A 50 -7.58 10.42 9.70
C SER A 50 -8.38 9.13 9.81
N GLY A 51 -7.99 8.24 10.71
CA GLY A 51 -8.72 6.99 10.86
C GLY A 51 -7.81 5.79 10.80
N SER A 52 -8.39 4.60 10.78
CA SER A 52 -7.61 3.37 10.79
C SER A 52 -7.34 2.87 9.37
N GLN A 53 -8.06 3.41 8.39
CA GLN A 53 -7.89 2.97 7.01
C GLN A 53 -7.80 4.15 6.05
N TYR A 54 -7.10 3.93 4.94
CA TYR A 54 -6.78 4.99 3.99
C TYR A 54 -6.68 4.46 2.56
N ALA A 55 -7.79 4.55 1.83
CA ALA A 55 -7.82 4.13 0.44
C ALA A 55 -7.58 5.32 -0.49
N ILE A 56 -7.05 5.04 -1.67
CA ILE A 56 -6.70 6.06 -2.65
C ILE A 56 -6.93 5.49 -4.05
N SER A 57 -7.44 6.30 -4.93
CA SER A 57 -7.59 5.90 -6.32
C SER A 57 -7.06 6.98 -7.24
N SER A 58 -5.81 6.77 -7.66
CA SER A 58 -5.00 7.68 -8.49
C SER A 58 -5.47 9.15 -8.53
N THR A 59 -4.65 10.04 -8.01
CA THR A 59 -4.91 11.46 -8.17
C THR A 59 -4.80 11.87 -9.65
N ALA A 60 -4.12 11.04 -10.43
CA ALA A 60 -3.91 11.28 -11.84
C ALA A 60 -5.13 10.89 -12.68
N ASN A 61 -5.48 9.61 -12.65
CA ASN A 61 -6.52 9.08 -13.52
C ASN A 61 -7.73 8.60 -12.73
N GLN A 62 -7.65 8.81 -11.44
CA GLN A 62 -8.67 8.38 -10.48
C GLN A 62 -9.26 7.00 -10.76
N VAL A 63 -8.41 6.07 -11.22
CA VAL A 63 -8.78 4.67 -11.30
C VAL A 63 -7.72 3.79 -10.63
N THR A 64 -6.46 3.91 -11.05
CA THR A 64 -5.38 3.10 -10.48
C THR A 64 -5.29 3.33 -8.97
N ALA A 65 -5.83 2.39 -8.21
CA ALA A 65 -6.09 2.60 -6.81
C ALA A 65 -5.18 1.78 -5.89
N PHE A 66 -5.31 2.07 -4.61
CA PHE A 66 -4.51 1.48 -3.56
C PHE A 66 -5.23 1.66 -2.22
N VAL A 67 -5.59 0.55 -1.59
CA VAL A 67 -6.27 0.58 -0.30
C VAL A 67 -5.32 0.25 0.83
N ALA A 68 -4.96 1.26 1.60
CA ALA A 68 -4.06 1.09 2.72
C ALA A 68 -4.84 0.80 4.00
N GLY A 69 -4.19 0.17 4.97
CA GLY A 69 -4.82 -0.11 6.25
C GLY A 69 -3.80 -0.20 7.38
N GLY A 70 -4.13 0.42 8.51
CA GLY A 70 -3.22 0.42 9.65
C GLY A 70 -3.86 1.03 10.88
N ASN A 71 -3.18 1.99 11.51
CA ASN A 71 -3.70 2.63 12.70
C ASN A 71 -3.27 4.08 12.73
N LEU A 72 -3.88 4.86 11.87
CA LEU A 72 -3.42 6.20 11.55
C LEU A 72 -4.04 7.27 12.40
N THR A 73 -3.41 8.41 12.30
CA THR A 73 -3.89 9.64 12.85
C THR A 73 -3.10 10.76 12.19
N TYR A 74 -3.77 11.80 11.75
CA TYR A 74 -3.07 12.90 11.11
C TYR A 74 -2.79 13.99 12.15
N THR A 75 -1.65 14.64 12.04
CA THR A 75 -1.20 15.59 13.04
C THR A 75 -2.00 16.90 13.08
N LEU A 76 -1.86 17.71 12.03
CA LEU A 76 -2.36 19.08 11.98
C LEU A 76 -1.78 19.91 13.11
N PHE A 77 -2.44 19.89 14.26
CA PHE A 77 -2.03 20.70 15.39
C PHE A 77 -1.09 19.93 16.29
N ASN A 78 -0.81 18.69 15.91
CA ASN A 78 0.18 17.88 16.61
C ASN A 78 1.58 18.33 16.23
N GLU A 79 2.58 17.89 16.99
CA GLU A 79 3.94 18.43 16.90
C GLU A 79 4.47 18.57 15.45
N PRO A 80 4.60 17.48 14.67
CA PRO A 80 5.08 17.57 13.27
C PRO A 80 4.28 18.54 12.40
N ALA A 81 2.95 18.53 12.56
CA ALA A 81 2.05 19.42 11.81
C ALA A 81 1.94 19.02 10.34
N HIS A 82 0.70 19.01 9.85
CA HIS A 82 0.37 18.61 8.48
C HIS A 82 1.07 17.32 8.07
N THR A 83 0.86 16.28 8.86
CA THR A 83 1.61 15.05 8.68
C THR A 83 0.82 13.84 9.14
N LEU A 84 1.24 12.65 8.70
CA LEU A 84 0.61 11.40 9.08
C LEU A 84 1.53 10.63 10.02
N TYR A 85 0.94 9.75 10.83
CA TYR A 85 1.70 8.80 11.64
C TYR A 85 0.80 7.62 12.00
N GLY A 86 1.18 6.87 13.01
CA GLY A 86 0.41 5.70 13.38
C GLY A 86 0.92 4.42 12.76
N GLN A 87 0.06 3.42 12.70
CA GLN A 87 0.45 2.07 12.31
C GLN A 87 0.17 1.78 10.85
N LEU A 88 0.70 0.65 10.40
CA LEU A 88 0.57 0.17 9.04
C LEU A 88 0.74 -1.34 9.02
N ASP A 89 -0.13 -2.03 8.29
CA ASP A 89 -0.03 -3.48 8.17
C ASP A 89 -0.19 -3.93 6.73
N SER A 90 -1.24 -3.46 6.10
CA SER A 90 -1.61 -3.96 4.78
C SER A 90 -1.84 -2.86 3.75
N LEU A 91 -1.70 -3.26 2.48
CA LEU A 91 -1.96 -2.41 1.32
C LEU A 91 -2.70 -3.24 0.30
N SER A 92 -3.37 -2.62 -0.64
CA SER A 92 -4.03 -3.34 -1.70
C SER A 92 -4.03 -2.53 -2.99
N PHE A 93 -3.26 -2.95 -3.96
CA PHE A 93 -3.17 -2.24 -5.22
C PHE A 93 -4.19 -2.80 -6.19
N GLY A 94 -4.70 -1.95 -7.05
CA GLY A 94 -5.57 -2.41 -8.10
C GLY A 94 -6.08 -1.28 -8.95
N ASP A 95 -7.25 -1.45 -9.53
CA ASP A 95 -7.88 -0.42 -10.33
C ASP A 95 -9.34 -0.28 -9.98
N GLY A 96 -9.75 0.94 -9.67
CA GLY A 96 -11.14 1.25 -9.44
C GLY A 96 -11.63 0.78 -8.09
N LEU A 97 -11.90 1.70 -7.19
CA LEU A 97 -12.48 1.31 -5.93
C LEU A 97 -13.99 1.20 -6.06
N SER A 98 -14.50 0.21 -5.40
CA SER A 98 -15.91 -0.02 -5.30
C SER A 98 -16.40 0.53 -3.98
N GLY A 99 -17.66 0.88 -3.92
CA GLY A 99 -18.15 1.67 -2.82
C GLY A 99 -18.82 0.86 -1.73
N GLY A 100 -18.20 0.88 -0.56
CA GLY A 100 -18.85 0.36 0.63
C GLY A 100 -19.75 1.42 1.24
N ASP A 101 -19.55 2.66 0.78
CA ASP A 101 -20.31 3.84 1.23
C ASP A 101 -20.03 4.13 2.69
N THR A 102 -20.72 3.42 3.57
CA THR A 102 -20.52 3.55 4.99
C THR A 102 -19.64 2.41 5.47
N SER A 103 -19.27 1.58 4.52
CA SER A 103 -18.34 0.50 4.76
C SER A 103 -17.05 0.78 3.98
N PRO A 104 -15.96 0.06 4.28
CA PRO A 104 -14.64 0.37 3.71
C PRO A 104 -14.58 0.18 2.21
N TYR A 105 -13.69 0.93 1.57
CA TYR A 105 -13.47 0.84 0.14
C TYR A 105 -12.89 -0.52 -0.22
N SER A 106 -13.13 -0.93 -1.46
CA SER A 106 -12.66 -2.20 -1.93
C SER A 106 -12.22 -2.07 -3.37
N ILE A 107 -11.33 -2.95 -3.83
CA ILE A 107 -10.84 -2.86 -5.18
C ILE A 107 -11.74 -3.66 -6.13
N GLN A 108 -12.27 -2.99 -7.14
CA GLN A 108 -13.08 -3.64 -8.16
C GLN A 108 -12.26 -4.66 -8.93
N VAL A 109 -11.00 -4.30 -9.22
CA VAL A 109 -10.04 -5.23 -9.77
C VAL A 109 -8.95 -5.49 -8.74
N PRO A 110 -9.18 -6.48 -7.86
CA PRO A 110 -8.23 -6.84 -6.80
C PRO A 110 -6.91 -7.37 -7.33
N ASP A 111 -5.92 -6.49 -7.42
CA ASP A 111 -4.58 -6.89 -7.85
C ASP A 111 -3.71 -7.18 -6.64
N VAL A 112 -2.40 -7.03 -6.82
CA VAL A 112 -1.45 -7.31 -5.75
C VAL A 112 -1.71 -6.47 -4.52
N SER A 113 -1.60 -7.10 -3.38
CA SER A 113 -1.79 -6.46 -2.11
C SER A 113 -0.59 -6.75 -1.20
N PHE A 114 -0.63 -6.21 -0.01
CA PHE A 114 0.41 -6.44 0.99
C PHE A 114 -0.24 -6.62 2.35
N GLY A 115 0.34 -7.45 3.18
CA GLY A 115 -0.20 -7.61 4.52
C GLY A 115 0.82 -8.20 5.46
N GLY A 116 0.83 -7.74 6.70
CA GLY A 116 1.72 -8.29 7.69
C GLY A 116 2.96 -7.44 7.93
N LEU A 117 2.96 -6.21 7.42
CA LEU A 117 4.07 -5.28 7.67
C LEU A 117 4.23 -5.08 9.17
N ASN A 118 3.12 -4.77 9.85
CA ASN A 118 3.12 -4.56 11.29
C ASN A 118 4.12 -3.46 11.67
N LEU A 119 4.14 -2.40 10.89
CA LEU A 119 5.06 -1.29 11.11
C LEU A 119 4.32 -0.10 11.69
N SER A 120 4.61 0.23 12.93
CA SER A 120 4.01 1.38 13.56
C SER A 120 5.02 2.51 13.69
N SER A 121 4.61 3.70 13.28
CA SER A 121 5.50 4.86 13.32
C SER A 121 5.07 5.84 14.41
N LEU A 122 6.05 6.49 15.01
CA LEU A 122 5.81 7.36 16.15
C LEU A 122 5.31 8.74 15.73
N GLN A 123 4.79 9.49 16.70
CA GLN A 123 4.21 10.80 16.47
C GLN A 123 5.16 11.74 15.73
N ALA A 124 6.31 12.02 16.34
CA ALA A 124 7.19 13.07 15.88
C ALA A 124 8.05 12.65 14.68
N GLN A 125 7.71 11.55 14.03
CA GLN A 125 8.42 11.16 12.81
C GLN A 125 7.94 12.01 11.64
N GLY A 126 6.71 12.51 11.75
CA GLY A 126 6.15 13.40 10.74
C GLY A 126 6.16 12.80 9.35
N HIS A 127 6.88 13.44 8.45
CA HIS A 127 6.98 13.00 7.06
C HIS A 127 7.98 11.86 6.92
N ASP A 128 8.89 11.77 7.87
CA ASP A 128 9.98 10.81 7.78
C ASP A 128 9.54 9.45 8.32
N GLY A 129 8.47 9.45 9.11
CA GLY A 129 7.90 8.20 9.58
C GLY A 129 7.46 7.33 8.42
N VAL A 130 7.94 6.08 8.40
CA VAL A 130 7.74 5.17 7.27
C VAL A 130 6.28 5.03 6.84
N VAL A 131 5.34 5.11 7.78
CA VAL A 131 3.94 5.04 7.41
C VAL A 131 3.56 6.21 6.52
N HIS A 132 3.92 7.41 6.95
CA HIS A 132 3.66 8.63 6.18
C HIS A 132 4.27 8.51 4.79
N GLN A 133 5.48 7.97 4.76
CA GLN A 133 6.24 7.79 3.53
C GLN A 133 5.46 6.96 2.52
N VAL A 134 5.22 5.72 2.90
CA VAL A 134 4.62 4.74 1.99
C VAL A 134 3.27 5.18 1.41
N VAL A 135 2.43 5.83 2.23
CA VAL A 135 1.10 6.24 1.76
C VAL A 135 1.24 7.28 0.69
N TYR A 136 1.90 8.36 1.06
CA TYR A 136 2.03 9.50 0.17
C TYR A 136 2.92 9.16 -1.02
N GLY A 137 3.70 8.09 -0.88
CA GLY A 137 4.36 7.52 -2.02
C GLY A 137 3.37 6.83 -2.94
N LEU A 138 2.63 5.88 -2.38
CA LEU A 138 1.58 5.16 -3.10
C LEU A 138 0.65 6.11 -3.84
N MET A 139 0.12 7.07 -3.07
CA MET A 139 -0.80 8.09 -3.57
C MET A 139 -0.23 8.86 -4.76
N SER A 140 1.09 8.94 -4.80
CA SER A 140 1.77 9.66 -5.87
C SER A 140 2.28 8.72 -6.96
N GLY A 141 2.15 7.42 -6.73
CA GLY A 141 2.64 6.45 -7.69
C GLY A 141 4.11 6.14 -7.49
N ASP A 142 4.56 6.19 -6.24
CA ASP A 142 5.96 5.96 -5.90
C ASP A 142 6.07 4.79 -4.92
N THR A 143 6.95 3.85 -5.21
CA THR A 143 7.08 2.65 -4.40
C THR A 143 8.38 2.66 -3.58
N GLY A 144 9.15 3.74 -3.71
CA GLY A 144 10.47 3.81 -3.12
C GLY A 144 10.50 3.51 -1.62
N ALA A 145 9.50 3.99 -0.90
CA ALA A 145 9.45 3.76 0.53
C ALA A 145 8.85 2.41 0.85
N LEU A 146 7.99 1.92 -0.05
CA LEU A 146 7.32 0.64 0.16
C LEU A 146 8.34 -0.50 0.07
N GLU A 147 9.12 -0.51 -0.99
CA GLU A 147 10.16 -1.53 -1.18
C GLU A 147 11.14 -1.51 -0.01
N THR A 148 11.35 -0.31 0.51
CA THR A 148 12.20 -0.12 1.67
C THR A 148 11.57 -0.74 2.91
N ALA A 149 10.29 -0.45 3.14
CA ALA A 149 9.55 -1.02 4.27
C ALA A 149 9.47 -2.54 4.17
N LEU A 150 9.22 -3.04 2.97
CA LEU A 150 9.19 -4.47 2.70
C LEU A 150 10.50 -5.12 3.13
N ASN A 151 11.60 -4.44 2.80
CA ASN A 151 12.95 -4.89 3.17
C ASN A 151 13.10 -5.06 4.68
N GLY A 152 12.11 -4.62 5.44
CA GLY A 152 12.17 -4.74 6.88
C GLY A 152 11.91 -6.17 7.31
N ILE A 153 10.95 -6.82 6.65
CA ILE A 153 10.64 -8.21 6.93
C ILE A 153 11.54 -9.14 6.13
N LEU A 154 11.65 -8.89 4.82
CA LEU A 154 12.45 -9.75 3.94
C LEU A 154 13.87 -9.92 4.45
N ASP A 155 14.47 -8.84 4.94
CA ASP A 155 15.86 -8.86 5.39
C ASP A 155 16.08 -9.87 6.51
N ASP A 156 15.02 -10.19 7.23
CA ASP A 156 15.12 -11.16 8.33
C ASP A 156 15.28 -12.58 7.79
N TYR A 157 14.74 -12.82 6.60
CA TYR A 157 14.86 -14.12 5.96
C TYR A 157 15.94 -14.05 4.87
N GLY A 158 16.43 -12.86 4.61
CA GLY A 158 17.47 -12.65 3.63
C GLY A 158 16.95 -12.37 2.23
N LEU A 159 15.77 -11.75 2.13
CA LEU A 159 15.21 -11.40 0.84
C LEU A 159 15.21 -9.88 0.65
N SER A 160 14.47 -9.41 -0.34
CA SER A 160 14.35 -7.98 -0.62
C SER A 160 13.15 -7.72 -1.51
N VAL A 161 12.93 -6.46 -1.87
CA VAL A 161 11.84 -6.11 -2.79
C VAL A 161 11.98 -6.85 -4.13
N ASN A 162 13.20 -7.27 -4.46
CA ASN A 162 13.48 -7.91 -5.75
C ASN A 162 13.17 -9.40 -5.71
N SER A 163 12.46 -9.84 -4.70
CA SER A 163 12.06 -11.23 -4.63
C SER A 163 10.72 -11.41 -5.34
N THR A 164 10.56 -12.54 -6.01
CA THR A 164 9.37 -12.85 -6.77
C THR A 164 8.17 -13.08 -5.85
N PHE A 165 7.00 -12.60 -6.27
CA PHE A 165 5.75 -12.69 -5.50
C PHE A 165 5.61 -14.01 -4.76
N ASP A 166 5.75 -15.12 -5.48
CA ASP A 166 5.64 -16.43 -4.86
C ASP A 166 6.75 -16.62 -3.83
N GLN A 167 7.98 -16.31 -4.22
CA GLN A 167 9.14 -16.43 -3.35
C GLN A 167 9.13 -15.43 -2.19
N VAL A 168 8.19 -14.50 -2.16
CA VAL A 168 8.06 -13.58 -1.03
C VAL A 168 7.03 -14.11 -0.06
N ALA A 169 5.85 -14.38 -0.58
CA ALA A 169 4.76 -14.91 0.22
C ALA A 169 5.18 -16.22 0.87
N ALA A 170 5.78 -17.11 0.08
CA ALA A 170 6.28 -18.37 0.58
C ALA A 170 7.46 -18.18 1.52
N ALA A 171 8.26 -17.15 1.30
CA ALA A 171 9.45 -16.94 2.10
C ALA A 171 9.09 -16.52 3.50
N THR A 172 8.03 -15.75 3.59
CA THR A 172 7.58 -15.24 4.85
C THR A 172 6.74 -16.30 5.53
N ALA A 173 6.29 -17.23 4.71
CA ALA A 173 5.53 -18.39 5.16
C ALA A 173 6.46 -19.42 5.79
N VAL A 174 7.58 -19.67 5.12
CA VAL A 174 8.49 -20.75 5.52
C VAL A 174 9.74 -20.76 4.64
N GLY A 175 9.87 -19.74 3.80
CA GLY A 175 10.93 -19.70 2.82
C GLY A 175 12.20 -19.10 3.37
N VAL A 176 13.03 -19.95 3.91
CA VAL A 176 14.16 -19.53 4.69
C VAL A 176 15.34 -20.46 4.46
N GLN A 177 15.39 -21.02 3.26
CA GLN A 177 16.42 -21.97 2.89
C GLN A 177 16.63 -21.95 1.38
N HIS A 178 17.22 -20.86 0.89
CA HIS A 178 17.47 -20.66 -0.53
C HIS A 178 16.16 -20.50 -1.31
N ALA A 1 -17.36 4.33 1.69
CA ALA A 1 -16.49 3.46 0.88
C ALA A 1 -15.09 4.06 0.81
N PHE A 2 -14.09 3.18 0.88
CA PHE A 2 -12.68 3.58 0.96
C PHE A 2 -12.40 4.45 2.19
N SER A 3 -11.14 4.45 2.61
CA SER A 3 -10.67 5.34 3.67
C SER A 3 -9.17 5.24 3.83
N VAL A 4 -8.58 6.25 4.45
CA VAL A 4 -7.17 6.22 4.81
C VAL A 4 -7.03 5.66 6.20
N ASN A 5 -6.45 4.48 6.29
CA ASN A 5 -6.48 3.70 7.49
C ASN A 5 -5.24 3.92 8.31
N TYR A 6 -4.95 5.17 8.52
CA TYR A 6 -3.83 5.55 9.34
C TYR A 6 -4.13 5.15 10.77
N ASP A 7 -3.10 4.83 11.53
CA ASP A 7 -3.27 4.57 12.95
C ASP A 7 -3.78 5.83 13.63
N SER A 8 -5.10 5.86 13.88
CA SER A 8 -5.81 6.94 14.57
C SER A 8 -4.98 7.69 15.62
N SER A 9 -4.10 8.53 15.11
CA SER A 9 -3.24 9.38 15.92
C SER A 9 -2.51 10.35 15.01
N PHE A 10 -2.22 9.90 13.79
CA PHE A 10 -1.51 10.72 12.81
C PHE A 10 -2.49 11.54 11.98
N GLY A 11 -3.74 11.65 12.46
CA GLY A 11 -4.79 12.27 11.65
C GLY A 11 -4.63 13.77 11.55
N GLY A 12 -3.63 14.19 10.79
CA GLY A 12 -3.37 15.59 10.58
C GLY A 12 -2.43 15.82 9.42
N TYR A 13 -2.11 14.72 8.72
CA TYR A 13 -1.32 14.79 7.50
C TYR A 13 -2.21 14.83 6.29
N SER A 14 -1.84 15.62 5.32
CA SER A 14 -2.36 15.44 3.99
C SER A 14 -1.74 14.14 3.47
N ILE A 15 -2.54 13.22 2.97
CA ILE A 15 -2.05 11.91 2.60
C ILE A 15 -0.74 11.94 1.84
N HIS A 16 -0.68 12.80 0.83
CA HIS A 16 0.51 12.94 -0.01
C HIS A 16 1.74 13.31 0.83
N ASP A 17 1.51 14.06 1.90
CA ASP A 17 2.59 14.56 2.76
C ASP A 17 3.20 13.43 3.58
N TYR A 18 2.36 12.67 4.26
CA TYR A 18 2.86 11.57 5.09
C TYR A 18 3.44 10.47 4.22
N LEU A 19 2.77 10.16 3.11
CA LEU A 19 3.24 9.11 2.22
C LEU A 19 4.68 9.38 1.79
N GLY A 20 4.97 10.65 1.49
CA GLY A 20 6.32 11.06 1.20
C GLY A 20 7.26 10.78 2.37
N GLN A 21 6.81 11.10 3.57
CA GLN A 21 7.57 10.86 4.78
C GLN A 21 7.84 9.38 5.02
N TRP A 22 6.84 8.55 4.74
CA TRP A 22 6.98 7.11 4.86
C TRP A 22 8.05 6.63 3.90
N ALA A 23 8.02 7.15 2.68
CA ALA A 23 9.02 6.81 1.68
C ALA A 23 10.38 7.37 2.07
N SER A 24 10.38 8.52 2.74
CA SER A 24 11.60 9.13 3.22
C SER A 24 12.31 8.18 4.17
N THR A 25 11.57 7.70 5.17
CA THR A 25 12.09 6.74 6.12
C THR A 25 12.35 5.39 5.46
N PHE A 26 11.56 5.05 4.44
CA PHE A 26 11.75 3.82 3.69
C PHE A 26 13.12 3.82 3.01
N GLY A 27 13.41 4.89 2.28
CA GLY A 27 14.67 5.00 1.56
C GLY A 27 15.86 5.16 2.48
N ASP A 28 15.63 5.71 3.67
CA ASP A 28 16.71 5.96 4.62
C ASP A 28 17.20 4.65 5.24
N VAL A 29 18.40 4.24 4.85
CA VAL A 29 19.00 3.01 5.31
C VAL A 29 19.27 3.03 6.82
N ASN A 30 19.21 4.22 7.42
CA ASN A 30 19.51 4.40 8.82
C ASN A 30 18.26 4.25 9.68
N HIS A 31 17.10 4.20 9.03
CA HIS A 31 15.84 4.18 9.74
C HIS A 31 15.61 2.83 10.42
N THR A 32 15.58 2.83 11.73
CA THR A 32 15.31 1.63 12.50
C THR A 32 14.07 1.81 13.36
N ASN A 33 13.75 0.82 14.17
CA ASN A 33 12.61 0.90 15.07
C ASN A 33 12.78 -0.09 16.21
N GLY A 34 12.81 0.44 17.43
CA GLY A 34 13.02 -0.40 18.61
C GLY A 34 11.83 -1.29 18.92
N ASN A 35 10.74 -1.10 18.18
CA ASN A 35 9.52 -1.86 18.42
C ASN A 35 9.41 -2.96 17.39
N VAL A 36 10.40 -3.05 16.52
CA VAL A 36 10.44 -4.07 15.50
C VAL A 36 11.27 -5.27 15.95
N THR A 37 10.59 -6.40 16.13
CA THR A 37 11.22 -7.63 16.57
C THR A 37 11.61 -8.51 15.40
N ASP A 38 10.61 -9.08 14.75
CA ASP A 38 10.82 -10.11 13.74
C ASP A 38 11.39 -9.51 12.45
N ALA A 39 10.64 -8.58 11.86
CA ALA A 39 11.03 -7.92 10.63
C ALA A 39 11.04 -8.90 9.47
N ASN A 40 9.85 -9.24 9.03
CA ASN A 40 9.64 -10.13 7.91
C ASN A 40 9.69 -9.35 6.60
N SER A 41 10.39 -9.89 5.62
CA SER A 41 10.66 -9.20 4.37
C SER A 41 9.43 -9.09 3.48
N GLY A 42 8.63 -10.14 3.47
CA GLY A 42 7.43 -10.14 2.65
C GLY A 42 7.52 -11.10 1.47
N GLY A 43 7.09 -10.64 0.31
CA GLY A 43 7.11 -11.46 -0.89
C GLY A 43 5.97 -12.47 -0.93
N PHE A 44 4.73 -11.97 -1.12
CA PHE A 44 3.55 -12.82 -1.19
C PHE A 44 3.38 -13.67 0.08
N TYR A 45 2.43 -14.61 0.04
CA TYR A 45 2.22 -15.54 1.15
C TYR A 45 1.11 -16.53 0.84
N GLY A 46 0.23 -16.17 -0.11
CA GLY A 46 -0.87 -17.06 -0.45
C GLY A 46 -0.46 -18.17 -1.40
N GLY A 47 0.84 -18.29 -1.64
CA GLY A 47 1.34 -19.33 -2.50
C GLY A 47 2.82 -19.15 -2.76
N SER A 48 3.12 -18.56 -3.90
CA SER A 48 4.46 -18.18 -4.26
C SER A 48 4.39 -17.00 -5.20
N LEU A 49 3.81 -17.24 -6.36
CA LEU A 49 3.62 -16.22 -7.37
C LEU A 49 2.46 -15.30 -7.03
N SER A 50 1.35 -15.88 -6.57
CA SER A 50 0.18 -15.10 -6.23
C SER A 50 -0.48 -15.65 -4.97
N GLY A 51 -1.44 -14.91 -4.45
CA GLY A 51 -2.16 -15.36 -3.28
C GLY A 51 -2.82 -14.21 -2.54
N SER A 52 -3.46 -13.32 -3.30
CA SER A 52 -4.22 -12.19 -2.75
C SER A 52 -3.32 -11.13 -2.10
N GLN A 53 -2.48 -11.54 -1.16
CA GLN A 53 -1.63 -10.63 -0.42
C GLN A 53 -0.25 -10.52 -1.06
N TYR A 54 0.37 -9.35 -0.91
CA TYR A 54 1.73 -9.12 -1.38
C TYR A 54 2.43 -8.13 -0.46
N ALA A 55 3.29 -8.65 0.41
CA ALA A 55 4.02 -7.83 1.36
C ALA A 55 5.38 -7.42 0.81
N ILE A 56 5.82 -6.23 1.18
CA ILE A 56 7.12 -5.69 0.75
C ILE A 56 7.72 -4.83 1.84
N SER A 57 8.90 -5.19 2.27
CA SER A 57 9.62 -4.38 3.22
C SER A 57 10.77 -3.65 2.53
N SER A 58 11.24 -2.58 3.14
CA SER A 58 12.31 -1.75 2.60
C SER A 58 13.53 -2.59 2.21
N THR A 59 14.13 -2.25 1.09
CA THR A 59 15.36 -2.87 0.68
C THR A 59 16.55 -2.15 1.31
N ALA A 60 16.31 -0.91 1.74
CA ALA A 60 17.33 -0.08 2.33
C ALA A 60 17.57 -0.42 3.80
N ASN A 61 16.53 -0.28 4.60
CA ASN A 61 16.67 -0.48 6.05
C ASN A 61 15.93 -1.72 6.50
N GLN A 62 15.34 -2.40 5.51
CA GLN A 62 14.54 -3.61 5.71
C GLN A 62 13.61 -3.55 6.93
N VAL A 63 13.04 -2.39 7.20
CA VAL A 63 12.04 -2.29 8.25
C VAL A 63 10.77 -1.63 7.72
N THR A 64 10.90 -0.46 7.08
CA THR A 64 9.76 0.26 6.54
C THR A 64 9.05 -0.55 5.47
N ALA A 65 7.92 -1.13 5.84
CA ALA A 65 7.25 -2.11 4.99
C ALA A 65 5.92 -1.62 4.43
N PHE A 66 5.30 -2.49 3.66
CA PHE A 66 4.01 -2.23 3.02
C PHE A 66 3.34 -3.57 2.71
N VAL A 67 2.08 -3.69 3.07
CA VAL A 67 1.32 -4.91 2.80
C VAL A 67 0.10 -4.62 1.93
N ALA A 68 0.09 -5.17 0.73
CA ALA A 68 -1.08 -5.12 -0.13
C ALA A 68 -1.92 -6.39 0.07
N GLY A 69 -3.23 -6.28 -0.06
CA GLY A 69 -4.06 -7.44 0.18
C GLY A 69 -5.40 -7.35 -0.50
N GLY A 70 -5.55 -8.09 -1.58
CA GLY A 70 -6.78 -8.04 -2.35
C GLY A 70 -6.91 -9.21 -3.31
N ASN A 71 -6.45 -9.05 -4.54
CA ASN A 71 -6.60 -10.10 -5.52
C ASN A 71 -5.43 -10.10 -6.50
N LEU A 72 -4.27 -9.68 -6.03
CA LEU A 72 -3.06 -9.65 -6.83
C LEU A 72 -2.70 -11.05 -7.34
N THR A 73 -2.18 -11.08 -8.55
CA THR A 73 -1.80 -12.33 -9.20
C THR A 73 -0.62 -12.12 -10.13
N TYR A 74 0.39 -12.97 -9.99
CA TYR A 74 1.53 -12.94 -10.91
C TYR A 74 1.19 -13.81 -12.12
N THR A 75 1.25 -13.20 -13.29
CA THR A 75 0.80 -13.82 -14.52
C THR A 75 1.64 -15.04 -14.90
N LEU A 76 2.94 -14.93 -14.73
CA LEU A 76 3.90 -15.94 -15.13
C LEU A 76 3.71 -16.37 -16.57
N PHE A 77 2.85 -17.36 -16.78
CA PHE A 77 2.63 -17.95 -18.09
C PHE A 77 1.44 -17.31 -18.81
N ASN A 78 0.76 -16.39 -18.13
CA ASN A 78 -0.43 -15.76 -18.70
C ASN A 78 -0.05 -14.72 -19.75
N GLU A 79 -1.08 -14.08 -20.32
CA GLU A 79 -0.95 -13.25 -21.52
C GLU A 79 0.25 -12.29 -21.51
N PRO A 80 0.28 -11.24 -20.64
CA PRO A 80 1.44 -10.33 -20.56
C PRO A 80 2.75 -11.08 -20.27
N ALA A 81 2.64 -12.11 -19.43
CA ALA A 81 3.78 -12.97 -19.06
C ALA A 81 4.81 -12.23 -18.21
N HIS A 82 5.07 -12.80 -17.03
CA HIS A 82 5.96 -12.20 -16.04
C HIS A 82 5.43 -10.84 -15.62
N THR A 83 4.22 -10.84 -15.08
CA THR A 83 3.52 -9.61 -14.80
C THR A 83 2.71 -9.71 -13.51
N LEU A 84 2.25 -8.58 -13.01
CA LEU A 84 1.36 -8.53 -11.86
C LEU A 84 0.05 -7.88 -12.27
N TYR A 85 -1.05 -8.37 -11.71
CA TYR A 85 -2.36 -7.76 -11.90
C TYR A 85 -3.27 -8.18 -10.75
N GLY A 86 -4.58 -8.12 -10.94
CA GLY A 86 -5.49 -8.43 -9.87
C GLY A 86 -5.95 -7.20 -9.14
N GLN A 87 -6.51 -7.42 -7.96
CA GLN A 87 -7.01 -6.35 -7.13
C GLN A 87 -6.06 -6.06 -6.00
N LEU A 88 -6.33 -5.02 -5.27
CA LEU A 88 -5.51 -4.71 -4.09
C LEU A 88 -6.36 -4.25 -2.92
N ASP A 89 -7.35 -3.40 -3.20
CA ASP A 89 -8.34 -2.90 -2.23
C ASP A 89 -7.71 -2.10 -1.10
N SER A 90 -6.81 -2.72 -0.37
CA SER A 90 -6.22 -2.09 0.79
C SER A 90 -4.71 -2.29 0.87
N LEU A 91 -4.05 -1.19 1.18
CA LEU A 91 -2.62 -1.17 1.47
C LEU A 91 -2.43 -1.08 2.98
N SER A 92 -1.23 -1.32 3.44
CA SER A 92 -0.91 -1.15 4.83
C SER A 92 0.56 -0.81 5.02
N PHE A 93 0.84 0.40 5.44
CA PHE A 93 2.22 0.84 5.66
C PHE A 93 2.58 0.70 7.12
N GLY A 94 3.79 0.27 7.41
CA GLY A 94 4.25 0.27 8.78
C GLY A 94 5.66 -0.29 8.89
N ASP A 95 6.30 -0.06 10.02
CA ASP A 95 7.64 -0.57 10.24
C ASP A 95 7.61 -1.99 10.80
N GLY A 96 8.23 -2.90 10.06
CA GLY A 96 8.45 -4.24 10.54
C GLY A 96 7.25 -5.16 10.40
N LEU A 97 7.36 -6.16 9.54
CA LEU A 97 6.31 -7.18 9.46
C LEU A 97 6.59 -8.30 10.43
N SER A 98 5.53 -8.96 10.84
CA SER A 98 5.59 -10.06 11.75
C SER A 98 4.78 -11.24 11.22
N GLY A 99 4.95 -12.39 11.84
CA GLY A 99 4.23 -13.57 11.42
C GLY A 99 5.04 -14.38 10.44
N GLY A 100 4.41 -14.74 9.35
CA GLY A 100 5.11 -15.44 8.28
C GLY A 100 5.35 -16.91 8.59
N ASP A 101 4.75 -17.41 9.67
CA ASP A 101 4.92 -18.82 10.03
C ASP A 101 3.81 -19.66 9.41
N THR A 102 2.62 -19.53 9.96
CA THR A 102 1.46 -20.25 9.46
C THR A 102 0.31 -19.30 9.16
N SER A 103 0.55 -18.03 9.42
CA SER A 103 -0.39 -16.99 9.09
C SER A 103 0.33 -15.88 8.35
N PRO A 104 -0.40 -15.09 7.56
CA PRO A 104 0.16 -14.08 6.67
C PRO A 104 0.82 -12.93 7.42
N TYR A 105 1.42 -12.03 6.67
CA TYR A 105 2.19 -10.94 7.25
C TYR A 105 1.30 -9.92 7.92
N SER A 106 1.85 -9.26 8.92
CA SER A 106 1.15 -8.24 9.66
C SER A 106 2.14 -7.19 10.11
N ILE A 107 1.67 -5.96 10.28
CA ILE A 107 2.54 -4.88 10.66
C ILE A 107 2.75 -4.85 12.18
N GLN A 108 4.01 -4.94 12.61
CA GLN A 108 4.35 -4.90 14.03
C GLN A 108 4.02 -3.54 14.61
N VAL A 109 4.44 -2.48 13.92
CA VAL A 109 4.04 -1.14 14.28
C VAL A 109 3.13 -0.56 13.19
N PRO A 110 1.83 -0.81 13.31
CA PRO A 110 0.84 -0.37 12.33
C PRO A 110 0.78 1.15 12.18
N ASP A 111 1.30 1.64 11.07
CA ASP A 111 1.22 3.05 10.73
C ASP A 111 0.04 3.27 9.80
N VAL A 112 0.14 4.25 8.92
CA VAL A 112 -0.92 4.53 7.97
C VAL A 112 -1.18 3.35 7.05
N SER A 113 -2.43 3.15 6.73
CA SER A 113 -2.85 2.09 5.86
C SER A 113 -3.85 2.64 4.86
N PHE A 114 -4.33 1.80 3.98
CA PHE A 114 -5.35 2.19 3.03
C PHE A 114 -6.35 1.07 2.91
N GLY A 115 -7.61 1.38 2.69
CA GLY A 115 -8.59 0.34 2.49
C GLY A 115 -9.84 0.84 1.81
N GLY A 116 -10.39 0.02 0.94
CA GLY A 116 -11.62 0.40 0.26
C GLY A 116 -11.38 0.92 -1.14
N LEU A 117 -10.16 0.76 -1.65
CA LEU A 117 -9.83 1.18 -3.01
C LEU A 117 -10.80 0.52 -3.99
N ASN A 118 -10.96 -0.80 -3.85
CA ASN A 118 -11.80 -1.57 -4.77
C ASN A 118 -11.29 -1.39 -6.20
N LEU A 119 -9.97 -1.30 -6.33
CA LEU A 119 -9.34 -1.12 -7.61
C LEU A 119 -8.75 -2.42 -8.09
N SER A 120 -9.16 -2.83 -9.28
CA SER A 120 -8.66 -4.01 -9.92
C SER A 120 -8.27 -3.71 -11.36
N SER A 121 -7.15 -4.26 -11.80
CA SER A 121 -6.71 -4.08 -13.18
C SER A 121 -6.73 -5.41 -13.90
N LEU A 122 -7.27 -5.35 -15.11
CA LEU A 122 -7.49 -6.50 -15.94
C LEU A 122 -6.20 -7.24 -16.29
N GLN A 123 -6.36 -8.48 -16.73
CA GLN A 123 -5.24 -9.37 -17.04
C GLN A 123 -4.22 -8.72 -17.98
N ALA A 124 -4.69 -8.28 -19.14
CA ALA A 124 -3.82 -7.88 -20.22
C ALA A 124 -3.38 -6.42 -20.12
N GLN A 125 -3.54 -5.80 -18.96
CA GLN A 125 -3.01 -4.45 -18.77
C GLN A 125 -1.50 -4.53 -18.55
N GLY A 126 -1.08 -5.57 -17.84
CA GLY A 126 0.32 -5.82 -17.65
C GLY A 126 0.93 -4.91 -16.62
N HIS A 127 1.97 -4.20 -17.01
CA HIS A 127 2.65 -3.25 -16.15
C HIS A 127 1.84 -1.96 -16.08
N ASP A 128 0.91 -1.81 -17.01
CA ASP A 128 0.09 -0.62 -17.10
C ASP A 128 -1.13 -0.72 -16.18
N GLY A 129 -1.43 -1.93 -15.74
CA GLY A 129 -2.49 -2.11 -14.78
C GLY A 129 -2.14 -1.43 -13.46
N VAL A 130 -3.03 -0.55 -13.00
CA VAL A 130 -2.75 0.32 -11.86
C VAL A 130 -2.26 -0.43 -10.61
N VAL A 131 -2.77 -1.64 -10.36
CA VAL A 131 -2.33 -2.39 -9.20
C VAL A 131 -0.86 -2.77 -9.32
N HIS A 132 -0.47 -3.17 -10.52
CA HIS A 132 0.93 -3.47 -10.82
C HIS A 132 1.78 -2.22 -10.60
N GLN A 133 1.21 -1.08 -10.97
CA GLN A 133 1.89 0.19 -10.87
C GLN A 133 2.12 0.58 -9.42
N VAL A 134 1.02 0.72 -8.70
CA VAL A 134 1.04 1.16 -7.31
C VAL A 134 1.85 0.23 -6.41
N VAL A 135 1.76 -1.07 -6.64
CA VAL A 135 2.46 -2.04 -5.80
C VAL A 135 3.98 -1.93 -6.00
N TYR A 136 4.43 -1.87 -7.24
CA TYR A 136 5.84 -1.74 -7.52
C TYR A 136 6.34 -0.36 -7.13
N GLY A 137 5.45 0.61 -7.22
CA GLY A 137 5.74 1.93 -6.69
C GLY A 137 6.00 1.84 -5.20
N LEU A 138 5.04 1.28 -4.48
CA LEU A 138 5.15 1.06 -3.04
C LEU A 138 6.47 0.36 -2.69
N MET A 139 6.77 -0.70 -3.43
CA MET A 139 8.00 -1.47 -3.26
C MET A 139 9.24 -0.58 -3.39
N SER A 140 9.15 0.42 -4.24
CA SER A 140 10.27 1.34 -4.47
C SER A 140 10.19 2.55 -3.53
N GLY A 141 9.04 2.74 -2.90
CA GLY A 141 8.83 3.90 -2.04
C GLY A 141 8.08 5.00 -2.77
N ASP A 142 7.56 4.68 -3.95
CA ASP A 142 6.85 5.66 -4.76
C ASP A 142 5.37 5.70 -4.40
N THR A 143 4.91 6.87 -3.99
CA THR A 143 3.51 7.06 -3.69
C THR A 143 2.85 7.93 -4.76
N GLY A 144 3.59 8.19 -5.83
CA GLY A 144 3.12 9.05 -6.89
C GLY A 144 2.06 8.37 -7.73
N ALA A 145 2.12 7.05 -7.79
CA ALA A 145 1.07 6.27 -8.45
C ALA A 145 -0.07 6.01 -7.48
N LEU A 146 0.26 5.92 -6.19
CA LEU A 146 -0.75 5.67 -5.18
C LEU A 146 -1.73 6.83 -5.10
N GLU A 147 -1.18 8.05 -5.06
CA GLU A 147 -2.01 9.25 -4.98
C GLU A 147 -3.01 9.31 -6.13
N THR A 148 -2.61 8.78 -7.29
CA THR A 148 -3.43 8.85 -8.47
C THR A 148 -4.57 7.84 -8.36
N ALA A 149 -4.27 6.69 -7.78
CA ALA A 149 -5.28 5.68 -7.51
C ALA A 149 -6.26 6.17 -6.45
N LEU A 150 -5.71 6.71 -5.37
CA LEU A 150 -6.50 7.26 -4.27
C LEU A 150 -7.47 8.31 -4.79
N ASN A 151 -6.99 9.18 -5.67
CA ASN A 151 -7.80 10.24 -6.26
C ASN A 151 -9.06 9.71 -6.93
N GLY A 152 -9.12 8.40 -7.15
CA GLY A 152 -10.24 7.84 -7.87
C GLY A 152 -11.49 7.83 -7.03
N ILE A 153 -11.32 7.57 -5.74
CA ILE A 153 -12.44 7.61 -4.83
C ILE A 153 -12.67 9.04 -4.33
N LEU A 154 -11.58 9.70 -3.93
CA LEU A 154 -11.65 11.06 -3.40
C LEU A 154 -12.32 12.04 -4.36
N ASP A 155 -11.95 11.98 -5.63
CA ASP A 155 -12.43 12.96 -6.61
C ASP A 155 -13.95 12.94 -6.76
N ASP A 156 -14.56 11.80 -6.44
CA ASP A 156 -16.01 11.69 -6.48
C ASP A 156 -16.63 12.62 -5.44
N TYR A 157 -15.99 12.73 -4.29
CA TYR A 157 -16.46 13.56 -3.20
C TYR A 157 -15.76 14.91 -3.22
N GLY A 158 -14.75 15.03 -4.08
CA GLY A 158 -14.04 16.28 -4.25
C GLY A 158 -12.83 16.40 -3.34
N LEU A 159 -12.23 15.28 -2.97
CA LEU A 159 -11.01 15.30 -2.15
C LEU A 159 -9.81 14.84 -2.95
N SER A 160 -8.67 14.70 -2.29
CA SER A 160 -7.48 14.17 -2.91
C SER A 160 -6.45 13.79 -1.86
N VAL A 161 -5.28 13.35 -2.30
CA VAL A 161 -4.18 13.06 -1.39
C VAL A 161 -3.74 14.30 -0.60
N ASN A 162 -4.20 15.48 -1.01
CA ASN A 162 -3.83 16.71 -0.32
C ASN A 162 -4.81 17.02 0.81
N SER A 163 -5.74 16.11 1.03
CA SER A 163 -6.68 16.23 2.14
C SER A 163 -6.12 15.53 3.37
N THR A 164 -6.53 16.00 4.55
CA THR A 164 -6.01 15.49 5.82
C THR A 164 -6.49 14.08 6.13
N PHE A 165 -5.62 13.27 6.73
CA PHE A 165 -5.94 11.89 7.15
C PHE A 165 -7.36 11.76 7.70
N ASP A 166 -7.63 12.42 8.82
CA ASP A 166 -8.93 12.33 9.46
C ASP A 166 -10.04 12.76 8.51
N GLN A 167 -9.80 13.82 7.75
CA GLN A 167 -10.79 14.36 6.84
C GLN A 167 -11.10 13.39 5.69
N VAL A 168 -10.06 12.77 5.13
CA VAL A 168 -10.24 11.82 4.03
C VAL A 168 -11.02 10.61 4.48
N ALA A 169 -10.57 10.00 5.57
CA ALA A 169 -11.24 8.86 6.15
C ALA A 169 -12.69 9.18 6.45
N ALA A 170 -12.92 10.34 7.03
CA ALA A 170 -14.25 10.82 7.34
C ALA A 170 -15.06 11.10 6.08
N ALA A 171 -14.40 11.63 5.06
CA ALA A 171 -15.07 12.10 3.87
C ALA A 171 -15.62 10.95 3.08
N THR A 172 -14.91 9.85 3.15
CA THR A 172 -15.29 8.66 2.43
C THR A 172 -16.32 7.90 3.24
N ALA A 173 -16.25 8.15 4.54
CA ALA A 173 -17.14 7.53 5.50
C ALA A 173 -18.52 8.17 5.47
N VAL A 174 -18.55 9.50 5.38
CA VAL A 174 -19.79 10.25 5.51
C VAL A 174 -19.54 11.76 5.28
N GLY A 175 -18.32 12.07 4.88
CA GLY A 175 -17.89 13.45 4.75
C GLY A 175 -18.43 14.12 3.51
N VAL A 176 -19.13 13.33 2.76
CA VAL A 176 -19.81 13.70 1.53
C VAL A 176 -20.69 14.96 1.64
N GLN A 177 -20.04 16.12 1.71
CA GLN A 177 -20.74 17.40 1.73
C GLN A 177 -20.78 18.02 0.35
N HIS A 178 -20.99 17.18 -0.66
CA HIS A 178 -21.08 17.64 -2.04
C HIS A 178 -22.15 16.85 -2.78
N ALA A 1 3.55 -0.34 -15.02
CA ALA A 1 4.84 -1.02 -14.76
C ALA A 1 4.92 -1.46 -13.31
N PHE A 2 4.39 -2.64 -13.03
CA PHE A 2 4.25 -3.12 -11.67
C PHE A 2 5.45 -3.97 -11.25
N SER A 3 5.76 -3.94 -9.96
CA SER A 3 6.75 -4.82 -9.35
C SER A 3 6.54 -4.85 -7.84
N VAL A 4 7.11 -5.85 -7.17
CA VAL A 4 7.15 -5.86 -5.70
C VAL A 4 8.40 -5.16 -5.24
N ASN A 5 8.22 -4.21 -4.36
CA ASN A 5 9.33 -3.42 -3.87
C ASN A 5 9.70 -3.83 -2.48
N TYR A 6 9.86 -5.12 -2.32
CA TYR A 6 10.30 -5.67 -1.06
C TYR A 6 11.79 -5.36 -0.90
N ASP A 7 12.25 -5.27 0.35
CA ASP A 7 13.69 -5.12 0.60
C ASP A 7 14.40 -6.36 0.07
N SER A 8 15.01 -6.21 -1.12
CA SER A 8 15.80 -7.24 -1.82
C SER A 8 16.60 -8.14 -0.88
N SER A 9 15.88 -9.04 -0.24
CA SER A 9 16.44 -10.08 0.60
C SER A 9 15.33 -11.03 1.01
N PHE A 10 14.11 -10.51 1.12
CA PHE A 10 12.95 -11.31 1.53
C PHE A 10 12.25 -11.90 0.31
N GLY A 11 12.97 -12.01 -0.81
CA GLY A 11 12.36 -12.48 -2.04
C GLY A 11 12.04 -13.97 -1.99
N GLY A 12 11.08 -14.30 -1.14
CA GLY A 12 10.70 -15.68 -0.93
C GLY A 12 9.37 -15.78 -0.20
N TYR A 13 8.78 -14.63 0.08
CA TYR A 13 7.42 -14.57 0.60
C TYR A 13 6.45 -14.64 -0.54
N SER A 14 5.34 -15.33 -0.36
CA SER A 14 4.21 -15.08 -1.21
C SER A 14 3.69 -13.72 -0.78
N ILE A 15 3.30 -12.85 -1.72
CA ILE A 15 2.88 -11.51 -1.36
C ILE A 15 1.89 -11.54 -0.19
N HIS A 16 0.89 -12.41 -0.30
CA HIS A 16 -0.12 -12.59 0.74
C HIS A 16 0.51 -12.92 2.11
N ASP A 17 1.64 -13.62 2.09
CA ASP A 17 2.30 -14.04 3.32
C ASP A 17 2.80 -12.85 4.11
N TYR A 18 3.61 -12.01 3.48
CA TYR A 18 4.13 -10.83 4.16
C TYR A 18 3.00 -9.87 4.47
N LEU A 19 2.12 -9.65 3.50
CA LEU A 19 1.03 -8.70 3.66
C LEU A 19 0.22 -9.04 4.91
N GLY A 20 -0.14 -10.32 5.05
CA GLY A 20 -0.83 -10.77 6.25
C GLY A 20 -0.02 -10.54 7.50
N GLN A 21 1.27 -10.84 7.41
CA GLN A 21 2.19 -10.66 8.51
C GLN A 21 2.33 -9.19 8.91
N TRP A 22 2.43 -8.33 7.92
CA TRP A 22 2.53 -6.89 8.14
C TRP A 22 1.28 -6.40 8.86
N ALA A 23 0.12 -6.87 8.43
CA ALA A 23 -1.13 -6.51 9.06
C ALA A 23 -1.21 -7.09 10.47
N SER A 24 -0.56 -8.23 10.66
CA SER A 24 -0.47 -8.85 11.97
C SER A 24 0.28 -7.92 12.92
N THR A 25 1.43 -7.43 12.48
CA THR A 25 2.20 -6.46 13.24
C THR A 25 1.47 -5.13 13.35
N PHE A 26 0.65 -4.82 12.35
CA PHE A 26 -0.12 -3.59 12.33
C PHE A 26 -1.08 -3.55 13.50
N GLY A 27 -1.84 -4.63 13.68
CA GLY A 27 -2.74 -4.74 14.82
C GLY A 27 -1.99 -4.90 16.13
N ASP A 28 -0.73 -5.32 16.03
CA ASP A 28 0.10 -5.60 17.20
C ASP A 28 0.51 -4.31 17.89
N VAL A 29 -0.25 -3.96 18.92
CA VAL A 29 -0.12 -2.69 19.62
C VAL A 29 1.24 -2.50 20.31
N ASN A 30 1.92 -3.59 20.64
CA ASN A 30 3.12 -3.50 21.45
C ASN A 30 4.37 -3.36 20.60
N HIS A 31 4.22 -3.49 19.30
CA HIS A 31 5.35 -3.42 18.39
C HIS A 31 5.96 -2.02 18.38
N THR A 32 7.27 -1.96 18.60
CA THR A 32 8.00 -0.71 18.59
C THR A 32 9.25 -0.85 17.72
N ASN A 33 10.07 0.19 17.67
CA ASN A 33 11.28 0.16 16.86
C ASN A 33 12.26 1.22 17.32
N GLY A 34 13.43 0.78 17.76
CA GLY A 34 14.45 1.70 18.25
C GLY A 34 15.13 2.49 17.14
N ASN A 35 14.64 2.32 15.91
CA ASN A 35 15.19 3.01 14.76
C ASN A 35 14.24 4.10 14.32
N VAL A 36 13.12 4.21 15.02
CA VAL A 36 12.09 5.16 14.69
C VAL A 36 12.30 6.51 15.40
N THR A 37 12.39 7.55 14.60
CA THR A 37 12.49 8.92 15.07
C THR A 37 11.13 9.57 15.19
N ASP A 38 10.66 10.03 14.04
CA ASP A 38 9.44 10.80 13.96
C ASP A 38 8.23 9.91 14.12
N ALA A 39 8.10 8.98 13.18
CA ALA A 39 6.92 8.14 13.07
C ALA A 39 5.72 8.98 12.68
N ASN A 40 5.64 9.26 11.39
CA ASN A 40 4.59 10.09 10.85
C ASN A 40 3.29 9.28 10.71
N SER A 41 2.20 9.89 11.15
CA SER A 41 0.92 9.20 11.28
C SER A 41 0.17 9.06 9.96
N GLY A 42 0.36 10.02 9.09
CA GLY A 42 -0.40 10.06 7.85
C GLY A 42 -0.04 11.27 7.04
N GLY A 43 -0.76 11.54 5.96
CA GLY A 43 -0.34 12.59 5.06
C GLY A 43 -1.45 13.34 4.34
N PHE A 44 -1.91 12.78 3.22
CA PHE A 44 -2.62 13.55 2.20
C PHE A 44 -1.70 14.65 1.68
N TYR A 45 -0.59 14.22 1.12
CA TYR A 45 0.48 15.12 0.71
C TYR A 45 0.20 15.71 -0.66
N GLY A 46 -0.78 16.60 -0.71
CA GLY A 46 -1.14 17.25 -1.94
C GLY A 46 -1.86 18.56 -1.69
N GLY A 47 -2.69 18.60 -0.65
CA GLY A 47 -3.41 19.82 -0.33
C GLY A 47 -4.33 19.67 0.85
N SER A 48 -5.60 20.00 0.64
CA SER A 48 -6.57 20.02 1.72
C SER A 48 -6.95 18.62 2.16
N LEU A 49 -7.09 17.72 1.19
CA LEU A 49 -7.56 16.36 1.46
C LEU A 49 -7.35 15.48 0.24
N SER A 50 -6.36 15.81 -0.55
CA SER A 50 -6.08 15.11 -1.79
C SER A 50 -4.61 15.24 -2.13
N GLY A 51 -4.18 14.59 -3.20
CA GLY A 51 -2.80 14.73 -3.64
C GLY A 51 -2.29 13.48 -4.32
N SER A 52 -0.98 13.40 -4.48
CA SER A 52 -0.38 12.25 -5.12
C SER A 52 -0.01 11.17 -4.11
N GLN A 53 0.09 11.56 -2.84
CA GLN A 53 0.54 10.65 -1.81
C GLN A 53 -0.33 10.74 -0.56
N TYR A 54 -0.48 9.61 0.12
CA TYR A 54 -1.34 9.52 1.29
C TYR A 54 -0.78 8.46 2.23
N ALA A 55 -0.23 8.92 3.34
CA ALA A 55 0.39 8.04 4.31
C ALA A 55 -0.58 7.62 5.40
N ILE A 56 -0.32 6.48 6.00
CA ILE A 56 -1.12 5.93 7.08
C ILE A 56 -0.23 5.14 8.02
N SER A 57 -0.45 5.30 9.31
CA SER A 57 0.27 4.52 10.30
C SER A 57 -0.70 3.88 11.30
N SER A 58 -0.28 2.74 11.83
CA SER A 58 -1.10 1.94 12.75
C SER A 58 -1.67 2.76 13.90
N THR A 59 -2.98 2.77 14.03
CA THR A 59 -3.65 3.42 15.15
C THR A 59 -3.66 2.49 16.37
N ALA A 60 -2.54 1.80 16.57
CA ALA A 60 -2.41 0.84 17.64
C ALA A 60 -0.98 0.82 18.17
N ASN A 61 -0.01 0.80 17.27
CA ASN A 61 1.39 0.85 17.67
C ASN A 61 2.09 2.05 17.02
N GLN A 62 1.32 2.78 16.22
CA GLN A 62 1.77 3.89 15.39
C GLN A 62 3.20 3.77 14.89
N VAL A 63 3.57 2.57 14.47
CA VAL A 63 4.82 2.34 13.79
C VAL A 63 4.57 1.58 12.47
N THR A 64 3.72 0.55 12.51
CA THR A 64 3.40 -0.21 11.31
C THR A 64 2.62 0.66 10.34
N ALA A 65 3.32 1.25 9.39
CA ALA A 65 2.74 2.24 8.50
C ALA A 65 2.61 1.73 7.07
N PHE A 66 2.08 2.60 6.21
CA PHE A 66 1.88 2.31 4.81
C PHE A 66 1.79 3.63 4.03
N VAL A 67 2.54 3.70 2.94
CA VAL A 67 2.55 4.89 2.10
C VAL A 67 1.87 4.60 0.75
N ALA A 68 0.79 5.32 0.47
CA ALA A 68 0.12 5.20 -0.82
C ALA A 68 0.64 6.26 -1.79
N GLY A 69 0.63 5.95 -3.07
CA GLY A 69 1.09 6.89 -4.07
C GLY A 69 0.38 6.72 -5.40
N GLY A 70 -0.23 7.79 -5.87
CA GLY A 70 -0.96 7.77 -7.12
C GLY A 70 -1.58 9.12 -7.44
N ASN A 71 -2.89 9.20 -7.35
CA ASN A 71 -3.61 10.44 -7.59
C ASN A 71 -4.87 10.46 -6.72
N LEU A 72 -4.71 10.00 -5.49
CA LEU A 72 -5.81 9.88 -4.55
C LEU A 72 -6.49 11.21 -4.30
N THR A 73 -7.80 11.19 -4.39
CA THR A 73 -8.60 12.39 -4.25
C THR A 73 -9.83 12.12 -3.38
N TYR A 74 -10.08 13.00 -2.42
CA TYR A 74 -11.23 12.88 -1.55
C TYR A 74 -12.40 13.64 -2.17
N THR A 75 -13.53 12.94 -2.30
CA THR A 75 -14.70 13.48 -2.98
C THR A 75 -15.26 14.71 -2.28
N LEU A 76 -15.21 14.68 -0.93
CA LEU A 76 -15.73 15.75 -0.09
C LEU A 76 -17.14 16.16 -0.48
N PHE A 77 -17.24 17.18 -1.33
CA PHE A 77 -18.54 17.74 -1.71
C PHE A 77 -19.02 17.23 -3.07
N ASN A 78 -18.32 16.24 -3.61
CA ASN A 78 -18.72 15.61 -4.86
C ASN A 78 -19.83 14.60 -4.63
N GLU A 79 -20.29 13.98 -5.72
CA GLU A 79 -21.47 13.10 -5.69
C GLU A 79 -21.39 12.00 -4.62
N PRO A 80 -20.33 11.16 -4.61
CA PRO A 80 -20.18 10.13 -3.57
C PRO A 80 -20.22 10.72 -2.16
N ALA A 81 -19.63 11.90 -1.99
CA ALA A 81 -19.66 12.64 -0.72
C ALA A 81 -18.92 11.91 0.40
N HIS A 82 -17.87 12.56 0.88
CA HIS A 82 -17.04 12.03 1.96
C HIS A 82 -16.54 10.63 1.65
N THR A 83 -15.83 10.52 0.54
CA THR A 83 -15.31 9.25 0.08
C THR A 83 -14.00 9.47 -0.67
N LEU A 84 -13.22 8.41 -0.85
CA LEU A 84 -11.97 8.50 -1.59
C LEU A 84 -12.14 7.96 -3.00
N TYR A 85 -11.34 8.48 -3.92
CA TYR A 85 -11.19 7.93 -5.26
C TYR A 85 -9.82 8.38 -5.78
N GLY A 86 -9.67 8.51 -7.09
CA GLY A 86 -8.39 8.90 -7.64
C GLY A 86 -7.56 7.73 -8.10
N GLN A 87 -6.30 8.00 -8.37
CA GLN A 87 -5.40 7.00 -8.90
C GLN A 87 -4.51 6.40 -7.83
N LEU A 88 -3.91 5.29 -8.18
CA LEU A 88 -3.01 4.58 -7.29
C LEU A 88 -2.04 3.74 -8.11
N ASP A 89 -0.78 3.79 -7.74
CA ASP A 89 0.24 3.04 -8.45
C ASP A 89 1.14 2.33 -7.47
N SER A 90 1.67 3.09 -6.54
CA SER A 90 2.62 2.57 -5.57
C SER A 90 2.03 2.46 -4.16
N LEU A 91 2.59 1.52 -3.40
CA LEU A 91 2.30 1.34 -1.98
C LEU A 91 3.61 1.08 -1.29
N SER A 92 3.62 1.09 0.03
CA SER A 92 4.86 0.94 0.75
C SER A 92 4.60 0.57 2.19
N PHE A 93 4.95 -0.64 2.56
CA PHE A 93 4.74 -1.11 3.90
C PHE A 93 6.06 -1.10 4.67
N GLY A 94 6.04 -0.55 5.87
CA GLY A 94 7.24 -0.56 6.68
C GLY A 94 7.00 0.03 8.05
N ASP A 95 7.97 -0.14 8.94
CA ASP A 95 7.86 0.41 10.28
C ASP A 95 8.44 1.81 10.37
N GLY A 96 7.56 2.76 10.64
CA GLY A 96 7.96 4.12 10.94
C GLY A 96 8.17 4.97 9.71
N LEU A 97 7.32 5.97 9.51
CA LEU A 97 7.58 6.94 8.48
C LEU A 97 8.39 8.09 9.02
N SER A 98 9.01 8.80 8.12
CA SER A 98 9.73 10.01 8.45
C SER A 98 9.30 11.08 7.47
N GLY A 99 9.66 12.31 7.78
CA GLY A 99 9.22 13.42 7.00
C GLY A 99 10.26 13.88 6.02
N GLY A 100 9.85 13.99 4.76
CA GLY A 100 10.75 14.45 3.71
C GLY A 100 10.93 15.96 3.73
N ASP A 101 10.85 16.53 4.94
CA ASP A 101 10.93 17.98 5.15
C ASP A 101 9.72 18.68 4.57
N THR A 102 9.85 19.06 3.32
CA THR A 102 8.77 19.70 2.60
C THR A 102 8.43 18.87 1.39
N SER A 103 8.98 17.67 1.38
CA SER A 103 8.69 16.70 0.36
C SER A 103 8.02 15.49 1.02
N PRO A 104 7.45 14.59 0.23
CA PRO A 104 6.61 13.50 0.74
C PRO A 104 7.35 12.54 1.68
N TYR A 105 6.54 11.76 2.39
CA TYR A 105 7.01 10.86 3.45
C TYR A 105 7.84 9.71 2.90
N SER A 106 8.55 9.06 3.80
CA SER A 106 9.44 7.96 3.46
C SER A 106 9.52 6.99 4.62
N ILE A 107 9.82 5.74 4.29
CA ILE A 107 9.88 4.68 5.29
C ILE A 107 11.24 4.69 5.97
N GLN A 108 11.23 4.75 7.30
CA GLN A 108 12.44 4.66 8.08
C GLN A 108 13.06 3.29 7.93
N VAL A 109 12.25 2.25 8.13
CA VAL A 109 12.66 0.89 7.85
C VAL A 109 11.85 0.35 6.69
N PRO A 110 12.31 0.62 5.46
CA PRO A 110 11.63 0.24 4.22
C PRO A 110 11.62 -1.26 3.99
N ASP A 111 10.48 -1.88 4.19
CA ASP A 111 10.31 -3.30 3.92
C ASP A 111 9.61 -3.45 2.56
N VAL A 112 8.70 -4.41 2.46
CA VAL A 112 8.00 -4.66 1.21
C VAL A 112 7.17 -3.45 0.78
N SER A 113 7.14 -3.22 -0.50
CA SER A 113 6.38 -2.12 -1.06
C SER A 113 5.78 -2.56 -2.39
N PHE A 114 5.05 -1.66 -3.01
CA PHE A 114 4.41 -1.95 -4.28
C PHE A 114 4.56 -0.77 -5.22
N GLY A 115 4.59 -1.05 -6.50
CA GLY A 115 4.63 0.01 -7.48
C GLY A 115 4.24 -0.48 -8.84
N GLY A 116 3.36 0.25 -9.50
CA GLY A 116 2.98 -0.11 -10.85
C GLY A 116 1.59 -0.71 -10.96
N LEU A 117 0.78 -0.55 -9.92
CA LEU A 117 -0.61 -1.01 -9.98
C LEU A 117 -1.32 -0.35 -11.16
N ASN A 118 -1.08 0.96 -11.32
CA ASN A 118 -1.70 1.75 -12.37
C ASN A 118 -3.22 1.55 -12.37
N LEU A 119 -3.81 1.71 -11.20
CA LEU A 119 -5.25 1.62 -11.04
C LEU A 119 -5.83 2.99 -10.76
N SER A 120 -6.70 3.46 -11.64
CA SER A 120 -7.38 4.73 -11.43
C SER A 120 -8.88 4.51 -11.29
N SER A 121 -9.47 5.14 -10.28
CA SER A 121 -10.89 4.97 -10.01
C SER A 121 -11.70 6.18 -10.47
N LEU A 122 -12.97 5.95 -10.77
CA LEU A 122 -13.86 7.01 -11.24
C LEU A 122 -14.42 7.82 -10.08
N GLN A 123 -15.00 8.97 -10.39
CA GLN A 123 -15.52 9.88 -9.37
C GLN A 123 -16.58 9.20 -8.51
N ALA A 124 -17.64 8.71 -9.15
CA ALA A 124 -18.82 8.21 -8.46
C ALA A 124 -18.61 6.85 -7.80
N GLN A 125 -17.38 6.34 -7.85
CA GLN A 125 -17.07 5.07 -7.21
C GLN A 125 -16.85 5.27 -5.72
N GLY A 126 -17.86 5.81 -5.04
CA GLY A 126 -17.77 6.05 -3.63
C GLY A 126 -17.59 4.77 -2.84
N HIS A 127 -16.35 4.51 -2.43
CA HIS A 127 -15.97 3.32 -1.64
C HIS A 127 -15.79 2.10 -2.53
N ASP A 128 -16.52 2.03 -3.63
CA ASP A 128 -16.49 0.87 -4.52
C ASP A 128 -15.30 0.92 -5.45
N GLY A 129 -14.83 2.13 -5.76
CA GLY A 129 -13.64 2.27 -6.57
C GLY A 129 -12.48 1.53 -5.95
N VAL A 130 -11.82 0.68 -6.74
CA VAL A 130 -10.79 -0.23 -6.21
C VAL A 130 -9.68 0.51 -5.50
N VAL A 131 -9.48 1.78 -5.86
CA VAL A 131 -8.49 2.60 -5.23
C VAL A 131 -8.87 2.88 -3.78
N HIS A 132 -10.12 3.29 -3.57
CA HIS A 132 -10.67 3.52 -2.24
C HIS A 132 -10.64 2.23 -1.43
N GLN A 133 -10.95 1.13 -2.11
CA GLN A 133 -10.95 -0.19 -1.49
C GLN A 133 -9.61 -0.50 -0.86
N VAL A 134 -8.61 -0.66 -1.71
CA VAL A 134 -7.29 -1.09 -1.29
C VAL A 134 -6.66 -0.16 -0.25
N VAL A 135 -6.83 1.14 -0.42
CA VAL A 135 -6.20 2.11 0.46
C VAL A 135 -6.81 2.05 1.87
N TYR A 136 -8.13 2.04 1.95
CA TYR A 136 -8.81 1.97 3.24
C TYR A 136 -8.66 0.59 3.84
N GLY A 137 -8.41 -0.40 3.00
CA GLY A 137 -8.05 -1.71 3.49
C GLY A 137 -6.72 -1.65 4.22
N LEU A 138 -5.70 -1.14 3.52
CA LEU A 138 -4.38 -0.92 4.11
C LEU A 138 -4.47 -0.21 5.45
N MET A 139 -5.18 0.91 5.43
CA MET A 139 -5.39 1.75 6.62
C MET A 139 -5.98 0.95 7.77
N SER A 140 -6.84 0.01 7.46
CA SER A 140 -7.55 -0.76 8.48
C SER A 140 -6.80 -2.04 8.85
N GLY A 141 -5.68 -2.27 8.18
CA GLY A 141 -4.92 -3.49 8.44
C GLY A 141 -5.44 -4.66 7.64
N ASP A 142 -6.09 -4.36 6.52
CA ASP A 142 -6.63 -5.38 5.63
C ASP A 142 -5.84 -5.43 4.35
N THR A 143 -5.49 -6.63 3.89
CA THR A 143 -4.76 -6.77 2.66
C THR A 143 -5.60 -7.44 1.58
N GLY A 144 -6.75 -7.98 1.99
CA GLY A 144 -7.60 -8.76 1.10
C GLY A 144 -7.94 -8.04 -0.19
N ALA A 145 -8.18 -6.74 -0.10
CA ALA A 145 -8.50 -5.95 -1.29
C ALA A 145 -7.26 -5.74 -2.16
N LEU A 146 -6.12 -5.56 -1.51
CA LEU A 146 -4.88 -5.34 -2.24
C LEU A 146 -4.47 -6.62 -2.98
N GLU A 147 -4.69 -7.76 -2.34
CA GLU A 147 -4.40 -9.06 -2.92
C GLU A 147 -5.13 -9.23 -4.25
N THR A 148 -6.36 -8.73 -4.31
CA THR A 148 -7.17 -8.86 -5.49
C THR A 148 -6.71 -7.87 -6.56
N ALA A 149 -6.26 -6.69 -6.10
CA ALA A 149 -5.72 -5.68 -6.99
C ALA A 149 -4.43 -6.17 -7.62
N LEU A 150 -3.60 -6.78 -6.78
CA LEU A 150 -2.37 -7.42 -7.20
C LEU A 150 -2.64 -8.45 -8.28
N ASN A 151 -3.67 -9.27 -8.04
CA ASN A 151 -4.10 -10.28 -9.01
C ASN A 151 -4.38 -9.66 -10.38
N GLY A 152 -4.53 -8.35 -10.42
CA GLY A 152 -4.84 -7.69 -11.67
C GLY A 152 -3.66 -7.69 -12.60
N ILE A 153 -2.48 -7.39 -12.06
CA ILE A 153 -1.28 -7.42 -12.86
C ILE A 153 -0.74 -8.85 -12.98
N LEU A 154 -0.68 -9.57 -11.86
CA LEU A 154 -0.13 -10.92 -11.85
C LEU A 154 -0.86 -11.83 -12.83
N ASP A 155 -2.16 -11.68 -12.96
CA ASP A 155 -2.95 -12.56 -13.83
C ASP A 155 -2.54 -12.41 -15.30
N ASP A 156 -1.92 -11.28 -15.63
CA ASP A 156 -1.39 -11.06 -16.97
C ASP A 156 -0.24 -12.00 -17.25
N TYR A 157 0.49 -12.36 -16.20
CA TYR A 157 1.61 -13.27 -16.31
C TYR A 157 1.22 -14.66 -15.79
N GLY A 158 0.05 -14.74 -15.16
CA GLY A 158 -0.46 -16.00 -14.65
C GLY A 158 -0.16 -16.23 -13.17
N LEU A 159 0.12 -15.17 -12.43
CA LEU A 159 0.40 -15.29 -11.00
C LEU A 159 -0.78 -14.80 -10.17
N SER A 160 -0.54 -14.62 -8.88
CA SER A 160 -1.55 -14.15 -7.94
C SER A 160 -0.86 -13.57 -6.71
N VAL A 161 -1.63 -13.08 -5.73
CA VAL A 161 -1.05 -12.57 -4.48
C VAL A 161 -0.19 -13.63 -3.80
N ASN A 162 -0.48 -14.91 -4.06
CA ASN A 162 0.25 -16.00 -3.45
C ASN A 162 1.45 -16.41 -4.30
N SER A 163 2.06 -15.43 -4.97
CA SER A 163 3.27 -15.67 -5.73
C SER A 163 4.49 -15.18 -4.94
N THR A 164 5.63 -15.81 -5.16
CA THR A 164 6.85 -15.54 -4.41
C THR A 164 7.46 -14.19 -4.80
N PHE A 165 7.84 -13.37 -3.82
CA PHE A 165 8.41 -12.03 -4.06
C PHE A 165 9.35 -11.99 -5.26
N ASP A 166 10.35 -12.87 -5.26
CA ASP A 166 11.31 -12.96 -6.37
C ASP A 166 10.60 -13.23 -7.70
N GLN A 167 9.69 -14.20 -7.68
CA GLN A 167 9.00 -14.63 -8.88
C GLN A 167 8.00 -13.58 -9.38
N VAL A 168 7.36 -12.87 -8.45
CA VAL A 168 6.47 -11.76 -8.80
C VAL A 168 7.27 -10.69 -9.48
N ALA A 169 8.34 -10.27 -8.84
CA ALA A 169 9.21 -9.24 -9.37
C ALA A 169 9.71 -9.61 -10.77
N ALA A 170 10.16 -10.85 -10.92
CA ALA A 170 10.62 -11.35 -12.20
C ALA A 170 9.48 -11.42 -13.22
N ALA A 171 8.27 -11.70 -12.75
CA ALA A 171 7.12 -11.80 -13.62
C ALA A 171 6.68 -10.42 -14.06
N THR A 172 6.87 -9.46 -13.18
CA THR A 172 6.49 -8.09 -13.47
C THR A 172 7.61 -7.40 -14.22
N ALA A 173 8.75 -8.06 -14.22
CA ALA A 173 9.90 -7.65 -14.99
C ALA A 173 9.60 -7.86 -16.45
N VAL A 174 8.94 -8.98 -16.74
CA VAL A 174 8.63 -9.35 -18.09
C VAL A 174 7.69 -10.54 -18.12
N GLY A 175 7.85 -11.41 -17.13
CA GLY A 175 7.05 -12.63 -17.08
C GLY A 175 7.91 -13.84 -17.23
N VAL A 176 8.00 -14.62 -16.17
CA VAL A 176 8.97 -15.70 -16.12
C VAL A 176 8.30 -17.01 -15.74
N GLN A 177 8.81 -18.12 -16.27
CA GLN A 177 8.23 -19.44 -16.06
C GLN A 177 6.82 -19.50 -16.62
N HIS A 178 6.13 -20.61 -16.41
CA HIS A 178 4.76 -20.76 -16.88
C HIS A 178 4.00 -21.73 -15.98
#